data_5M5H
# 
_entry.id   5M5H 
# 
_audit_conform.dict_name       mmcif_pdbx.dic 
_audit_conform.dict_version    5.391 
_audit_conform.dict_location   http://mmcif.pdb.org/dictionaries/ascii/mmcif_pdbx.dic 
# 
loop_
_database_2.database_id 
_database_2.database_code 
_database_2.pdbx_database_accession 
_database_2.pdbx_DOI 
PDB   5M5H         pdb_00005m5h 10.2210/pdb5m5h/pdb 
WWPDB D_1200001980 ?            ?                   
EMDB  EMD-4155     ?            ?                   
# 
loop_
_pdbx_audit_revision_history.ordinal 
_pdbx_audit_revision_history.data_content_type 
_pdbx_audit_revision_history.major_revision 
_pdbx_audit_revision_history.minor_revision 
_pdbx_audit_revision_history.revision_date 
1 'Structure model' 1 0 2016-12-14 
2 'Structure model' 1 1 2016-12-28 
3 'Structure model' 1 2 2017-08-02 
4 'Structure model' 1 3 2019-12-11 
5 'Structure model' 1 4 2024-05-08 
# 
_pdbx_audit_revision_details.ordinal             1 
_pdbx_audit_revision_details.revision_ordinal    1 
_pdbx_audit_revision_details.data_content_type   'Structure model' 
_pdbx_audit_revision_details.provider            repository 
_pdbx_audit_revision_details.type                'Initial release' 
_pdbx_audit_revision_details.description         ? 
_pdbx_audit_revision_details.details             ? 
# 
loop_
_pdbx_audit_revision_group.ordinal 
_pdbx_audit_revision_group.revision_ordinal 
_pdbx_audit_revision_group.data_content_type 
_pdbx_audit_revision_group.group 
1 2 'Structure model' 'Database references' 
2 3 'Structure model' 'Data collection'     
3 4 'Structure model' Other                 
4 5 'Structure model' 'Data collection'     
5 5 'Structure model' 'Database references' 
# 
loop_
_pdbx_audit_revision_category.ordinal 
_pdbx_audit_revision_category.revision_ordinal 
_pdbx_audit_revision_category.data_content_type 
_pdbx_audit_revision_category.category 
1 3 'Structure model' em_image_scans 
2 3 'Structure model' em_software    
3 4 'Structure model' atom_sites     
4 5 'Structure model' chem_comp_atom 
5 5 'Structure model' chem_comp_bond 
6 5 'Structure model' database_2     
# 
loop_
_pdbx_audit_revision_item.ordinal 
_pdbx_audit_revision_item.revision_ordinal 
_pdbx_audit_revision_item.data_content_type 
_pdbx_audit_revision_item.item 
1 3 'Structure model' '_em_software.name'                     
2 3 'Structure model' '_em_software.version'                  
3 4 'Structure model' '_atom_sites.fract_transf_matrix[1][1]' 
4 4 'Structure model' '_atom_sites.fract_transf_matrix[2][2]' 
5 4 'Structure model' '_atom_sites.fract_transf_matrix[3][3]' 
6 5 'Structure model' '_database_2.pdbx_DOI'                  
7 5 'Structure model' '_database_2.pdbx_database_accession'   
# 
_pdbx_database_status.status_code                     REL 
_pdbx_database_status.status_code_sf                  ? 
_pdbx_database_status.status_code_mr                  ? 
_pdbx_database_status.entry_id                        5M5H 
_pdbx_database_status.recvd_initial_deposition_date   2016-10-21 
_pdbx_database_status.SG_entry                        N 
_pdbx_database_status.deposit_site                    PDBE 
_pdbx_database_status.process_site                    PDBE 
_pdbx_database_status.status_code_cs                  ? 
_pdbx_database_status.methods_development_category    ? 
_pdbx_database_status.pdb_format_compatible           Y 
_pdbx_database_status.status_code_nmr_data            ? 
# 
_pdbx_database_related.db_name        EMDB 
_pdbx_database_related.details        . 
_pdbx_database_related.db_id          EMD-4155 
_pdbx_database_related.content_type   'associated EM volume' 
# 
loop_
_audit_author.name 
_audit_author.pdbx_ordinal 
'Kedrov, A.'        1 
'Wickles, S.'       2 
'Crevenna, A.H.'    3 
'van der Sluis, E.' 4 
'Buschauer, R.'     5 
'Berninghausen, O.' 6 
'Lamb, D.C.'        7 
'Beckmann, R.'      8 
# 
_citation.abstract                  ? 
_citation.abstract_id_CAS           ? 
_citation.book_id_ISBN              ? 
_citation.book_publisher            ? 
_citation.book_publisher_city       ? 
_citation.book_title                ? 
_citation.coordinate_linkage        ? 
_citation.country                   US 
_citation.database_id_Medline       ? 
_citation.details                   ? 
_citation.id                        primary 
_citation.journal_abbrev            'Cell Rep' 
_citation.journal_id_ASTM           ? 
_citation.journal_id_CSD            ? 
_citation.journal_id_ISSN           2211-1247 
_citation.journal_full              ? 
_citation.journal_issue             ? 
_citation.journal_volume            17 
_citation.language                  ? 
_citation.page_first                2943 
_citation.page_last                 2954 
_citation.title                     'Structural Dynamics of the YidC:Ribosome Complex during Membrane Protein Biogenesis.' 
_citation.year                      2016 
_citation.database_id_CSD           ? 
_citation.pdbx_database_id_DOI      10.1016/j.celrep.2016.11.059 
_citation.pdbx_database_id_PubMed   27974208 
_citation.unpublished_flag          ? 
# 
loop_
_citation_author.citation_id 
_citation_author.name 
_citation_author.ordinal 
_citation_author.identifier_ORCID 
primary 'Kedrov, A.'          1 ? 
primary 'Wickles, S.'         2 ? 
primary 'Crevenna, A.H.'      3 ? 
primary 'van der Sluis, E.O.' 4 ? 
primary 'Buschauer, R.'       5 ? 
primary 'Berninghausen, O.'   6 ? 
primary 'Lamb, D.C.'          7 ? 
primary 'Beckmann, R.'        8 ? 
# 
_entity.id                         1 
_entity.type                       polymer 
_entity.src_method                 man 
_entity.pdbx_description           'Membrane protein insertase YidC' 
_entity.formula_weight             61872.703 
_entity.pdbx_number_of_molecules   1 
_entity.pdbx_ec                    ? 
_entity.pdbx_mutation              ? 
_entity.pdbx_fragment              ? 
_entity.details                    ? 
# 
_entity_name_com.entity_id   1 
_entity_name_com.name        'Foldase YidC,Membrane integrase YidC,Membrane protein YidC' 
# 
_entity_poly.entity_id                      1 
_entity_poly.type                           'polypeptide(L)' 
_entity_poly.nstd_linkage                   no 
_entity_poly.nstd_monomer                   no 
_entity_poly.pdbx_seq_one_letter_code       
;MDSQRNLLVIALLFVSFMIWQAWEQDKNPQPQAQQTTQTTTTAAGSAADQGVPASGQGKLISVKTDVLDLTINTRGGDVE
QALLPAYPKELNSTQPFQLLETSPQFIYQAQSGLTGRDGPDNPANGPRPLYNVEKDAYVLAEGQNELQVPMTYTDAAGNT
FTKTFVLKRGDYAVNVNYNVQNAGEKPLEISTFGQLKQSITLPPHLDTGSSNFALHTFRGAAYSTPDEKYEKYKFDTIAD
NENLNISSKGGWVAMLQQYFATAWIPHNDGTNNFYTANLGNGIAAIGYKSQPVLVQPGQTGAMNSTLWVGPEIQDKMAAV
APHLDLTVDYGWLWFISQPLFKLLKWIHSFVGNWGFSIIIITFIVRGIMYPLTKAQYTSMAKMRMLQPKIQAMRERLGDD
KQRISQEMMALYKAEKVNPLGGCFPLLIQMPIFLALYYMLMGSVELRQAPFALWIHDLSAQDPYYILPILMGVTMFFIQK
MSPTTVTDPMQQKIMTFMPVIFTVFFLWFPSGLVLYYIVSNLVTIIQQQLIYRGLEKRGLLESSGENLYFQ
;
_entity_poly.pdbx_seq_one_letter_code_can   
;MDSQRNLLVIALLFVSFMIWQAWEQDKNPQPQAQQTTQTTTTAAGSAADQGVPASGQGKLISVKTDVLDLTINTRGGDVE
QALLPAYPKELNSTQPFQLLETSPQFIYQAQSGLTGRDGPDNPANGPRPLYNVEKDAYVLAEGQNELQVPMTYTDAAGNT
FTKTFVLKRGDYAVNVNYNVQNAGEKPLEISTFGQLKQSITLPPHLDTGSSNFALHTFRGAAYSTPDEKYEKYKFDTIAD
NENLNISSKGGWVAMLQQYFATAWIPHNDGTNNFYTANLGNGIAAIGYKSQPVLVQPGQTGAMNSTLWVGPEIQDKMAAV
APHLDLTVDYGWLWFISQPLFKLLKWIHSFVGNWGFSIIIITFIVRGIMYPLTKAQYTSMAKMRMLQPKIQAMRERLGDD
KQRISQEMMALYKAEKVNPLGGCFPLLIQMPIFLALYYMLMGSVELRQAPFALWIHDLSAQDPYYILPILMGVTMFFIQK
MSPTTVTDPMQQKIMTFMPVIFTVFFLWFPSGLVLYYIVSNLVTIIQQQLIYRGLEKRGLLESSGENLYFQ
;
_entity_poly.pdbx_strand_id                 A 
_entity_poly.pdbx_target_identifier         ? 
# 
loop_
_entity_poly_seq.entity_id 
_entity_poly_seq.num 
_entity_poly_seq.mon_id 
_entity_poly_seq.hetero 
1 1   MET n 
1 2   ASP n 
1 3   SER n 
1 4   GLN n 
1 5   ARG n 
1 6   ASN n 
1 7   LEU n 
1 8   LEU n 
1 9   VAL n 
1 10  ILE n 
1 11  ALA n 
1 12  LEU n 
1 13  LEU n 
1 14  PHE n 
1 15  VAL n 
1 16  SER n 
1 17  PHE n 
1 18  MET n 
1 19  ILE n 
1 20  TRP n 
1 21  GLN n 
1 22  ALA n 
1 23  TRP n 
1 24  GLU n 
1 25  GLN n 
1 26  ASP n 
1 27  LYS n 
1 28  ASN n 
1 29  PRO n 
1 30  GLN n 
1 31  PRO n 
1 32  GLN n 
1 33  ALA n 
1 34  GLN n 
1 35  GLN n 
1 36  THR n 
1 37  THR n 
1 38  GLN n 
1 39  THR n 
1 40  THR n 
1 41  THR n 
1 42  THR n 
1 43  ALA n 
1 44  ALA n 
1 45  GLY n 
1 46  SER n 
1 47  ALA n 
1 48  ALA n 
1 49  ASP n 
1 50  GLN n 
1 51  GLY n 
1 52  VAL n 
1 53  PRO n 
1 54  ALA n 
1 55  SER n 
1 56  GLY n 
1 57  GLN n 
1 58  GLY n 
1 59  LYS n 
1 60  LEU n 
1 61  ILE n 
1 62  SER n 
1 63  VAL n 
1 64  LYS n 
1 65  THR n 
1 66  ASP n 
1 67  VAL n 
1 68  LEU n 
1 69  ASP n 
1 70  LEU n 
1 71  THR n 
1 72  ILE n 
1 73  ASN n 
1 74  THR n 
1 75  ARG n 
1 76  GLY n 
1 77  GLY n 
1 78  ASP n 
1 79  VAL n 
1 80  GLU n 
1 81  GLN n 
1 82  ALA n 
1 83  LEU n 
1 84  LEU n 
1 85  PRO n 
1 86  ALA n 
1 87  TYR n 
1 88  PRO n 
1 89  LYS n 
1 90  GLU n 
1 91  LEU n 
1 92  ASN n 
1 93  SER n 
1 94  THR n 
1 95  GLN n 
1 96  PRO n 
1 97  PHE n 
1 98  GLN n 
1 99  LEU n 
1 100 LEU n 
1 101 GLU n 
1 102 THR n 
1 103 SER n 
1 104 PRO n 
1 105 GLN n 
1 106 PHE n 
1 107 ILE n 
1 108 TYR n 
1 109 GLN n 
1 110 ALA n 
1 111 GLN n 
1 112 SER n 
1 113 GLY n 
1 114 LEU n 
1 115 THR n 
1 116 GLY n 
1 117 ARG n 
1 118 ASP n 
1 119 GLY n 
1 120 PRO n 
1 121 ASP n 
1 122 ASN n 
1 123 PRO n 
1 124 ALA n 
1 125 ASN n 
1 126 GLY n 
1 127 PRO n 
1 128 ARG n 
1 129 PRO n 
1 130 LEU n 
1 131 TYR n 
1 132 ASN n 
1 133 VAL n 
1 134 GLU n 
1 135 LYS n 
1 136 ASP n 
1 137 ALA n 
1 138 TYR n 
1 139 VAL n 
1 140 LEU n 
1 141 ALA n 
1 142 GLU n 
1 143 GLY n 
1 144 GLN n 
1 145 ASN n 
1 146 GLU n 
1 147 LEU n 
1 148 GLN n 
1 149 VAL n 
1 150 PRO n 
1 151 MET n 
1 152 THR n 
1 153 TYR n 
1 154 THR n 
1 155 ASP n 
1 156 ALA n 
1 157 ALA n 
1 158 GLY n 
1 159 ASN n 
1 160 THR n 
1 161 PHE n 
1 162 THR n 
1 163 LYS n 
1 164 THR n 
1 165 PHE n 
1 166 VAL n 
1 167 LEU n 
1 168 LYS n 
1 169 ARG n 
1 170 GLY n 
1 171 ASP n 
1 172 TYR n 
1 173 ALA n 
1 174 VAL n 
1 175 ASN n 
1 176 VAL n 
1 177 ASN n 
1 178 TYR n 
1 179 ASN n 
1 180 VAL n 
1 181 GLN n 
1 182 ASN n 
1 183 ALA n 
1 184 GLY n 
1 185 GLU n 
1 186 LYS n 
1 187 PRO n 
1 188 LEU n 
1 189 GLU n 
1 190 ILE n 
1 191 SER n 
1 192 THR n 
1 193 PHE n 
1 194 GLY n 
1 195 GLN n 
1 196 LEU n 
1 197 LYS n 
1 198 GLN n 
1 199 SER n 
1 200 ILE n 
1 201 THR n 
1 202 LEU n 
1 203 PRO n 
1 204 PRO n 
1 205 HIS n 
1 206 LEU n 
1 207 ASP n 
1 208 THR n 
1 209 GLY n 
1 210 SER n 
1 211 SER n 
1 212 ASN n 
1 213 PHE n 
1 214 ALA n 
1 215 LEU n 
1 216 HIS n 
1 217 THR n 
1 218 PHE n 
1 219 ARG n 
1 220 GLY n 
1 221 ALA n 
1 222 ALA n 
1 223 TYR n 
1 224 SER n 
1 225 THR n 
1 226 PRO n 
1 227 ASP n 
1 228 GLU n 
1 229 LYS n 
1 230 TYR n 
1 231 GLU n 
1 232 LYS n 
1 233 TYR n 
1 234 LYS n 
1 235 PHE n 
1 236 ASP n 
1 237 THR n 
1 238 ILE n 
1 239 ALA n 
1 240 ASP n 
1 241 ASN n 
1 242 GLU n 
1 243 ASN n 
1 244 LEU n 
1 245 ASN n 
1 246 ILE n 
1 247 SER n 
1 248 SER n 
1 249 LYS n 
1 250 GLY n 
1 251 GLY n 
1 252 TRP n 
1 253 VAL n 
1 254 ALA n 
1 255 MET n 
1 256 LEU n 
1 257 GLN n 
1 258 GLN n 
1 259 TYR n 
1 260 PHE n 
1 261 ALA n 
1 262 THR n 
1 263 ALA n 
1 264 TRP n 
1 265 ILE n 
1 266 PRO n 
1 267 HIS n 
1 268 ASN n 
1 269 ASP n 
1 270 GLY n 
1 271 THR n 
1 272 ASN n 
1 273 ASN n 
1 274 PHE n 
1 275 TYR n 
1 276 THR n 
1 277 ALA n 
1 278 ASN n 
1 279 LEU n 
1 280 GLY n 
1 281 ASN n 
1 282 GLY n 
1 283 ILE n 
1 284 ALA n 
1 285 ALA n 
1 286 ILE n 
1 287 GLY n 
1 288 TYR n 
1 289 LYS n 
1 290 SER n 
1 291 GLN n 
1 292 PRO n 
1 293 VAL n 
1 294 LEU n 
1 295 VAL n 
1 296 GLN n 
1 297 PRO n 
1 298 GLY n 
1 299 GLN n 
1 300 THR n 
1 301 GLY n 
1 302 ALA n 
1 303 MET n 
1 304 ASN n 
1 305 SER n 
1 306 THR n 
1 307 LEU n 
1 308 TRP n 
1 309 VAL n 
1 310 GLY n 
1 311 PRO n 
1 312 GLU n 
1 313 ILE n 
1 314 GLN n 
1 315 ASP n 
1 316 LYS n 
1 317 MET n 
1 318 ALA n 
1 319 ALA n 
1 320 VAL n 
1 321 ALA n 
1 322 PRO n 
1 323 HIS n 
1 324 LEU n 
1 325 ASP n 
1 326 LEU n 
1 327 THR n 
1 328 VAL n 
1 329 ASP n 
1 330 TYR n 
1 331 GLY n 
1 332 TRP n 
1 333 LEU n 
1 334 TRP n 
1 335 PHE n 
1 336 ILE n 
1 337 SER n 
1 338 GLN n 
1 339 PRO n 
1 340 LEU n 
1 341 PHE n 
1 342 LYS n 
1 343 LEU n 
1 344 LEU n 
1 345 LYS n 
1 346 TRP n 
1 347 ILE n 
1 348 HIS n 
1 349 SER n 
1 350 PHE n 
1 351 VAL n 
1 352 GLY n 
1 353 ASN n 
1 354 TRP n 
1 355 GLY n 
1 356 PHE n 
1 357 SER n 
1 358 ILE n 
1 359 ILE n 
1 360 ILE n 
1 361 ILE n 
1 362 THR n 
1 363 PHE n 
1 364 ILE n 
1 365 VAL n 
1 366 ARG n 
1 367 GLY n 
1 368 ILE n 
1 369 MET n 
1 370 TYR n 
1 371 PRO n 
1 372 LEU n 
1 373 THR n 
1 374 LYS n 
1 375 ALA n 
1 376 GLN n 
1 377 TYR n 
1 378 THR n 
1 379 SER n 
1 380 MET n 
1 381 ALA n 
1 382 LYS n 
1 383 MET n 
1 384 ARG n 
1 385 MET n 
1 386 LEU n 
1 387 GLN n 
1 388 PRO n 
1 389 LYS n 
1 390 ILE n 
1 391 GLN n 
1 392 ALA n 
1 393 MET n 
1 394 ARG n 
1 395 GLU n 
1 396 ARG n 
1 397 LEU n 
1 398 GLY n 
1 399 ASP n 
1 400 ASP n 
1 401 LYS n 
1 402 GLN n 
1 403 ARG n 
1 404 ILE n 
1 405 SER n 
1 406 GLN n 
1 407 GLU n 
1 408 MET n 
1 409 MET n 
1 410 ALA n 
1 411 LEU n 
1 412 TYR n 
1 413 LYS n 
1 414 ALA n 
1 415 GLU n 
1 416 LYS n 
1 417 VAL n 
1 418 ASN n 
1 419 PRO n 
1 420 LEU n 
1 421 GLY n 
1 422 GLY n 
1 423 CYS n 
1 424 PHE n 
1 425 PRO n 
1 426 LEU n 
1 427 LEU n 
1 428 ILE n 
1 429 GLN n 
1 430 MET n 
1 431 PRO n 
1 432 ILE n 
1 433 PHE n 
1 434 LEU n 
1 435 ALA n 
1 436 LEU n 
1 437 TYR n 
1 438 TYR n 
1 439 MET n 
1 440 LEU n 
1 441 MET n 
1 442 GLY n 
1 443 SER n 
1 444 VAL n 
1 445 GLU n 
1 446 LEU n 
1 447 ARG n 
1 448 GLN n 
1 449 ALA n 
1 450 PRO n 
1 451 PHE n 
1 452 ALA n 
1 453 LEU n 
1 454 TRP n 
1 455 ILE n 
1 456 HIS n 
1 457 ASP n 
1 458 LEU n 
1 459 SER n 
1 460 ALA n 
1 461 GLN n 
1 462 ASP n 
1 463 PRO n 
1 464 TYR n 
1 465 TYR n 
1 466 ILE n 
1 467 LEU n 
1 468 PRO n 
1 469 ILE n 
1 470 LEU n 
1 471 MET n 
1 472 GLY n 
1 473 VAL n 
1 474 THR n 
1 475 MET n 
1 476 PHE n 
1 477 PHE n 
1 478 ILE n 
1 479 GLN n 
1 480 LYS n 
1 481 MET n 
1 482 SER n 
1 483 PRO n 
1 484 THR n 
1 485 THR n 
1 486 VAL n 
1 487 THR n 
1 488 ASP n 
1 489 PRO n 
1 490 MET n 
1 491 GLN n 
1 492 GLN n 
1 493 LYS n 
1 494 ILE n 
1 495 MET n 
1 496 THR n 
1 497 PHE n 
1 498 MET n 
1 499 PRO n 
1 500 VAL n 
1 501 ILE n 
1 502 PHE n 
1 503 THR n 
1 504 VAL n 
1 505 PHE n 
1 506 PHE n 
1 507 LEU n 
1 508 TRP n 
1 509 PHE n 
1 510 PRO n 
1 511 SER n 
1 512 GLY n 
1 513 LEU n 
1 514 VAL n 
1 515 LEU n 
1 516 TYR n 
1 517 TYR n 
1 518 ILE n 
1 519 VAL n 
1 520 SER n 
1 521 ASN n 
1 522 LEU n 
1 523 VAL n 
1 524 THR n 
1 525 ILE n 
1 526 ILE n 
1 527 GLN n 
1 528 GLN n 
1 529 GLN n 
1 530 LEU n 
1 531 ILE n 
1 532 TYR n 
1 533 ARG n 
1 534 GLY n 
1 535 LEU n 
1 536 GLU n 
1 537 LYS n 
1 538 ARG n 
1 539 GLY n 
1 540 LEU n 
1 541 LEU n 
1 542 GLU n 
1 543 SER n 
1 544 SER n 
1 545 GLY n 
1 546 GLU n 
1 547 ASN n 
1 548 LEU n 
1 549 TYR n 
1 550 PHE n 
1 551 GLN n 
# 
_entity_src_gen.entity_id                          1 
_entity_src_gen.pdbx_src_id                        1 
_entity_src_gen.pdbx_alt_source_flag               sample 
_entity_src_gen.pdbx_seq_type                      'Biological sequence' 
_entity_src_gen.pdbx_beg_seq_num                   1 
_entity_src_gen.pdbx_end_seq_num                   551 
_entity_src_gen.gene_src_common_name               ? 
_entity_src_gen.gene_src_genus                     ? 
_entity_src_gen.pdbx_gene_src_gene                 'yidC, ECS88_4129' 
_entity_src_gen.gene_src_species                   ? 
_entity_src_gen.gene_src_strain                    ? 
_entity_src_gen.gene_src_tissue                    ? 
_entity_src_gen.gene_src_tissue_fraction           ? 
_entity_src_gen.gene_src_details                   ? 
_entity_src_gen.pdbx_gene_src_fragment             ? 
_entity_src_gen.pdbx_gene_src_scientific_name      'Escherichia coli' 
_entity_src_gen.pdbx_gene_src_ncbi_taxonomy_id     562 
_entity_src_gen.pdbx_gene_src_variant              ? 
_entity_src_gen.pdbx_gene_src_cell_line            ? 
_entity_src_gen.pdbx_gene_src_atcc                 ? 
_entity_src_gen.pdbx_gene_src_organ                ? 
_entity_src_gen.pdbx_gene_src_organelle            ? 
_entity_src_gen.pdbx_gene_src_cell                 ? 
_entity_src_gen.pdbx_gene_src_cellular_location    ? 
_entity_src_gen.host_org_common_name               ? 
_entity_src_gen.pdbx_host_org_scientific_name      'Escherichia coli' 
_entity_src_gen.pdbx_host_org_ncbi_taxonomy_id     562 
_entity_src_gen.host_org_genus                     ? 
_entity_src_gen.pdbx_host_org_gene                 ? 
_entity_src_gen.pdbx_host_org_organ                ? 
_entity_src_gen.host_org_species                   ? 
_entity_src_gen.pdbx_host_org_tissue               ? 
_entity_src_gen.pdbx_host_org_tissue_fraction      ? 
_entity_src_gen.pdbx_host_org_strain               ? 
_entity_src_gen.pdbx_host_org_variant              ? 
_entity_src_gen.pdbx_host_org_cell_line            ? 
_entity_src_gen.pdbx_host_org_atcc                 ? 
_entity_src_gen.pdbx_host_org_culture_collection   ? 
_entity_src_gen.pdbx_host_org_cell                 ? 
_entity_src_gen.pdbx_host_org_organelle            ? 
_entity_src_gen.pdbx_host_org_cellular_location    ? 
_entity_src_gen.pdbx_host_org_vector_type          ? 
_entity_src_gen.pdbx_host_org_vector               ? 
_entity_src_gen.host_org_details                   ? 
_entity_src_gen.expression_system_id               ? 
_entity_src_gen.plasmid_name                       ? 
_entity_src_gen.plasmid_details                    ? 
_entity_src_gen.pdbx_description                   ? 
# 
loop_
_chem_comp.id 
_chem_comp.type 
_chem_comp.mon_nstd_flag 
_chem_comp.name 
_chem_comp.pdbx_synonyms 
_chem_comp.formula 
_chem_comp.formula_weight 
ALA 'L-peptide linking' y ALANINE         ? 'C3 H7 N O2'     89.093  
ARG 'L-peptide linking' y ARGININE        ? 'C6 H15 N4 O2 1' 175.209 
ASN 'L-peptide linking' y ASPARAGINE      ? 'C4 H8 N2 O3'    132.118 
ASP 'L-peptide linking' y 'ASPARTIC ACID' ? 'C4 H7 N O4'     133.103 
CYS 'L-peptide linking' y CYSTEINE        ? 'C3 H7 N O2 S'   121.158 
GLN 'L-peptide linking' y GLUTAMINE       ? 'C5 H10 N2 O3'   146.144 
GLU 'L-peptide linking' y 'GLUTAMIC ACID' ? 'C5 H9 N O4'     147.129 
GLY 'peptide linking'   y GLYCINE         ? 'C2 H5 N O2'     75.067  
HIS 'L-peptide linking' y HISTIDINE       ? 'C6 H10 N3 O2 1' 156.162 
ILE 'L-peptide linking' y ISOLEUCINE      ? 'C6 H13 N O2'    131.173 
LEU 'L-peptide linking' y LEUCINE         ? 'C6 H13 N O2'    131.173 
LYS 'L-peptide linking' y LYSINE          ? 'C6 H15 N2 O2 1' 147.195 
MET 'L-peptide linking' y METHIONINE      ? 'C5 H11 N O2 S'  149.211 
PHE 'L-peptide linking' y PHENYLALANINE   ? 'C9 H11 N O2'    165.189 
PRO 'L-peptide linking' y PROLINE         ? 'C5 H9 N O2'     115.130 
SER 'L-peptide linking' y SERINE          ? 'C3 H7 N O3'     105.093 
THR 'L-peptide linking' y THREONINE       ? 'C4 H9 N O3'     119.119 
TRP 'L-peptide linking' y TRYPTOPHAN      ? 'C11 H12 N2 O2'  204.225 
TYR 'L-peptide linking' y TYROSINE        ? 'C9 H11 N O3'    181.189 
VAL 'L-peptide linking' y VALINE          ? 'C5 H11 N O2'    117.146 
# 
loop_
_pdbx_poly_seq_scheme.asym_id 
_pdbx_poly_seq_scheme.entity_id 
_pdbx_poly_seq_scheme.seq_id 
_pdbx_poly_seq_scheme.mon_id 
_pdbx_poly_seq_scheme.ndb_seq_num 
_pdbx_poly_seq_scheme.pdb_seq_num 
_pdbx_poly_seq_scheme.auth_seq_num 
_pdbx_poly_seq_scheme.pdb_mon_id 
_pdbx_poly_seq_scheme.auth_mon_id 
_pdbx_poly_seq_scheme.pdb_strand_id 
_pdbx_poly_seq_scheme.pdb_ins_code 
_pdbx_poly_seq_scheme.hetero 
A 1 1   MET 1   1   ?   ?   ?   A . n 
A 1 2   ASP 2   2   ?   ?   ?   A . n 
A 1 3   SER 3   3   ?   ?   ?   A . n 
A 1 4   GLN 4   4   ?   ?   ?   A . n 
A 1 5   ARG 5   5   ?   ?   ?   A . n 
A 1 6   ASN 6   6   ?   ?   ?   A . n 
A 1 7   LEU 7   7   ?   ?   ?   A . n 
A 1 8   LEU 8   8   ?   ?   ?   A . n 
A 1 9   VAL 9   9   ?   ?   ?   A . n 
A 1 10  ILE 10  10  ?   ?   ?   A . n 
A 1 11  ALA 11  11  ?   ?   ?   A . n 
A 1 12  LEU 12  12  ?   ?   ?   A . n 
A 1 13  LEU 13  13  ?   ?   ?   A . n 
A 1 14  PHE 14  14  ?   ?   ?   A . n 
A 1 15  VAL 15  15  ?   ?   ?   A . n 
A 1 16  SER 16  16  ?   ?   ?   A . n 
A 1 17  PHE 17  17  ?   ?   ?   A . n 
A 1 18  MET 18  18  ?   ?   ?   A . n 
A 1 19  ILE 19  19  ?   ?   ?   A . n 
A 1 20  TRP 20  20  ?   ?   ?   A . n 
A 1 21  GLN 21  21  ?   ?   ?   A . n 
A 1 22  ALA 22  22  ?   ?   ?   A . n 
A 1 23  TRP 23  23  ?   ?   ?   A . n 
A 1 24  GLU 24  24  ?   ?   ?   A . n 
A 1 25  GLN 25  25  ?   ?   ?   A . n 
A 1 26  ASP 26  26  ?   ?   ?   A . n 
A 1 27  LYS 27  27  ?   ?   ?   A . n 
A 1 28  ASN 28  28  ?   ?   ?   A . n 
A 1 29  PRO 29  29  ?   ?   ?   A . n 
A 1 30  GLN 30  30  ?   ?   ?   A . n 
A 1 31  PRO 31  31  ?   ?   ?   A . n 
A 1 32  GLN 32  32  ?   ?   ?   A . n 
A 1 33  ALA 33  33  ?   ?   ?   A . n 
A 1 34  GLN 34  34  ?   ?   ?   A . n 
A 1 35  GLN 35  35  ?   ?   ?   A . n 
A 1 36  THR 36  36  ?   ?   ?   A . n 
A 1 37  THR 37  37  ?   ?   ?   A . n 
A 1 38  GLN 38  38  ?   ?   ?   A . n 
A 1 39  THR 39  39  ?   ?   ?   A . n 
A 1 40  THR 40  40  ?   ?   ?   A . n 
A 1 41  THR 41  41  ?   ?   ?   A . n 
A 1 42  THR 42  42  ?   ?   ?   A . n 
A 1 43  ALA 43  43  ?   ?   ?   A . n 
A 1 44  ALA 44  44  ?   ?   ?   A . n 
A 1 45  GLY 45  45  ?   ?   ?   A . n 
A 1 46  SER 46  46  ?   ?   ?   A . n 
A 1 47  ALA 47  47  ?   ?   ?   A . n 
A 1 48  ALA 48  48  ?   ?   ?   A . n 
A 1 49  ASP 49  49  ?   ?   ?   A . n 
A 1 50  GLN 50  50  ?   ?   ?   A . n 
A 1 51  GLY 51  51  ?   ?   ?   A . n 
A 1 52  VAL 52  52  ?   ?   ?   A . n 
A 1 53  PRO 53  53  ?   ?   ?   A . n 
A 1 54  ALA 54  54  ?   ?   ?   A . n 
A 1 55  SER 55  55  ?   ?   ?   A . n 
A 1 56  GLY 56  56  ?   ?   ?   A . n 
A 1 57  GLN 57  57  ?   ?   ?   A . n 
A 1 58  GLY 58  58  ?   ?   ?   A . n 
A 1 59  LYS 59  59  ?   ?   ?   A . n 
A 1 60  LEU 60  60  ?   ?   ?   A . n 
A 1 61  ILE 61  61  ?   ?   ?   A . n 
A 1 62  SER 62  62  ?   ?   ?   A . n 
A 1 63  VAL 63  63  ?   ?   ?   A . n 
A 1 64  LYS 64  64  ?   ?   ?   A . n 
A 1 65  THR 65  65  ?   ?   ?   A . n 
A 1 66  ASP 66  66  ?   ?   ?   A . n 
A 1 67  VAL 67  67  ?   ?   ?   A . n 
A 1 68  LEU 68  68  ?   ?   ?   A . n 
A 1 69  ASP 69  69  ?   ?   ?   A . n 
A 1 70  LEU 70  70  ?   ?   ?   A . n 
A 1 71  THR 71  71  ?   ?   ?   A . n 
A 1 72  ILE 72  72  ?   ?   ?   A . n 
A 1 73  ASN 73  73  ?   ?   ?   A . n 
A 1 74  THR 74  74  ?   ?   ?   A . n 
A 1 75  ARG 75  75  ?   ?   ?   A . n 
A 1 76  GLY 76  76  ?   ?   ?   A . n 
A 1 77  GLY 77  77  ?   ?   ?   A . n 
A 1 78  ASP 78  78  ?   ?   ?   A . n 
A 1 79  VAL 79  79  ?   ?   ?   A . n 
A 1 80  GLU 80  80  ?   ?   ?   A . n 
A 1 81  GLN 81  81  ?   ?   ?   A . n 
A 1 82  ALA 82  82  ?   ?   ?   A . n 
A 1 83  LEU 83  83  ?   ?   ?   A . n 
A 1 84  LEU 84  84  ?   ?   ?   A . n 
A 1 85  PRO 85  85  ?   ?   ?   A . n 
A 1 86  ALA 86  86  ?   ?   ?   A . n 
A 1 87  TYR 87  87  ?   ?   ?   A . n 
A 1 88  PRO 88  88  ?   ?   ?   A . n 
A 1 89  LYS 89  89  ?   ?   ?   A . n 
A 1 90  GLU 90  90  ?   ?   ?   A . n 
A 1 91  LEU 91  91  ?   ?   ?   A . n 
A 1 92  ASN 92  92  ?   ?   ?   A . n 
A 1 93  SER 93  93  ?   ?   ?   A . n 
A 1 94  THR 94  94  ?   ?   ?   A . n 
A 1 95  GLN 95  95  ?   ?   ?   A . n 
A 1 96  PRO 96  96  ?   ?   ?   A . n 
A 1 97  PHE 97  97  ?   ?   ?   A . n 
A 1 98  GLN 98  98  ?   ?   ?   A . n 
A 1 99  LEU 99  99  ?   ?   ?   A . n 
A 1 100 LEU 100 100 ?   ?   ?   A . n 
A 1 101 GLU 101 101 ?   ?   ?   A . n 
A 1 102 THR 102 102 ?   ?   ?   A . n 
A 1 103 SER 103 103 ?   ?   ?   A . n 
A 1 104 PRO 104 104 ?   ?   ?   A . n 
A 1 105 GLN 105 105 ?   ?   ?   A . n 
A 1 106 PHE 106 106 ?   ?   ?   A . n 
A 1 107 ILE 107 107 ?   ?   ?   A . n 
A 1 108 TYR 108 108 ?   ?   ?   A . n 
A 1 109 GLN 109 109 ?   ?   ?   A . n 
A 1 110 ALA 110 110 ?   ?   ?   A . n 
A 1 111 GLN 111 111 ?   ?   ?   A . n 
A 1 112 SER 112 112 ?   ?   ?   A . n 
A 1 113 GLY 113 113 ?   ?   ?   A . n 
A 1 114 LEU 114 114 ?   ?   ?   A . n 
A 1 115 THR 115 115 ?   ?   ?   A . n 
A 1 116 GLY 116 116 ?   ?   ?   A . n 
A 1 117 ARG 117 117 ?   ?   ?   A . n 
A 1 118 ASP 118 118 ?   ?   ?   A . n 
A 1 119 GLY 119 119 ?   ?   ?   A . n 
A 1 120 PRO 120 120 ?   ?   ?   A . n 
A 1 121 ASP 121 121 ?   ?   ?   A . n 
A 1 122 ASN 122 122 ?   ?   ?   A . n 
A 1 123 PRO 123 123 ?   ?   ?   A . n 
A 1 124 ALA 124 124 ?   ?   ?   A . n 
A 1 125 ASN 125 125 ?   ?   ?   A . n 
A 1 126 GLY 126 126 ?   ?   ?   A . n 
A 1 127 PRO 127 127 ?   ?   ?   A . n 
A 1 128 ARG 128 128 ?   ?   ?   A . n 
A 1 129 PRO 129 129 ?   ?   ?   A . n 
A 1 130 LEU 130 130 ?   ?   ?   A . n 
A 1 131 TYR 131 131 ?   ?   ?   A . n 
A 1 132 ASN 132 132 ?   ?   ?   A . n 
A 1 133 VAL 133 133 ?   ?   ?   A . n 
A 1 134 GLU 134 134 ?   ?   ?   A . n 
A 1 135 LYS 135 135 ?   ?   ?   A . n 
A 1 136 ASP 136 136 ?   ?   ?   A . n 
A 1 137 ALA 137 137 ?   ?   ?   A . n 
A 1 138 TYR 138 138 ?   ?   ?   A . n 
A 1 139 VAL 139 139 ?   ?   ?   A . n 
A 1 140 LEU 140 140 ?   ?   ?   A . n 
A 1 141 ALA 141 141 ?   ?   ?   A . n 
A 1 142 GLU 142 142 ?   ?   ?   A . n 
A 1 143 GLY 143 143 ?   ?   ?   A . n 
A 1 144 GLN 144 144 ?   ?   ?   A . n 
A 1 145 ASN 145 145 ?   ?   ?   A . n 
A 1 146 GLU 146 146 ?   ?   ?   A . n 
A 1 147 LEU 147 147 ?   ?   ?   A . n 
A 1 148 GLN 148 148 ?   ?   ?   A . n 
A 1 149 VAL 149 149 ?   ?   ?   A . n 
A 1 150 PRO 150 150 ?   ?   ?   A . n 
A 1 151 MET 151 151 ?   ?   ?   A . n 
A 1 152 THR 152 152 ?   ?   ?   A . n 
A 1 153 TYR 153 153 ?   ?   ?   A . n 
A 1 154 THR 154 154 ?   ?   ?   A . n 
A 1 155 ASP 155 155 ?   ?   ?   A . n 
A 1 156 ALA 156 156 ?   ?   ?   A . n 
A 1 157 ALA 157 157 ?   ?   ?   A . n 
A 1 158 GLY 158 158 ?   ?   ?   A . n 
A 1 159 ASN 159 159 ?   ?   ?   A . n 
A 1 160 THR 160 160 ?   ?   ?   A . n 
A 1 161 PHE 161 161 ?   ?   ?   A . n 
A 1 162 THR 162 162 ?   ?   ?   A . n 
A 1 163 LYS 163 163 ?   ?   ?   A . n 
A 1 164 THR 164 164 ?   ?   ?   A . n 
A 1 165 PHE 165 165 ?   ?   ?   A . n 
A 1 166 VAL 166 166 ?   ?   ?   A . n 
A 1 167 LEU 167 167 ?   ?   ?   A . n 
A 1 168 LYS 168 168 ?   ?   ?   A . n 
A 1 169 ARG 169 169 ?   ?   ?   A . n 
A 1 170 GLY 170 170 ?   ?   ?   A . n 
A 1 171 ASP 171 171 ?   ?   ?   A . n 
A 1 172 TYR 172 172 ?   ?   ?   A . n 
A 1 173 ALA 173 173 ?   ?   ?   A . n 
A 1 174 VAL 174 174 ?   ?   ?   A . n 
A 1 175 ASN 175 175 ?   ?   ?   A . n 
A 1 176 VAL 176 176 ?   ?   ?   A . n 
A 1 177 ASN 177 177 ?   ?   ?   A . n 
A 1 178 TYR 178 178 ?   ?   ?   A . n 
A 1 179 ASN 179 179 ?   ?   ?   A . n 
A 1 180 VAL 180 180 ?   ?   ?   A . n 
A 1 181 GLN 181 181 ?   ?   ?   A . n 
A 1 182 ASN 182 182 ?   ?   ?   A . n 
A 1 183 ALA 183 183 ?   ?   ?   A . n 
A 1 184 GLY 184 184 ?   ?   ?   A . n 
A 1 185 GLU 185 185 ?   ?   ?   A . n 
A 1 186 LYS 186 186 ?   ?   ?   A . n 
A 1 187 PRO 187 187 ?   ?   ?   A . n 
A 1 188 LEU 188 188 ?   ?   ?   A . n 
A 1 189 GLU 189 189 ?   ?   ?   A . n 
A 1 190 ILE 190 190 ?   ?   ?   A . n 
A 1 191 SER 191 191 ?   ?   ?   A . n 
A 1 192 THR 192 192 ?   ?   ?   A . n 
A 1 193 PHE 193 193 ?   ?   ?   A . n 
A 1 194 GLY 194 194 ?   ?   ?   A . n 
A 1 195 GLN 195 195 ?   ?   ?   A . n 
A 1 196 LEU 196 196 ?   ?   ?   A . n 
A 1 197 LYS 197 197 ?   ?   ?   A . n 
A 1 198 GLN 198 198 ?   ?   ?   A . n 
A 1 199 SER 199 199 ?   ?   ?   A . n 
A 1 200 ILE 200 200 ?   ?   ?   A . n 
A 1 201 THR 201 201 ?   ?   ?   A . n 
A 1 202 LEU 202 202 ?   ?   ?   A . n 
A 1 203 PRO 203 203 ?   ?   ?   A . n 
A 1 204 PRO 204 204 ?   ?   ?   A . n 
A 1 205 HIS 205 205 ?   ?   ?   A . n 
A 1 206 LEU 206 206 ?   ?   ?   A . n 
A 1 207 ASP 207 207 ?   ?   ?   A . n 
A 1 208 THR 208 208 ?   ?   ?   A . n 
A 1 209 GLY 209 209 ?   ?   ?   A . n 
A 1 210 SER 210 210 ?   ?   ?   A . n 
A 1 211 SER 211 211 ?   ?   ?   A . n 
A 1 212 ASN 212 212 ?   ?   ?   A . n 
A 1 213 PHE 213 213 ?   ?   ?   A . n 
A 1 214 ALA 214 214 ?   ?   ?   A . n 
A 1 215 LEU 215 215 ?   ?   ?   A . n 
A 1 216 HIS 216 216 ?   ?   ?   A . n 
A 1 217 THR 217 217 ?   ?   ?   A . n 
A 1 218 PHE 218 218 ?   ?   ?   A . n 
A 1 219 ARG 219 219 ?   ?   ?   A . n 
A 1 220 GLY 220 220 ?   ?   ?   A . n 
A 1 221 ALA 221 221 ?   ?   ?   A . n 
A 1 222 ALA 222 222 ?   ?   ?   A . n 
A 1 223 TYR 223 223 ?   ?   ?   A . n 
A 1 224 SER 224 224 ?   ?   ?   A . n 
A 1 225 THR 225 225 ?   ?   ?   A . n 
A 1 226 PRO 226 226 ?   ?   ?   A . n 
A 1 227 ASP 227 227 ?   ?   ?   A . n 
A 1 228 GLU 228 228 ?   ?   ?   A . n 
A 1 229 LYS 229 229 ?   ?   ?   A . n 
A 1 230 TYR 230 230 ?   ?   ?   A . n 
A 1 231 GLU 231 231 ?   ?   ?   A . n 
A 1 232 LYS 232 232 ?   ?   ?   A . n 
A 1 233 TYR 233 233 ?   ?   ?   A . n 
A 1 234 LYS 234 234 ?   ?   ?   A . n 
A 1 235 PHE 235 235 ?   ?   ?   A . n 
A 1 236 ASP 236 236 ?   ?   ?   A . n 
A 1 237 THR 237 237 ?   ?   ?   A . n 
A 1 238 ILE 238 238 ?   ?   ?   A . n 
A 1 239 ALA 239 239 ?   ?   ?   A . n 
A 1 240 ASP 240 240 ?   ?   ?   A . n 
A 1 241 ASN 241 241 ?   ?   ?   A . n 
A 1 242 GLU 242 242 ?   ?   ?   A . n 
A 1 243 ASN 243 243 ?   ?   ?   A . n 
A 1 244 LEU 244 244 ?   ?   ?   A . n 
A 1 245 ASN 245 245 ?   ?   ?   A . n 
A 1 246 ILE 246 246 ?   ?   ?   A . n 
A 1 247 SER 247 247 ?   ?   ?   A . n 
A 1 248 SER 248 248 ?   ?   ?   A . n 
A 1 249 LYS 249 249 ?   ?   ?   A . n 
A 1 250 GLY 250 250 ?   ?   ?   A . n 
A 1 251 GLY 251 251 ?   ?   ?   A . n 
A 1 252 TRP 252 252 ?   ?   ?   A . n 
A 1 253 VAL 253 253 ?   ?   ?   A . n 
A 1 254 ALA 254 254 ?   ?   ?   A . n 
A 1 255 MET 255 255 ?   ?   ?   A . n 
A 1 256 LEU 256 256 ?   ?   ?   A . n 
A 1 257 GLN 257 257 ?   ?   ?   A . n 
A 1 258 GLN 258 258 ?   ?   ?   A . n 
A 1 259 TYR 259 259 ?   ?   ?   A . n 
A 1 260 PHE 260 260 ?   ?   ?   A . n 
A 1 261 ALA 261 261 ?   ?   ?   A . n 
A 1 262 THR 262 262 ?   ?   ?   A . n 
A 1 263 ALA 263 263 ?   ?   ?   A . n 
A 1 264 TRP 264 264 ?   ?   ?   A . n 
A 1 265 ILE 265 265 ?   ?   ?   A . n 
A 1 266 PRO 266 266 ?   ?   ?   A . n 
A 1 267 HIS 267 267 ?   ?   ?   A . n 
A 1 268 ASN 268 268 ?   ?   ?   A . n 
A 1 269 ASP 269 269 ?   ?   ?   A . n 
A 1 270 GLY 270 270 ?   ?   ?   A . n 
A 1 271 THR 271 271 ?   ?   ?   A . n 
A 1 272 ASN 272 272 ?   ?   ?   A . n 
A 1 273 ASN 273 273 ?   ?   ?   A . n 
A 1 274 PHE 274 274 ?   ?   ?   A . n 
A 1 275 TYR 275 275 ?   ?   ?   A . n 
A 1 276 THR 276 276 ?   ?   ?   A . n 
A 1 277 ALA 277 277 ?   ?   ?   A . n 
A 1 278 ASN 278 278 ?   ?   ?   A . n 
A 1 279 LEU 279 279 ?   ?   ?   A . n 
A 1 280 GLY 280 280 ?   ?   ?   A . n 
A 1 281 ASN 281 281 ?   ?   ?   A . n 
A 1 282 GLY 282 282 ?   ?   ?   A . n 
A 1 283 ILE 283 283 ?   ?   ?   A . n 
A 1 284 ALA 284 284 ?   ?   ?   A . n 
A 1 285 ALA 285 285 ?   ?   ?   A . n 
A 1 286 ILE 286 286 ?   ?   ?   A . n 
A 1 287 GLY 287 287 ?   ?   ?   A . n 
A 1 288 TYR 288 288 ?   ?   ?   A . n 
A 1 289 LYS 289 289 ?   ?   ?   A . n 
A 1 290 SER 290 290 ?   ?   ?   A . n 
A 1 291 GLN 291 291 ?   ?   ?   A . n 
A 1 292 PRO 292 292 ?   ?   ?   A . n 
A 1 293 VAL 293 293 ?   ?   ?   A . n 
A 1 294 LEU 294 294 ?   ?   ?   A . n 
A 1 295 VAL 295 295 ?   ?   ?   A . n 
A 1 296 GLN 296 296 ?   ?   ?   A . n 
A 1 297 PRO 297 297 ?   ?   ?   A . n 
A 1 298 GLY 298 298 ?   ?   ?   A . n 
A 1 299 GLN 299 299 ?   ?   ?   A . n 
A 1 300 THR 300 300 ?   ?   ?   A . n 
A 1 301 GLY 301 301 ?   ?   ?   A . n 
A 1 302 ALA 302 302 ?   ?   ?   A . n 
A 1 303 MET 303 303 ?   ?   ?   A . n 
A 1 304 ASN 304 304 ?   ?   ?   A . n 
A 1 305 SER 305 305 ?   ?   ?   A . n 
A 1 306 THR 306 306 ?   ?   ?   A . n 
A 1 307 LEU 307 307 ?   ?   ?   A . n 
A 1 308 TRP 308 308 ?   ?   ?   A . n 
A 1 309 VAL 309 309 ?   ?   ?   A . n 
A 1 310 GLY 310 310 ?   ?   ?   A . n 
A 1 311 PRO 311 311 ?   ?   ?   A . n 
A 1 312 GLU 312 312 ?   ?   ?   A . n 
A 1 313 ILE 313 313 ?   ?   ?   A . n 
A 1 314 GLN 314 314 ?   ?   ?   A . n 
A 1 315 ASP 315 315 ?   ?   ?   A . n 
A 1 316 LYS 316 316 ?   ?   ?   A . n 
A 1 317 MET 317 317 ?   ?   ?   A . n 
A 1 318 ALA 318 318 ?   ?   ?   A . n 
A 1 319 ALA 319 319 ?   ?   ?   A . n 
A 1 320 VAL 320 320 ?   ?   ?   A . n 
A 1 321 ALA 321 321 ?   ?   ?   A . n 
A 1 322 PRO 322 322 ?   ?   ?   A . n 
A 1 323 HIS 323 323 ?   ?   ?   A . n 
A 1 324 LEU 324 324 ?   ?   ?   A . n 
A 1 325 ASP 325 325 ?   ?   ?   A . n 
A 1 326 LEU 326 326 ?   ?   ?   A . n 
A 1 327 THR 327 327 ?   ?   ?   A . n 
A 1 328 VAL 328 328 ?   ?   ?   A . n 
A 1 329 ASP 329 329 ?   ?   ?   A . n 
A 1 330 TYR 330 330 ?   ?   ?   A . n 
A 1 331 GLY 331 331 ?   ?   ?   A . n 
A 1 332 TRP 332 332 ?   ?   ?   A . n 
A 1 333 LEU 333 333 333 LEU LEU A . n 
A 1 334 TRP 334 334 334 TRP TRP A . n 
A 1 335 PHE 335 335 335 PHE PHE A . n 
A 1 336 ILE 336 336 336 ILE ILE A . n 
A 1 337 SER 337 337 337 SER SER A . n 
A 1 338 GLN 338 338 338 GLN GLN A . n 
A 1 339 PRO 339 339 339 PRO PRO A . n 
A 1 340 LEU 340 340 340 LEU LEU A . n 
A 1 341 PHE 341 341 341 PHE PHE A . n 
A 1 342 LYS 342 342 342 LYS LYS A . n 
A 1 343 LEU 343 343 343 LEU LEU A . n 
A 1 344 LEU 344 344 344 LEU LEU A . n 
A 1 345 LYS 345 345 345 LYS LYS A . n 
A 1 346 TRP 346 346 346 TRP TRP A . n 
A 1 347 ILE 347 347 347 ILE ILE A . n 
A 1 348 HIS 348 348 348 HIS HIS A . n 
A 1 349 SER 349 349 349 SER SER A . n 
A 1 350 PHE 350 350 350 PHE PHE A . n 
A 1 351 VAL 351 351 351 VAL VAL A . n 
A 1 352 GLY 352 352 352 GLY GLY A . n 
A 1 353 ASN 353 353 353 ASN ASN A . n 
A 1 354 TRP 354 354 354 TRP TRP A . n 
A 1 355 GLY 355 355 355 GLY GLY A . n 
A 1 356 PHE 356 356 356 PHE PHE A . n 
A 1 357 SER 357 357 357 SER SER A . n 
A 1 358 ILE 358 358 358 ILE ILE A . n 
A 1 359 ILE 359 359 359 ILE ILE A . n 
A 1 360 ILE 360 360 360 ILE ILE A . n 
A 1 361 ILE 361 361 361 ILE ILE A . n 
A 1 362 THR 362 362 362 THR THR A . n 
A 1 363 PHE 363 363 363 PHE PHE A . n 
A 1 364 ILE 364 364 364 ILE ILE A . n 
A 1 365 VAL 365 365 365 VAL VAL A . n 
A 1 366 ARG 366 366 366 ARG ARG A . n 
A 1 367 GLY 367 367 367 GLY GLY A . n 
A 1 368 ILE 368 368 368 ILE ILE A . n 
A 1 369 MET 369 369 369 MET MET A . n 
A 1 370 TYR 370 370 370 TYR TYR A . n 
A 1 371 PRO 371 371 371 PRO PRO A . n 
A 1 372 LEU 372 372 ?   ?   ?   A . n 
A 1 373 THR 373 373 ?   ?   ?   A . n 
A 1 374 LYS 374 374 ?   ?   ?   A . n 
A 1 375 ALA 375 375 ?   ?   ?   A . n 
A 1 376 GLN 376 376 ?   ?   ?   A . n 
A 1 377 TYR 377 377 ?   ?   ?   A . n 
A 1 378 THR 378 378 ?   ?   ?   A . n 
A 1 379 SER 379 379 ?   ?   ?   A . n 
A 1 380 MET 380 380 ?   ?   ?   A . n 
A 1 381 ALA 381 381 ?   ?   ?   A . n 
A 1 382 LYS 382 382 ?   ?   ?   A . n 
A 1 383 MET 383 383 ?   ?   ?   A . n 
A 1 384 ARG 384 384 ?   ?   ?   A . n 
A 1 385 MET 385 385 ?   ?   ?   A . n 
A 1 386 LEU 386 386 ?   ?   ?   A . n 
A 1 387 GLN 387 387 ?   ?   ?   A . n 
A 1 388 PRO 388 388 ?   ?   ?   A . n 
A 1 389 LYS 389 389 ?   ?   ?   A . n 
A 1 390 ILE 390 390 ?   ?   ?   A . n 
A 1 391 GLN 391 391 ?   ?   ?   A . n 
A 1 392 ALA 392 392 ?   ?   ?   A . n 
A 1 393 MET 393 393 ?   ?   ?   A . n 
A 1 394 ARG 394 394 ?   ?   ?   A . n 
A 1 395 GLU 395 395 ?   ?   ?   A . n 
A 1 396 ARG 396 396 ?   ?   ?   A . n 
A 1 397 LEU 397 397 ?   ?   ?   A . n 
A 1 398 GLY 398 398 ?   ?   ?   A . n 
A 1 399 ASP 399 399 ?   ?   ?   A . n 
A 1 400 ASP 400 400 ?   ?   ?   A . n 
A 1 401 LYS 401 401 ?   ?   ?   A . n 
A 1 402 GLN 402 402 ?   ?   ?   A . n 
A 1 403 ARG 403 403 ?   ?   ?   A . n 
A 1 404 ILE 404 404 ?   ?   ?   A . n 
A 1 405 SER 405 405 ?   ?   ?   A . n 
A 1 406 GLN 406 406 ?   ?   ?   A . n 
A 1 407 GLU 407 407 ?   ?   ?   A . n 
A 1 408 MET 408 408 ?   ?   ?   A . n 
A 1 409 MET 409 409 ?   ?   ?   A . n 
A 1 410 ALA 410 410 ?   ?   ?   A . n 
A 1 411 LEU 411 411 ?   ?   ?   A . n 
A 1 412 TYR 412 412 ?   ?   ?   A . n 
A 1 413 LYS 413 413 ?   ?   ?   A . n 
A 1 414 ALA 414 414 ?   ?   ?   A . n 
A 1 415 GLU 415 415 ?   ?   ?   A . n 
A 1 416 LYS 416 416 ?   ?   ?   A . n 
A 1 417 VAL 417 417 ?   ?   ?   A . n 
A 1 418 ASN 418 418 ?   ?   ?   A . n 
A 1 419 PRO 419 419 ?   ?   ?   A . n 
A 1 420 LEU 420 420 ?   ?   ?   A . n 
A 1 421 GLY 421 421 ?   ?   ?   A . n 
A 1 422 GLY 422 422 ?   ?   ?   A . n 
A 1 423 CYS 423 423 423 CYS CYS A . n 
A 1 424 PHE 424 424 424 PHE PHE A . n 
A 1 425 PRO 425 425 425 PRO PRO A . n 
A 1 426 LEU 426 426 426 LEU LEU A . n 
A 1 427 LEU 427 427 427 LEU LEU A . n 
A 1 428 ILE 428 428 428 ILE ILE A . n 
A 1 429 GLN 429 429 429 GLN GLN A . n 
A 1 430 MET 430 430 430 MET MET A . n 
A 1 431 PRO 431 431 431 PRO PRO A . n 
A 1 432 ILE 432 432 432 ILE ILE A . n 
A 1 433 PHE 433 433 433 PHE PHE A . n 
A 1 434 LEU 434 434 434 LEU LEU A . n 
A 1 435 ALA 435 435 435 ALA ALA A . n 
A 1 436 LEU 436 436 436 LEU LEU A . n 
A 1 437 TYR 437 437 437 TYR TYR A . n 
A 1 438 TYR 438 438 438 TYR TYR A . n 
A 1 439 MET 439 439 439 MET MET A . n 
A 1 440 LEU 440 440 440 LEU LEU A . n 
A 1 441 MET 441 441 441 MET MET A . n 
A 1 442 GLY 442 442 442 GLY GLY A . n 
A 1 443 SER 443 443 443 SER SER A . n 
A 1 444 VAL 444 444 444 VAL VAL A . n 
A 1 445 GLU 445 445 445 GLU GLU A . n 
A 1 446 LEU 446 446 446 LEU LEU A . n 
A 1 447 ARG 447 447 447 ARG ARG A . n 
A 1 448 GLN 448 448 448 GLN GLN A . n 
A 1 449 ALA 449 449 449 ALA ALA A . n 
A 1 450 PRO 450 450 450 PRO PRO A . n 
A 1 451 PHE 451 451 451 PHE PHE A . n 
A 1 452 ALA 452 452 452 ALA ALA A . n 
A 1 453 LEU 453 453 453 LEU LEU A . n 
A 1 454 TRP 454 454 454 TRP TRP A . n 
A 1 455 ILE 455 455 455 ILE ILE A . n 
A 1 456 HIS 456 456 456 HIS HIS A . n 
A 1 457 ASP 457 457 457 ASP ASP A . n 
A 1 458 LEU 458 458 458 LEU LEU A . n 
A 1 459 SER 459 459 459 SER SER A . n 
A 1 460 ALA 460 460 460 ALA ALA A . n 
A 1 461 GLN 461 461 461 GLN GLN A . n 
A 1 462 ASP 462 462 462 ASP ASP A . n 
A 1 463 PRO 463 463 463 PRO PRO A . n 
A 1 464 TYR 464 464 464 TYR TYR A . n 
A 1 465 TYR 465 465 465 TYR TYR A . n 
A 1 466 ILE 466 466 466 ILE ILE A . n 
A 1 467 LEU 467 467 467 LEU LEU A . n 
A 1 468 PRO 468 468 468 PRO PRO A . n 
A 1 469 ILE 469 469 469 ILE ILE A . n 
A 1 470 LEU 470 470 470 LEU LEU A . n 
A 1 471 MET 471 471 471 MET MET A . n 
A 1 472 GLY 472 472 472 GLY GLY A . n 
A 1 473 VAL 473 473 473 VAL VAL A . n 
A 1 474 THR 474 474 474 THR THR A . n 
A 1 475 MET 475 475 475 MET MET A . n 
A 1 476 PHE 476 476 476 PHE PHE A . n 
A 1 477 PHE 477 477 477 PHE PHE A . n 
A 1 478 ILE 478 478 478 ILE ILE A . n 
A 1 479 GLN 479 479 479 GLN GLN A . n 
A 1 480 LYS 480 480 ?   ?   ?   A . n 
A 1 481 MET 481 481 ?   ?   ?   A . n 
A 1 482 SER 482 482 ?   ?   ?   A . n 
A 1 483 PRO 483 483 ?   ?   ?   A . n 
A 1 484 THR 484 484 ?   ?   ?   A . n 
A 1 485 THR 485 485 ?   ?   ?   A . n 
A 1 486 VAL 486 486 ?   ?   ?   A . n 
A 1 487 THR 487 487 ?   ?   ?   A . n 
A 1 488 ASP 488 488 ?   ?   ?   A . n 
A 1 489 PRO 489 489 ?   ?   ?   A . n 
A 1 490 MET 490 490 ?   ?   ?   A . n 
A 1 491 GLN 491 491 ?   ?   ?   A . n 
A 1 492 GLN 492 492 ?   ?   ?   A . n 
A 1 493 LYS 493 493 493 LYS LYS A . n 
A 1 494 ILE 494 494 494 ILE ILE A . n 
A 1 495 MET 495 495 495 MET MET A . n 
A 1 496 THR 496 496 496 THR THR A . n 
A 1 497 PHE 497 497 497 PHE PHE A . n 
A 1 498 MET 498 498 498 MET MET A . n 
A 1 499 PRO 499 499 499 PRO PRO A . n 
A 1 500 VAL 500 500 500 VAL VAL A . n 
A 1 501 ILE 501 501 501 ILE ILE A . n 
A 1 502 PHE 502 502 502 PHE PHE A . n 
A 1 503 THR 503 503 503 THR THR A . n 
A 1 504 VAL 504 504 504 VAL VAL A . n 
A 1 505 PHE 505 505 505 PHE PHE A . n 
A 1 506 PHE 506 506 506 PHE PHE A . n 
A 1 507 LEU 507 507 507 LEU LEU A . n 
A 1 508 TRP 508 508 508 TRP TRP A . n 
A 1 509 PHE 509 509 509 PHE PHE A . n 
A 1 510 PRO 510 510 510 PRO PRO A . n 
A 1 511 SER 511 511 511 SER SER A . n 
A 1 512 GLY 512 512 512 GLY GLY A . n 
A 1 513 LEU 513 513 513 LEU LEU A . n 
A 1 514 VAL 514 514 514 VAL VAL A . n 
A 1 515 LEU 515 515 515 LEU LEU A . n 
A 1 516 TYR 516 516 516 TYR TYR A . n 
A 1 517 TYR 517 517 517 TYR TYR A . n 
A 1 518 ILE 518 518 518 ILE ILE A . n 
A 1 519 VAL 519 519 519 VAL VAL A . n 
A 1 520 SER 520 520 520 SER SER A . n 
A 1 521 ASN 521 521 521 ASN ASN A . n 
A 1 522 LEU 522 522 522 LEU LEU A . n 
A 1 523 VAL 523 523 523 VAL VAL A . n 
A 1 524 THR 524 524 524 THR THR A . n 
A 1 525 ILE 525 525 525 ILE ILE A . n 
A 1 526 ILE 526 526 526 ILE ILE A . n 
A 1 527 GLN 527 527 527 GLN GLN A . n 
A 1 528 GLN 528 528 528 GLN GLN A . n 
A 1 529 GLN 529 529 ?   ?   ?   A . n 
A 1 530 LEU 530 530 ?   ?   ?   A . n 
A 1 531 ILE 531 531 ?   ?   ?   A . n 
A 1 532 TYR 532 532 ?   ?   ?   A . n 
A 1 533 ARG 533 533 ?   ?   ?   A . n 
A 1 534 GLY 534 534 ?   ?   ?   A . n 
A 1 535 LEU 535 535 ?   ?   ?   A . n 
A 1 536 GLU 536 536 ?   ?   ?   A . n 
A 1 537 LYS 537 537 ?   ?   ?   A . n 
A 1 538 ARG 538 538 ?   ?   ?   A . n 
A 1 539 GLY 539 539 ?   ?   ?   A . n 
A 1 540 LEU 540 540 ?   ?   ?   A . n 
A 1 541 LEU 541 541 ?   ?   ?   A . n 
A 1 542 GLU 542 542 ?   ?   ?   A . n 
A 1 543 SER 543 543 ?   ?   ?   A . n 
A 1 544 SER 544 544 ?   ?   ?   A . n 
A 1 545 GLY 545 545 ?   ?   ?   A . n 
A 1 546 GLU 546 546 ?   ?   ?   A . n 
A 1 547 ASN 547 547 ?   ?   ?   A . n 
A 1 548 LEU 548 548 ?   ?   ?   A . n 
A 1 549 TYR 549 549 ?   ?   ?   A . n 
A 1 550 PHE 550 550 ?   ?   ?   A . n 
A 1 551 GLN 551 551 ?   ?   ?   A . n 
# 
loop_
_pdbx_unobs_or_zero_occ_atoms.id 
_pdbx_unobs_or_zero_occ_atoms.PDB_model_num 
_pdbx_unobs_or_zero_occ_atoms.polymer_flag 
_pdbx_unobs_or_zero_occ_atoms.occupancy_flag 
_pdbx_unobs_or_zero_occ_atoms.auth_asym_id 
_pdbx_unobs_or_zero_occ_atoms.auth_comp_id 
_pdbx_unobs_or_zero_occ_atoms.auth_seq_id 
_pdbx_unobs_or_zero_occ_atoms.PDB_ins_code 
_pdbx_unobs_or_zero_occ_atoms.auth_atom_id 
_pdbx_unobs_or_zero_occ_atoms.label_alt_id 
_pdbx_unobs_or_zero_occ_atoms.label_asym_id 
_pdbx_unobs_or_zero_occ_atoms.label_comp_id 
_pdbx_unobs_or_zero_occ_atoms.label_seq_id 
_pdbx_unobs_or_zero_occ_atoms.label_atom_id 
1  1 Y 1 A LEU 426 ? CG  ? A LEU 426 CG  
2  1 Y 1 A LEU 426 ? CD1 ? A LEU 426 CD1 
3  1 Y 1 A LEU 426 ? CD2 ? A LEU 426 CD2 
4  1 Y 1 A LYS 493 ? CG  ? A LYS 493 CG  
5  1 Y 1 A LYS 493 ? CD  ? A LYS 493 CD  
6  1 Y 1 A LYS 493 ? CE  ? A LYS 493 CE  
7  1 Y 1 A LYS 493 ? NZ  ? A LYS 493 NZ  
8  1 Y 1 A ILE 494 ? CG1 ? A ILE 494 CG1 
9  1 Y 1 A ILE 494 ? CG2 ? A ILE 494 CG2 
10 1 Y 1 A ILE 494 ? CD1 ? A ILE 494 CD1 
11 1 Y 1 A MET 495 ? CG  ? A MET 495 CG  
12 1 Y 1 A MET 495 ? SD  ? A MET 495 SD  
13 1 Y 1 A MET 495 ? CE  ? A MET 495 CE  
14 1 Y 1 A THR 496 ? OG1 ? A THR 496 OG1 
15 1 Y 1 A THR 496 ? CG2 ? A THR 496 CG2 
16 1 Y 1 A GLN 528 ? CG  ? A GLN 528 CG  
17 1 Y 1 A GLN 528 ? CD  ? A GLN 528 CD  
18 1 Y 1 A GLN 528 ? OE1 ? A GLN 528 OE1 
19 1 Y 1 A GLN 528 ? NE2 ? A GLN 528 NE2 
# 
_cell.angle_alpha                  90.00 
_cell.angle_alpha_esd              ? 
_cell.angle_beta                   90.00 
_cell.angle_beta_esd               ? 
_cell.angle_gamma                  90.00 
_cell.angle_gamma_esd              ? 
_cell.entry_id                     5M5H 
_cell.details                      ? 
_cell.formula_units_Z              ? 
_cell.length_a                     1.00 
_cell.length_a_esd                 ? 
_cell.length_b                     1.00 
_cell.length_b_esd                 ? 
_cell.length_c                     1.00 
_cell.length_c_esd                 ? 
_cell.volume                       ? 
_cell.volume_esd                   ? 
_cell.Z_PDB                        1 
_cell.reciprocal_angle_alpha       ? 
_cell.reciprocal_angle_beta        ? 
_cell.reciprocal_angle_gamma       ? 
_cell.reciprocal_angle_alpha_esd   ? 
_cell.reciprocal_angle_beta_esd    ? 
_cell.reciprocal_angle_gamma_esd   ? 
_cell.reciprocal_length_a          ? 
_cell.reciprocal_length_b          ? 
_cell.reciprocal_length_c          ? 
_cell.reciprocal_length_a_esd      ? 
_cell.reciprocal_length_b_esd      ? 
_cell.reciprocal_length_c_esd      ? 
_cell.pdbx_unique_axis             ? 
# 
_symmetry.entry_id                         5M5H 
_symmetry.cell_setting                     ? 
_symmetry.Int_Tables_number                1 
_symmetry.space_group_name_Hall            ? 
_symmetry.space_group_name_H-M             'P 1' 
_symmetry.pdbx_full_space_group_name_H-M   ? 
# 
_exptl.absorpt_coefficient_mu     ? 
_exptl.absorpt_correction_T_max   ? 
_exptl.absorpt_correction_T_min   ? 
_exptl.absorpt_correction_type    ? 
_exptl.absorpt_process_details    ? 
_exptl.entry_id                   5M5H 
_exptl.crystals_number            ? 
_exptl.details                    ? 
_exptl.method                     'ELECTRON MICROSCOPY' 
_exptl.method_details             ? 
# 
_struct.entry_id                     5M5H 
_struct.title                        'RIBOSOME-BOUND YIDC INSERTASE' 
_struct.pdbx_model_details           ? 
_struct.pdbx_formula_weight          ? 
_struct.pdbx_formula_weight_method   ? 
_struct.pdbx_model_type_details      ? 
_struct.pdbx_CASP_flag               N 
# 
_struct_keywords.entry_id        5M5H 
_struct_keywords.text            'membrane protein, nanodisc, ribosome ligand, PROTEIN TRANSPORT' 
_struct_keywords.pdbx_keywords   'PROTEIN TRANSPORT' 
# 
_struct_asym.id                            A 
_struct_asym.pdbx_blank_PDB_chainid_flag   N 
_struct_asym.pdbx_modified                 N 
_struct_asym.entity_id                     1 
_struct_asym.details                       ? 
# 
_struct_ref.id                         1 
_struct_ref.db_name                    UNP 
_struct_ref.db_code                    YIDC_ECO45 
_struct_ref.pdbx_db_accession          B7MGC7 
_struct_ref.pdbx_db_isoform            ? 
_struct_ref.entity_id                  1 
_struct_ref.pdbx_seq_one_letter_code   
;MDSQRNLLVIALLFVSFMIWQAWEQDKNPQPQAQQTTQTTTTAAGSAADQGVPASGQGKLISVKTDVLDLTINTRGGDVE
QALLPAYPKELNSTQPFQLLETSPQFIYQAQSGLTGRDGPDNPANGPRPLYNVEKDAYVLAEGQNELQVPMTYTDAAGNT
FTKTFVLKRGDYAVNVNYNVQNAGEKPLEISTFGQLKQSITLPPHLDTGSSNFALHTFRGAAYSTPDEKYEKYKFDTIAD
NENLNISSKGGWVAMLQQYFATAWIPHNDGTNNFYTANLGNGIAAIGYKSQPVLVQPGQTGAMNSTLWVGPEIQDKMAAV
APHLDLTVDYGWLWFISQPLFKLLKWIHSFVGNWGFSIIIITFIVRGIMYPLTKAQYTSMAKMRMLQPKIQAMRERLGDD
KQRISQEMMALYKAEKVNPLGGCFPLLIQMPIFLALYYMLMGSVELRQAPFALWIHDLSAQDPYYILPILMGVTMFFIQK
MSPTTVTDPMQQKIMTFMPVIFTVFFLWFPSGLVLYYIVSNLVTIIQQQLIYRGLEKRGL
;
_struct_ref.pdbx_align_begin           1 
# 
_struct_ref_seq.align_id                      1 
_struct_ref_seq.ref_id                        1 
_struct_ref_seq.pdbx_PDB_id_code              5M5H 
_struct_ref_seq.pdbx_strand_id                A 
_struct_ref_seq.seq_align_beg                 1 
_struct_ref_seq.pdbx_seq_align_beg_ins_code   ? 
_struct_ref_seq.seq_align_end                 540 
_struct_ref_seq.pdbx_seq_align_end_ins_code   ? 
_struct_ref_seq.pdbx_db_accession             B7MGC7 
_struct_ref_seq.db_align_beg                  1 
_struct_ref_seq.pdbx_db_align_beg_ins_code    ? 
_struct_ref_seq.db_align_end                  540 
_struct_ref_seq.pdbx_db_align_end_ins_code    ? 
_struct_ref_seq.pdbx_auth_seq_align_beg       1 
_struct_ref_seq.pdbx_auth_seq_align_end       540 
# 
loop_
_struct_ref_seq_dif.align_id 
_struct_ref_seq_dif.pdbx_pdb_id_code 
_struct_ref_seq_dif.mon_id 
_struct_ref_seq_dif.pdbx_pdb_strand_id 
_struct_ref_seq_dif.seq_num 
_struct_ref_seq_dif.pdbx_pdb_ins_code 
_struct_ref_seq_dif.pdbx_seq_db_name 
_struct_ref_seq_dif.pdbx_seq_db_accession_code 
_struct_ref_seq_dif.db_mon_id 
_struct_ref_seq_dif.pdbx_seq_db_seq_num 
_struct_ref_seq_dif.details 
_struct_ref_seq_dif.pdbx_auth_seq_num 
_struct_ref_seq_dif.pdbx_ordinal 
1 5M5H LEU A 541 ? UNP B7MGC7 ? ? 'expression tag' 541 1  
1 5M5H GLU A 542 ? UNP B7MGC7 ? ? 'expression tag' 542 2  
1 5M5H SER A 543 ? UNP B7MGC7 ? ? 'expression tag' 543 3  
1 5M5H SER A 544 ? UNP B7MGC7 ? ? 'expression tag' 544 4  
1 5M5H GLY A 545 ? UNP B7MGC7 ? ? 'expression tag' 545 5  
1 5M5H GLU A 546 ? UNP B7MGC7 ? ? 'expression tag' 546 6  
1 5M5H ASN A 547 ? UNP B7MGC7 ? ? 'expression tag' 547 7  
1 5M5H LEU A 548 ? UNP B7MGC7 ? ? 'expression tag' 548 8  
1 5M5H TYR A 549 ? UNP B7MGC7 ? ? 'expression tag' 549 9  
1 5M5H PHE A 550 ? UNP B7MGC7 ? ? 'expression tag' 550 10 
1 5M5H GLN A 551 ? UNP B7MGC7 ? ? 'expression tag' 551 11 
# 
_pdbx_struct_assembly.id                   1 
_pdbx_struct_assembly.details              author_and_software_defined_assembly 
_pdbx_struct_assembly.method_details       PISA 
_pdbx_struct_assembly.oligomeric_details   monomeric 
_pdbx_struct_assembly.oligomeric_count     1 
# 
loop_
_pdbx_struct_assembly_prop.biol_id 
_pdbx_struct_assembly_prop.type 
_pdbx_struct_assembly_prop.value 
_pdbx_struct_assembly_prop.details 
1 'ABSA (A^2)' 0    ? 
1 MORE         0    ? 
1 'SSA (A^2)'  8680 ? 
# 
_pdbx_struct_assembly_gen.assembly_id       1 
_pdbx_struct_assembly_gen.oper_expression   1 
_pdbx_struct_assembly_gen.asym_id_list      A 
# 
_pdbx_struct_oper_list.id                   1 
_pdbx_struct_oper_list.type                 'identity operation' 
_pdbx_struct_oper_list.name                 1_555 
_pdbx_struct_oper_list.symmetry_operation   ? 
_pdbx_struct_oper_list.matrix[1][1]         1.0000000000 
_pdbx_struct_oper_list.matrix[1][2]         0.0000000000 
_pdbx_struct_oper_list.matrix[1][3]         0.0000000000 
_pdbx_struct_oper_list.vector[1]            0.0000000000 
_pdbx_struct_oper_list.matrix[2][1]         0.0000000000 
_pdbx_struct_oper_list.matrix[2][2]         1.0000000000 
_pdbx_struct_oper_list.matrix[2][3]         0.0000000000 
_pdbx_struct_oper_list.vector[2]            0.0000000000 
_pdbx_struct_oper_list.matrix[3][1]         0.0000000000 
_pdbx_struct_oper_list.matrix[3][2]         0.0000000000 
_pdbx_struct_oper_list.matrix[3][3]         1.0000000000 
_pdbx_struct_oper_list.vector[3]            0.0000000000 
# 
loop_
_struct_conf.conf_type_id 
_struct_conf.id 
_struct_conf.pdbx_PDB_helix_id 
_struct_conf.beg_label_comp_id 
_struct_conf.beg_label_asym_id 
_struct_conf.beg_label_seq_id 
_struct_conf.pdbx_beg_PDB_ins_code 
_struct_conf.end_label_comp_id 
_struct_conf.end_label_asym_id 
_struct_conf.end_label_seq_id 
_struct_conf.pdbx_end_PDB_ins_code 
_struct_conf.beg_auth_comp_id 
_struct_conf.beg_auth_asym_id 
_struct_conf.beg_auth_seq_id 
_struct_conf.end_auth_comp_id 
_struct_conf.end_auth_asym_id 
_struct_conf.end_auth_seq_id 
_struct_conf.pdbx_PDB_helix_class 
_struct_conf.details 
_struct_conf.pdbx_PDB_helix_length 
HELX_P HELX_P1 AA1 SER A 337 ? HIS A 348 ? SER A 337 HIS A 348 1 ? 12 
HELX_P HELX_P2 AA2 GLY A 355 ? MET A 369 ? GLY A 355 MET A 369 1 ? 15 
HELX_P HELX_P3 AA3 PRO A 425 ? ILE A 428 ? PRO A 425 ILE A 428 5 ? 4  
HELX_P HELX_P4 AA4 GLN A 429 ? GLY A 442 ? GLN A 429 GLY A 442 1 ? 14 
HELX_P HELX_P5 AA5 TYR A 465 ? PHE A 476 ? TYR A 465 PHE A 476 1 ? 12 
HELX_P HELX_P6 AA6 LYS A 493 ? THR A 496 ? LYS A 493 THR A 496 5 ? 4  
HELX_P HELX_P7 AA7 PHE A 497 ? LEU A 507 ? PHE A 497 LEU A 507 1 ? 11 
HELX_P HELX_P8 AA8 PRO A 510 ? GLN A 527 ? PRO A 510 GLN A 527 1 ? 18 
# 
_struct_conf_type.id          HELX_P 
_struct_conf_type.criteria    ? 
_struct_conf_type.reference   ? 
# 
_struct_mon_prot_cis.pdbx_id                1 
_struct_mon_prot_cis.label_comp_id          GLY 
_struct_mon_prot_cis.label_seq_id           442 
_struct_mon_prot_cis.label_asym_id          A 
_struct_mon_prot_cis.label_alt_id           . 
_struct_mon_prot_cis.pdbx_PDB_ins_code      ? 
_struct_mon_prot_cis.auth_comp_id           GLY 
_struct_mon_prot_cis.auth_seq_id            442 
_struct_mon_prot_cis.auth_asym_id           A 
_struct_mon_prot_cis.pdbx_label_comp_id_2   SER 
_struct_mon_prot_cis.pdbx_label_seq_id_2    443 
_struct_mon_prot_cis.pdbx_label_asym_id_2   A 
_struct_mon_prot_cis.pdbx_PDB_ins_code_2    ? 
_struct_mon_prot_cis.pdbx_auth_comp_id_2    SER 
_struct_mon_prot_cis.pdbx_auth_seq_id_2     443 
_struct_mon_prot_cis.pdbx_auth_asym_id_2    A 
_struct_mon_prot_cis.pdbx_PDB_model_num     1 
_struct_mon_prot_cis.pdbx_omega_angle       -9.52 
# 
_pdbx_validate_close_contact.id               1 
_pdbx_validate_close_contact.PDB_model_num    1 
_pdbx_validate_close_contact.auth_atom_id_1   O 
_pdbx_validate_close_contact.auth_asym_id_1   A 
_pdbx_validate_close_contact.auth_comp_id_1   MET 
_pdbx_validate_close_contact.auth_seq_id_1    498 
_pdbx_validate_close_contact.PDB_ins_code_1   ? 
_pdbx_validate_close_contact.label_alt_id_1   ? 
_pdbx_validate_close_contact.auth_atom_id_2   N 
_pdbx_validate_close_contact.auth_asym_id_2   A 
_pdbx_validate_close_contact.auth_comp_id_2   ILE 
_pdbx_validate_close_contact.auth_seq_id_2    501 
_pdbx_validate_close_contact.PDB_ins_code_2   ? 
_pdbx_validate_close_contact.label_alt_id_2   ? 
_pdbx_validate_close_contact.dist             2.19 
# 
loop_
_pdbx_validate_torsion.id 
_pdbx_validate_torsion.PDB_model_num 
_pdbx_validate_torsion.auth_comp_id 
_pdbx_validate_torsion.auth_asym_id 
_pdbx_validate_torsion.auth_seq_id 
_pdbx_validate_torsion.PDB_ins_code 
_pdbx_validate_torsion.label_alt_id 
_pdbx_validate_torsion.phi 
_pdbx_validate_torsion.psi 
1  1 TRP A 334 ? ? -119.07 -86.84  
2  1 SER A 337 ? ? -90.75  -70.03  
3  1 SER A 349 ? ? -91.44  -63.18  
4  1 THR A 362 ? ? -60.32  -72.50  
5  1 ILE A 432 ? ? -75.82  -72.19  
6  1 LEU A 434 ? ? -92.31  -60.75  
7  1 VAL A 444 ? ? 72.89   -19.49  
8  1 LEU A 453 ? ? 63.24   -124.25 
9  1 TRP A 454 ? ? -90.95  -61.47  
10 1 GLN A 461 ? ? -49.70  151.75  
# 
loop_
_pdbx_validate_peptide_omega.id 
_pdbx_validate_peptide_omega.PDB_model_num 
_pdbx_validate_peptide_omega.auth_comp_id_1 
_pdbx_validate_peptide_omega.auth_asym_id_1 
_pdbx_validate_peptide_omega.auth_seq_id_1 
_pdbx_validate_peptide_omega.PDB_ins_code_1 
_pdbx_validate_peptide_omega.label_alt_id_1 
_pdbx_validate_peptide_omega.auth_comp_id_2 
_pdbx_validate_peptide_omega.auth_asym_id_2 
_pdbx_validate_peptide_omega.auth_seq_id_2 
_pdbx_validate_peptide_omega.PDB_ins_code_2 
_pdbx_validate_peptide_omega.label_alt_id_2 
_pdbx_validate_peptide_omega.omega 
1 1 VAL A 351 ? ? GLY A 352 ? ? -143.11 
2 1 PHE A 424 ? ? PRO A 425 ? ? 141.50  
# 
_em_3d_reconstruction.entry_id                    5M5H 
_em_3d_reconstruction.id                          1 
_em_3d_reconstruction.algorithm                   ? 
_em_3d_reconstruction.details                     ? 
_em_3d_reconstruction.refinement_type             ? 
_em_3d_reconstruction.image_processing_id         1 
_em_3d_reconstruction.num_class_averages          ? 
_em_3d_reconstruction.num_particles               42658 
_em_3d_reconstruction.resolution                  4.5 
_em_3d_reconstruction.resolution_method           'FSC 0.143 CUT-OFF' 
_em_3d_reconstruction.symmetry_type               POINT 
_em_3d_reconstruction.method                      ? 
_em_3d_reconstruction.nominal_pixel_size          ? 
_em_3d_reconstruction.actual_pixel_size           ? 
_em_3d_reconstruction.magnification_calibration   ? 
# 
_em_buffer.id            1 
_em_buffer.details       ? 
_em_buffer.pH            7.2 
_em_buffer.specimen_id   1 
_em_buffer.name          ? 
# 
_em_entity_assembly.id                   1 
_em_entity_assembly.parent_id            0 
_em_entity_assembly.details              ? 
_em_entity_assembly.name                 'Ribosome-bound YidC insertase' 
_em_entity_assembly.source               RECOMBINANT 
_em_entity_assembly.type                 COMPLEX 
_em_entity_assembly.entity_id_list       1 
_em_entity_assembly.synonym              ? 
_em_entity_assembly.oligomeric_details   ? 
# 
_em_imaging.id                              1 
_em_imaging.entry_id                        5M5H 
_em_imaging.accelerating_voltage            300 
_em_imaging.alignment_procedure             ? 
_em_imaging.c2_aperture_diameter            ? 
_em_imaging.calibrated_defocus_max          ? 
_em_imaging.calibrated_defocus_min          ? 
_em_imaging.calibrated_magnification        ? 
_em_imaging.cryogen                         ? 
_em_imaging.details                         ? 
_em_imaging.electron_source                 OTHER 
_em_imaging.illumination_mode               'SPOT SCAN' 
_em_imaging.microscope_model                'FEI TITAN KRIOS' 
_em_imaging.mode                            OTHER 
_em_imaging.nominal_cs                      ? 
_em_imaging.nominal_defocus_max             ? 
_em_imaging.nominal_defocus_min             ? 
_em_imaging.nominal_magnification           ? 
_em_imaging.recording_temperature_maximum   ? 
_em_imaging.recording_temperature_minimum   ? 
_em_imaging.residual_tilt                   ? 
_em_imaging.specimen_holder_model           ? 
_em_imaging.specimen_id                     1 
_em_imaging.citation_id                     ? 
_em_imaging.date                            ? 
_em_imaging.temperature                     ? 
_em_imaging.tilt_angle_min                  ? 
_em_imaging.tilt_angle_max                  ? 
_em_imaging.astigmatism                     ? 
_em_imaging.detector_distance               ? 
_em_imaging.electron_beam_tilt_params       ? 
_em_imaging.specimen_holder_type            ? 
# 
_em_vitrification.id                    1 
_em_vitrification.specimen_id           1 
_em_vitrification.chamber_temperature   ? 
_em_vitrification.cryogen_name          ETHANE 
_em_vitrification.details               ? 
_em_vitrification.humidity              ? 
_em_vitrification.instrument            ? 
_em_vitrification.entry_id              5M5H 
_em_vitrification.citation_id           ? 
_em_vitrification.method                ? 
_em_vitrification.temp                  ? 
_em_vitrification.time_resolved_state   ? 
# 
_em_experiment.entry_id                5M5H 
_em_experiment.id                      1 
_em_experiment.aggregation_state       PARTICLE 
_em_experiment.reconstruction_method   'SINGLE PARTICLE' 
_em_experiment.entity_assembly_id      1 
# 
loop_
_pdbx_unobs_or_zero_occ_residues.id 
_pdbx_unobs_or_zero_occ_residues.PDB_model_num 
_pdbx_unobs_or_zero_occ_residues.polymer_flag 
_pdbx_unobs_or_zero_occ_residues.occupancy_flag 
_pdbx_unobs_or_zero_occ_residues.auth_asym_id 
_pdbx_unobs_or_zero_occ_residues.auth_comp_id 
_pdbx_unobs_or_zero_occ_residues.auth_seq_id 
_pdbx_unobs_or_zero_occ_residues.PDB_ins_code 
_pdbx_unobs_or_zero_occ_residues.label_asym_id 
_pdbx_unobs_or_zero_occ_residues.label_comp_id 
_pdbx_unobs_or_zero_occ_residues.label_seq_id 
1   1 Y 1 A MET 1   ? A MET 1   
2   1 Y 1 A ASP 2   ? A ASP 2   
3   1 Y 1 A SER 3   ? A SER 3   
4   1 Y 1 A GLN 4   ? A GLN 4   
5   1 Y 1 A ARG 5   ? A ARG 5   
6   1 Y 1 A ASN 6   ? A ASN 6   
7   1 Y 1 A LEU 7   ? A LEU 7   
8   1 Y 1 A LEU 8   ? A LEU 8   
9   1 Y 1 A VAL 9   ? A VAL 9   
10  1 Y 1 A ILE 10  ? A ILE 10  
11  1 Y 1 A ALA 11  ? A ALA 11  
12  1 Y 1 A LEU 12  ? A LEU 12  
13  1 Y 1 A LEU 13  ? A LEU 13  
14  1 Y 1 A PHE 14  ? A PHE 14  
15  1 Y 1 A VAL 15  ? A VAL 15  
16  1 Y 1 A SER 16  ? A SER 16  
17  1 Y 1 A PHE 17  ? A PHE 17  
18  1 Y 1 A MET 18  ? A MET 18  
19  1 Y 1 A ILE 19  ? A ILE 19  
20  1 Y 1 A TRP 20  ? A TRP 20  
21  1 Y 1 A GLN 21  ? A GLN 21  
22  1 Y 1 A ALA 22  ? A ALA 22  
23  1 Y 1 A TRP 23  ? A TRP 23  
24  1 Y 1 A GLU 24  ? A GLU 24  
25  1 Y 1 A GLN 25  ? A GLN 25  
26  1 Y 1 A ASP 26  ? A ASP 26  
27  1 Y 1 A LYS 27  ? A LYS 27  
28  1 Y 1 A ASN 28  ? A ASN 28  
29  1 Y 1 A PRO 29  ? A PRO 29  
30  1 Y 1 A GLN 30  ? A GLN 30  
31  1 Y 1 A PRO 31  ? A PRO 31  
32  1 Y 1 A GLN 32  ? A GLN 32  
33  1 Y 1 A ALA 33  ? A ALA 33  
34  1 Y 1 A GLN 34  ? A GLN 34  
35  1 Y 1 A GLN 35  ? A GLN 35  
36  1 Y 1 A THR 36  ? A THR 36  
37  1 Y 1 A THR 37  ? A THR 37  
38  1 Y 1 A GLN 38  ? A GLN 38  
39  1 Y 1 A THR 39  ? A THR 39  
40  1 Y 1 A THR 40  ? A THR 40  
41  1 Y 1 A THR 41  ? A THR 41  
42  1 Y 1 A THR 42  ? A THR 42  
43  1 Y 1 A ALA 43  ? A ALA 43  
44  1 Y 1 A ALA 44  ? A ALA 44  
45  1 Y 1 A GLY 45  ? A GLY 45  
46  1 Y 1 A SER 46  ? A SER 46  
47  1 Y 1 A ALA 47  ? A ALA 47  
48  1 Y 1 A ALA 48  ? A ALA 48  
49  1 Y 1 A ASP 49  ? A ASP 49  
50  1 Y 1 A GLN 50  ? A GLN 50  
51  1 Y 1 A GLY 51  ? A GLY 51  
52  1 Y 1 A VAL 52  ? A VAL 52  
53  1 Y 1 A PRO 53  ? A PRO 53  
54  1 Y 1 A ALA 54  ? A ALA 54  
55  1 Y 1 A SER 55  ? A SER 55  
56  1 Y 1 A GLY 56  ? A GLY 56  
57  1 Y 1 A GLN 57  ? A GLN 57  
58  1 Y 1 A GLY 58  ? A GLY 58  
59  1 Y 1 A LYS 59  ? A LYS 59  
60  1 Y 1 A LEU 60  ? A LEU 60  
61  1 Y 1 A ILE 61  ? A ILE 61  
62  1 Y 1 A SER 62  ? A SER 62  
63  1 Y 1 A VAL 63  ? A VAL 63  
64  1 Y 1 A LYS 64  ? A LYS 64  
65  1 Y 1 A THR 65  ? A THR 65  
66  1 Y 1 A ASP 66  ? A ASP 66  
67  1 Y 1 A VAL 67  ? A VAL 67  
68  1 Y 1 A LEU 68  ? A LEU 68  
69  1 Y 1 A ASP 69  ? A ASP 69  
70  1 Y 1 A LEU 70  ? A LEU 70  
71  1 Y 1 A THR 71  ? A THR 71  
72  1 Y 1 A ILE 72  ? A ILE 72  
73  1 Y 1 A ASN 73  ? A ASN 73  
74  1 Y 1 A THR 74  ? A THR 74  
75  1 Y 1 A ARG 75  ? A ARG 75  
76  1 Y 1 A GLY 76  ? A GLY 76  
77  1 Y 1 A GLY 77  ? A GLY 77  
78  1 Y 1 A ASP 78  ? A ASP 78  
79  1 Y 1 A VAL 79  ? A VAL 79  
80  1 Y 1 A GLU 80  ? A GLU 80  
81  1 Y 1 A GLN 81  ? A GLN 81  
82  1 Y 1 A ALA 82  ? A ALA 82  
83  1 Y 1 A LEU 83  ? A LEU 83  
84  1 Y 1 A LEU 84  ? A LEU 84  
85  1 Y 1 A PRO 85  ? A PRO 85  
86  1 Y 1 A ALA 86  ? A ALA 86  
87  1 Y 1 A TYR 87  ? A TYR 87  
88  1 Y 1 A PRO 88  ? A PRO 88  
89  1 Y 1 A LYS 89  ? A LYS 89  
90  1 Y 1 A GLU 90  ? A GLU 90  
91  1 Y 1 A LEU 91  ? A LEU 91  
92  1 Y 1 A ASN 92  ? A ASN 92  
93  1 Y 1 A SER 93  ? A SER 93  
94  1 Y 1 A THR 94  ? A THR 94  
95  1 Y 1 A GLN 95  ? A GLN 95  
96  1 Y 1 A PRO 96  ? A PRO 96  
97  1 Y 1 A PHE 97  ? A PHE 97  
98  1 Y 1 A GLN 98  ? A GLN 98  
99  1 Y 1 A LEU 99  ? A LEU 99  
100 1 Y 1 A LEU 100 ? A LEU 100 
101 1 Y 1 A GLU 101 ? A GLU 101 
102 1 Y 1 A THR 102 ? A THR 102 
103 1 Y 1 A SER 103 ? A SER 103 
104 1 Y 1 A PRO 104 ? A PRO 104 
105 1 Y 1 A GLN 105 ? A GLN 105 
106 1 Y 1 A PHE 106 ? A PHE 106 
107 1 Y 1 A ILE 107 ? A ILE 107 
108 1 Y 1 A TYR 108 ? A TYR 108 
109 1 Y 1 A GLN 109 ? A GLN 109 
110 1 Y 1 A ALA 110 ? A ALA 110 
111 1 Y 1 A GLN 111 ? A GLN 111 
112 1 Y 1 A SER 112 ? A SER 112 
113 1 Y 1 A GLY 113 ? A GLY 113 
114 1 Y 1 A LEU 114 ? A LEU 114 
115 1 Y 1 A THR 115 ? A THR 115 
116 1 Y 1 A GLY 116 ? A GLY 116 
117 1 Y 1 A ARG 117 ? A ARG 117 
118 1 Y 1 A ASP 118 ? A ASP 118 
119 1 Y 1 A GLY 119 ? A GLY 119 
120 1 Y 1 A PRO 120 ? A PRO 120 
121 1 Y 1 A ASP 121 ? A ASP 121 
122 1 Y 1 A ASN 122 ? A ASN 122 
123 1 Y 1 A PRO 123 ? A PRO 123 
124 1 Y 1 A ALA 124 ? A ALA 124 
125 1 Y 1 A ASN 125 ? A ASN 125 
126 1 Y 1 A GLY 126 ? A GLY 126 
127 1 Y 1 A PRO 127 ? A PRO 127 
128 1 Y 1 A ARG 128 ? A ARG 128 
129 1 Y 1 A PRO 129 ? A PRO 129 
130 1 Y 1 A LEU 130 ? A LEU 130 
131 1 Y 1 A TYR 131 ? A TYR 131 
132 1 Y 1 A ASN 132 ? A ASN 132 
133 1 Y 1 A VAL 133 ? A VAL 133 
134 1 Y 1 A GLU 134 ? A GLU 134 
135 1 Y 1 A LYS 135 ? A LYS 135 
136 1 Y 1 A ASP 136 ? A ASP 136 
137 1 Y 1 A ALA 137 ? A ALA 137 
138 1 Y 1 A TYR 138 ? A TYR 138 
139 1 Y 1 A VAL 139 ? A VAL 139 
140 1 Y 1 A LEU 140 ? A LEU 140 
141 1 Y 1 A ALA 141 ? A ALA 141 
142 1 Y 1 A GLU 142 ? A GLU 142 
143 1 Y 1 A GLY 143 ? A GLY 143 
144 1 Y 1 A GLN 144 ? A GLN 144 
145 1 Y 1 A ASN 145 ? A ASN 145 
146 1 Y 1 A GLU 146 ? A GLU 146 
147 1 Y 1 A LEU 147 ? A LEU 147 
148 1 Y 1 A GLN 148 ? A GLN 148 
149 1 Y 1 A VAL 149 ? A VAL 149 
150 1 Y 1 A PRO 150 ? A PRO 150 
151 1 Y 1 A MET 151 ? A MET 151 
152 1 Y 1 A THR 152 ? A THR 152 
153 1 Y 1 A TYR 153 ? A TYR 153 
154 1 Y 1 A THR 154 ? A THR 154 
155 1 Y 1 A ASP 155 ? A ASP 155 
156 1 Y 1 A ALA 156 ? A ALA 156 
157 1 Y 1 A ALA 157 ? A ALA 157 
158 1 Y 1 A GLY 158 ? A GLY 158 
159 1 Y 1 A ASN 159 ? A ASN 159 
160 1 Y 1 A THR 160 ? A THR 160 
161 1 Y 1 A PHE 161 ? A PHE 161 
162 1 Y 1 A THR 162 ? A THR 162 
163 1 Y 1 A LYS 163 ? A LYS 163 
164 1 Y 1 A THR 164 ? A THR 164 
165 1 Y 1 A PHE 165 ? A PHE 165 
166 1 Y 1 A VAL 166 ? A VAL 166 
167 1 Y 1 A LEU 167 ? A LEU 167 
168 1 Y 1 A LYS 168 ? A LYS 168 
169 1 Y 1 A ARG 169 ? A ARG 169 
170 1 Y 1 A GLY 170 ? A GLY 170 
171 1 Y 1 A ASP 171 ? A ASP 171 
172 1 Y 1 A TYR 172 ? A TYR 172 
173 1 Y 1 A ALA 173 ? A ALA 173 
174 1 Y 1 A VAL 174 ? A VAL 174 
175 1 Y 1 A ASN 175 ? A ASN 175 
176 1 Y 1 A VAL 176 ? A VAL 176 
177 1 Y 1 A ASN 177 ? A ASN 177 
178 1 Y 1 A TYR 178 ? A TYR 178 
179 1 Y 1 A ASN 179 ? A ASN 179 
180 1 Y 1 A VAL 180 ? A VAL 180 
181 1 Y 1 A GLN 181 ? A GLN 181 
182 1 Y 1 A ASN 182 ? A ASN 182 
183 1 Y 1 A ALA 183 ? A ALA 183 
184 1 Y 1 A GLY 184 ? A GLY 184 
185 1 Y 1 A GLU 185 ? A GLU 185 
186 1 Y 1 A LYS 186 ? A LYS 186 
187 1 Y 1 A PRO 187 ? A PRO 187 
188 1 Y 1 A LEU 188 ? A LEU 188 
189 1 Y 1 A GLU 189 ? A GLU 189 
190 1 Y 1 A ILE 190 ? A ILE 190 
191 1 Y 1 A SER 191 ? A SER 191 
192 1 Y 1 A THR 192 ? A THR 192 
193 1 Y 1 A PHE 193 ? A PHE 193 
194 1 Y 1 A GLY 194 ? A GLY 194 
195 1 Y 1 A GLN 195 ? A GLN 195 
196 1 Y 1 A LEU 196 ? A LEU 196 
197 1 Y 1 A LYS 197 ? A LYS 197 
198 1 Y 1 A GLN 198 ? A GLN 198 
199 1 Y 1 A SER 199 ? A SER 199 
200 1 Y 1 A ILE 200 ? A ILE 200 
201 1 Y 1 A THR 201 ? A THR 201 
202 1 Y 1 A LEU 202 ? A LEU 202 
203 1 Y 1 A PRO 203 ? A PRO 203 
204 1 Y 1 A PRO 204 ? A PRO 204 
205 1 Y 1 A HIS 205 ? A HIS 205 
206 1 Y 1 A LEU 206 ? A LEU 206 
207 1 Y 1 A ASP 207 ? A ASP 207 
208 1 Y 1 A THR 208 ? A THR 208 
209 1 Y 1 A GLY 209 ? A GLY 209 
210 1 Y 1 A SER 210 ? A SER 210 
211 1 Y 1 A SER 211 ? A SER 211 
212 1 Y 1 A ASN 212 ? A ASN 212 
213 1 Y 1 A PHE 213 ? A PHE 213 
214 1 Y 1 A ALA 214 ? A ALA 214 
215 1 Y 1 A LEU 215 ? A LEU 215 
216 1 Y 1 A HIS 216 ? A HIS 216 
217 1 Y 1 A THR 217 ? A THR 217 
218 1 Y 1 A PHE 218 ? A PHE 218 
219 1 Y 1 A ARG 219 ? A ARG 219 
220 1 Y 1 A GLY 220 ? A GLY 220 
221 1 Y 1 A ALA 221 ? A ALA 221 
222 1 Y 1 A ALA 222 ? A ALA 222 
223 1 Y 1 A TYR 223 ? A TYR 223 
224 1 Y 1 A SER 224 ? A SER 224 
225 1 Y 1 A THR 225 ? A THR 225 
226 1 Y 1 A PRO 226 ? A PRO 226 
227 1 Y 1 A ASP 227 ? A ASP 227 
228 1 Y 1 A GLU 228 ? A GLU 228 
229 1 Y 1 A LYS 229 ? A LYS 229 
230 1 Y 1 A TYR 230 ? A TYR 230 
231 1 Y 1 A GLU 231 ? A GLU 231 
232 1 Y 1 A LYS 232 ? A LYS 232 
233 1 Y 1 A TYR 233 ? A TYR 233 
234 1 Y 1 A LYS 234 ? A LYS 234 
235 1 Y 1 A PHE 235 ? A PHE 235 
236 1 Y 1 A ASP 236 ? A ASP 236 
237 1 Y 1 A THR 237 ? A THR 237 
238 1 Y 1 A ILE 238 ? A ILE 238 
239 1 Y 1 A ALA 239 ? A ALA 239 
240 1 Y 1 A ASP 240 ? A ASP 240 
241 1 Y 1 A ASN 241 ? A ASN 241 
242 1 Y 1 A GLU 242 ? A GLU 242 
243 1 Y 1 A ASN 243 ? A ASN 243 
244 1 Y 1 A LEU 244 ? A LEU 244 
245 1 Y 1 A ASN 245 ? A ASN 245 
246 1 Y 1 A ILE 246 ? A ILE 246 
247 1 Y 1 A SER 247 ? A SER 247 
248 1 Y 1 A SER 248 ? A SER 248 
249 1 Y 1 A LYS 249 ? A LYS 249 
250 1 Y 1 A GLY 250 ? A GLY 250 
251 1 Y 1 A GLY 251 ? A GLY 251 
252 1 Y 1 A TRP 252 ? A TRP 252 
253 1 Y 1 A VAL 253 ? A VAL 253 
254 1 Y 1 A ALA 254 ? A ALA 254 
255 1 Y 1 A MET 255 ? A MET 255 
256 1 Y 1 A LEU 256 ? A LEU 256 
257 1 Y 1 A GLN 257 ? A GLN 257 
258 1 Y 1 A GLN 258 ? A GLN 258 
259 1 Y 1 A TYR 259 ? A TYR 259 
260 1 Y 1 A PHE 260 ? A PHE 260 
261 1 Y 1 A ALA 261 ? A ALA 261 
262 1 Y 1 A THR 262 ? A THR 262 
263 1 Y 1 A ALA 263 ? A ALA 263 
264 1 Y 1 A TRP 264 ? A TRP 264 
265 1 Y 1 A ILE 265 ? A ILE 265 
266 1 Y 1 A PRO 266 ? A PRO 266 
267 1 Y 1 A HIS 267 ? A HIS 267 
268 1 Y 1 A ASN 268 ? A ASN 268 
269 1 Y 1 A ASP 269 ? A ASP 269 
270 1 Y 1 A GLY 270 ? A GLY 270 
271 1 Y 1 A THR 271 ? A THR 271 
272 1 Y 1 A ASN 272 ? A ASN 272 
273 1 Y 1 A ASN 273 ? A ASN 273 
274 1 Y 1 A PHE 274 ? A PHE 274 
275 1 Y 1 A TYR 275 ? A TYR 275 
276 1 Y 1 A THR 276 ? A THR 276 
277 1 Y 1 A ALA 277 ? A ALA 277 
278 1 Y 1 A ASN 278 ? A ASN 278 
279 1 Y 1 A LEU 279 ? A LEU 279 
280 1 Y 1 A GLY 280 ? A GLY 280 
281 1 Y 1 A ASN 281 ? A ASN 281 
282 1 Y 1 A GLY 282 ? A GLY 282 
283 1 Y 1 A ILE 283 ? A ILE 283 
284 1 Y 1 A ALA 284 ? A ALA 284 
285 1 Y 1 A ALA 285 ? A ALA 285 
286 1 Y 1 A ILE 286 ? A ILE 286 
287 1 Y 1 A GLY 287 ? A GLY 287 
288 1 Y 1 A TYR 288 ? A TYR 288 
289 1 Y 1 A LYS 289 ? A LYS 289 
290 1 Y 1 A SER 290 ? A SER 290 
291 1 Y 1 A GLN 291 ? A GLN 291 
292 1 Y 1 A PRO 292 ? A PRO 292 
293 1 Y 1 A VAL 293 ? A VAL 293 
294 1 Y 1 A LEU 294 ? A LEU 294 
295 1 Y 1 A VAL 295 ? A VAL 295 
296 1 Y 1 A GLN 296 ? A GLN 296 
297 1 Y 1 A PRO 297 ? A PRO 297 
298 1 Y 1 A GLY 298 ? A GLY 298 
299 1 Y 1 A GLN 299 ? A GLN 299 
300 1 Y 1 A THR 300 ? A THR 300 
301 1 Y 1 A GLY 301 ? A GLY 301 
302 1 Y 1 A ALA 302 ? A ALA 302 
303 1 Y 1 A MET 303 ? A MET 303 
304 1 Y 1 A ASN 304 ? A ASN 304 
305 1 Y 1 A SER 305 ? A SER 305 
306 1 Y 1 A THR 306 ? A THR 306 
307 1 Y 1 A LEU 307 ? A LEU 307 
308 1 Y 1 A TRP 308 ? A TRP 308 
309 1 Y 1 A VAL 309 ? A VAL 309 
310 1 Y 1 A GLY 310 ? A GLY 310 
311 1 Y 1 A PRO 311 ? A PRO 311 
312 1 Y 1 A GLU 312 ? A GLU 312 
313 1 Y 1 A ILE 313 ? A ILE 313 
314 1 Y 1 A GLN 314 ? A GLN 314 
315 1 Y 1 A ASP 315 ? A ASP 315 
316 1 Y 1 A LYS 316 ? A LYS 316 
317 1 Y 1 A MET 317 ? A MET 317 
318 1 Y 1 A ALA 318 ? A ALA 318 
319 1 Y 1 A ALA 319 ? A ALA 319 
320 1 Y 1 A VAL 320 ? A VAL 320 
321 1 Y 1 A ALA 321 ? A ALA 321 
322 1 Y 1 A PRO 322 ? A PRO 322 
323 1 Y 1 A HIS 323 ? A HIS 323 
324 1 Y 1 A LEU 324 ? A LEU 324 
325 1 Y 1 A ASP 325 ? A ASP 325 
326 1 Y 1 A LEU 326 ? A LEU 326 
327 1 Y 1 A THR 327 ? A THR 327 
328 1 Y 1 A VAL 328 ? A VAL 328 
329 1 Y 1 A ASP 329 ? A ASP 329 
330 1 Y 1 A TYR 330 ? A TYR 330 
331 1 Y 1 A GLY 331 ? A GLY 331 
332 1 Y 1 A TRP 332 ? A TRP 332 
333 1 Y 1 A LEU 372 ? A LEU 372 
334 1 Y 1 A THR 373 ? A THR 373 
335 1 Y 1 A LYS 374 ? A LYS 374 
336 1 Y 1 A ALA 375 ? A ALA 375 
337 1 Y 1 A GLN 376 ? A GLN 376 
338 1 Y 1 A TYR 377 ? A TYR 377 
339 1 Y 1 A THR 378 ? A THR 378 
340 1 Y 1 A SER 379 ? A SER 379 
341 1 Y 1 A MET 380 ? A MET 380 
342 1 Y 1 A ALA 381 ? A ALA 381 
343 1 Y 1 A LYS 382 ? A LYS 382 
344 1 Y 1 A MET 383 ? A MET 383 
345 1 Y 1 A ARG 384 ? A ARG 384 
346 1 Y 1 A MET 385 ? A MET 385 
347 1 Y 1 A LEU 386 ? A LEU 386 
348 1 Y 1 A GLN 387 ? A GLN 387 
349 1 Y 1 A PRO 388 ? A PRO 388 
350 1 Y 1 A LYS 389 ? A LYS 389 
351 1 Y 1 A ILE 390 ? A ILE 390 
352 1 Y 1 A GLN 391 ? A GLN 391 
353 1 Y 1 A ALA 392 ? A ALA 392 
354 1 Y 1 A MET 393 ? A MET 393 
355 1 Y 1 A ARG 394 ? A ARG 394 
356 1 Y 1 A GLU 395 ? A GLU 395 
357 1 Y 1 A ARG 396 ? A ARG 396 
358 1 Y 1 A LEU 397 ? A LEU 397 
359 1 Y 1 A GLY 398 ? A GLY 398 
360 1 Y 1 A ASP 399 ? A ASP 399 
361 1 Y 1 A ASP 400 ? A ASP 400 
362 1 Y 1 A LYS 401 ? A LYS 401 
363 1 Y 1 A GLN 402 ? A GLN 402 
364 1 Y 1 A ARG 403 ? A ARG 403 
365 1 Y 1 A ILE 404 ? A ILE 404 
366 1 Y 1 A SER 405 ? A SER 405 
367 1 Y 1 A GLN 406 ? A GLN 406 
368 1 Y 1 A GLU 407 ? A GLU 407 
369 1 Y 1 A MET 408 ? A MET 408 
370 1 Y 1 A MET 409 ? A MET 409 
371 1 Y 1 A ALA 410 ? A ALA 410 
372 1 Y 1 A LEU 411 ? A LEU 411 
373 1 Y 1 A TYR 412 ? A TYR 412 
374 1 Y 1 A LYS 413 ? A LYS 413 
375 1 Y 1 A ALA 414 ? A ALA 414 
376 1 Y 1 A GLU 415 ? A GLU 415 
377 1 Y 1 A LYS 416 ? A LYS 416 
378 1 Y 1 A VAL 417 ? A VAL 417 
379 1 Y 1 A ASN 418 ? A ASN 418 
380 1 Y 1 A PRO 419 ? A PRO 419 
381 1 Y 1 A LEU 420 ? A LEU 420 
382 1 Y 1 A GLY 421 ? A GLY 421 
383 1 Y 1 A GLY 422 ? A GLY 422 
384 1 Y 1 A LYS 480 ? A LYS 480 
385 1 Y 1 A MET 481 ? A MET 481 
386 1 Y 1 A SER 482 ? A SER 482 
387 1 Y 1 A PRO 483 ? A PRO 483 
388 1 Y 1 A THR 484 ? A THR 484 
389 1 Y 1 A THR 485 ? A THR 485 
390 1 Y 1 A VAL 486 ? A VAL 486 
391 1 Y 1 A THR 487 ? A THR 487 
392 1 Y 1 A ASP 488 ? A ASP 488 
393 1 Y 1 A PRO 489 ? A PRO 489 
394 1 Y 1 A MET 490 ? A MET 490 
395 1 Y 1 A GLN 491 ? A GLN 491 
396 1 Y 1 A GLN 492 ? A GLN 492 
397 1 Y 1 A GLN 529 ? A GLN 529 
398 1 Y 1 A LEU 530 ? A LEU 530 
399 1 Y 1 A ILE 531 ? A ILE 531 
400 1 Y 1 A TYR 532 ? A TYR 532 
401 1 Y 1 A ARG 533 ? A ARG 533 
402 1 Y 1 A GLY 534 ? A GLY 534 
403 1 Y 1 A LEU 535 ? A LEU 535 
404 1 Y 1 A GLU 536 ? A GLU 536 
405 1 Y 1 A LYS 537 ? A LYS 537 
406 1 Y 1 A ARG 538 ? A ARG 538 
407 1 Y 1 A GLY 539 ? A GLY 539 
408 1 Y 1 A LEU 540 ? A LEU 540 
409 1 Y 1 A LEU 541 ? A LEU 541 
410 1 Y 1 A GLU 542 ? A GLU 542 
411 1 Y 1 A SER 543 ? A SER 543 
412 1 Y 1 A SER 544 ? A SER 544 
413 1 Y 1 A GLY 545 ? A GLY 545 
414 1 Y 1 A GLU 546 ? A GLU 546 
415 1 Y 1 A ASN 547 ? A ASN 547 
416 1 Y 1 A LEU 548 ? A LEU 548 
417 1 Y 1 A TYR 549 ? A TYR 549 
418 1 Y 1 A PHE 550 ? A PHE 550 
419 1 Y 1 A GLN 551 ? A GLN 551 
# 
loop_
_chem_comp_atom.comp_id 
_chem_comp_atom.atom_id 
_chem_comp_atom.type_symbol 
_chem_comp_atom.pdbx_aromatic_flag 
_chem_comp_atom.pdbx_stereo_config 
_chem_comp_atom.pdbx_ordinal 
ALA N    N N N 1   
ALA CA   C N S 2   
ALA C    C N N 3   
ALA O    O N N 4   
ALA CB   C N N 5   
ALA OXT  O N N 6   
ALA H    H N N 7   
ALA H2   H N N 8   
ALA HA   H N N 9   
ALA HB1  H N N 10  
ALA HB2  H N N 11  
ALA HB3  H N N 12  
ALA HXT  H N N 13  
ARG N    N N N 14  
ARG CA   C N S 15  
ARG C    C N N 16  
ARG O    O N N 17  
ARG CB   C N N 18  
ARG CG   C N N 19  
ARG CD   C N N 20  
ARG NE   N N N 21  
ARG CZ   C N N 22  
ARG NH1  N N N 23  
ARG NH2  N N N 24  
ARG OXT  O N N 25  
ARG H    H N N 26  
ARG H2   H N N 27  
ARG HA   H N N 28  
ARG HB2  H N N 29  
ARG HB3  H N N 30  
ARG HG2  H N N 31  
ARG HG3  H N N 32  
ARG HD2  H N N 33  
ARG HD3  H N N 34  
ARG HE   H N N 35  
ARG HH11 H N N 36  
ARG HH12 H N N 37  
ARG HH21 H N N 38  
ARG HH22 H N N 39  
ARG HXT  H N N 40  
ASN N    N N N 41  
ASN CA   C N S 42  
ASN C    C N N 43  
ASN O    O N N 44  
ASN CB   C N N 45  
ASN CG   C N N 46  
ASN OD1  O N N 47  
ASN ND2  N N N 48  
ASN OXT  O N N 49  
ASN H    H N N 50  
ASN H2   H N N 51  
ASN HA   H N N 52  
ASN HB2  H N N 53  
ASN HB3  H N N 54  
ASN HD21 H N N 55  
ASN HD22 H N N 56  
ASN HXT  H N N 57  
ASP N    N N N 58  
ASP CA   C N S 59  
ASP C    C N N 60  
ASP O    O N N 61  
ASP CB   C N N 62  
ASP CG   C N N 63  
ASP OD1  O N N 64  
ASP OD2  O N N 65  
ASP OXT  O N N 66  
ASP H    H N N 67  
ASP H2   H N N 68  
ASP HA   H N N 69  
ASP HB2  H N N 70  
ASP HB3  H N N 71  
ASP HD2  H N N 72  
ASP HXT  H N N 73  
CYS N    N N N 74  
CYS CA   C N R 75  
CYS C    C N N 76  
CYS O    O N N 77  
CYS CB   C N N 78  
CYS SG   S N N 79  
CYS OXT  O N N 80  
CYS H    H N N 81  
CYS H2   H N N 82  
CYS HA   H N N 83  
CYS HB2  H N N 84  
CYS HB3  H N N 85  
CYS HG   H N N 86  
CYS HXT  H N N 87  
GLN N    N N N 88  
GLN CA   C N S 89  
GLN C    C N N 90  
GLN O    O N N 91  
GLN CB   C N N 92  
GLN CG   C N N 93  
GLN CD   C N N 94  
GLN OE1  O N N 95  
GLN NE2  N N N 96  
GLN OXT  O N N 97  
GLN H    H N N 98  
GLN H2   H N N 99  
GLN HA   H N N 100 
GLN HB2  H N N 101 
GLN HB3  H N N 102 
GLN HG2  H N N 103 
GLN HG3  H N N 104 
GLN HE21 H N N 105 
GLN HE22 H N N 106 
GLN HXT  H N N 107 
GLU N    N N N 108 
GLU CA   C N S 109 
GLU C    C N N 110 
GLU O    O N N 111 
GLU CB   C N N 112 
GLU CG   C N N 113 
GLU CD   C N N 114 
GLU OE1  O N N 115 
GLU OE2  O N N 116 
GLU OXT  O N N 117 
GLU H    H N N 118 
GLU H2   H N N 119 
GLU HA   H N N 120 
GLU HB2  H N N 121 
GLU HB3  H N N 122 
GLU HG2  H N N 123 
GLU HG3  H N N 124 
GLU HE2  H N N 125 
GLU HXT  H N N 126 
GLY N    N N N 127 
GLY CA   C N N 128 
GLY C    C N N 129 
GLY O    O N N 130 
GLY OXT  O N N 131 
GLY H    H N N 132 
GLY H2   H N N 133 
GLY HA2  H N N 134 
GLY HA3  H N N 135 
GLY HXT  H N N 136 
HIS N    N N N 137 
HIS CA   C N S 138 
HIS C    C N N 139 
HIS O    O N N 140 
HIS CB   C N N 141 
HIS CG   C Y N 142 
HIS ND1  N Y N 143 
HIS CD2  C Y N 144 
HIS CE1  C Y N 145 
HIS NE2  N Y N 146 
HIS OXT  O N N 147 
HIS H    H N N 148 
HIS H2   H N N 149 
HIS HA   H N N 150 
HIS HB2  H N N 151 
HIS HB3  H N N 152 
HIS HD1  H N N 153 
HIS HD2  H N N 154 
HIS HE1  H N N 155 
HIS HE2  H N N 156 
HIS HXT  H N N 157 
ILE N    N N N 158 
ILE CA   C N S 159 
ILE C    C N N 160 
ILE O    O N N 161 
ILE CB   C N S 162 
ILE CG1  C N N 163 
ILE CG2  C N N 164 
ILE CD1  C N N 165 
ILE OXT  O N N 166 
ILE H    H N N 167 
ILE H2   H N N 168 
ILE HA   H N N 169 
ILE HB   H N N 170 
ILE HG12 H N N 171 
ILE HG13 H N N 172 
ILE HG21 H N N 173 
ILE HG22 H N N 174 
ILE HG23 H N N 175 
ILE HD11 H N N 176 
ILE HD12 H N N 177 
ILE HD13 H N N 178 
ILE HXT  H N N 179 
LEU N    N N N 180 
LEU CA   C N S 181 
LEU C    C N N 182 
LEU O    O N N 183 
LEU CB   C N N 184 
LEU CG   C N N 185 
LEU CD1  C N N 186 
LEU CD2  C N N 187 
LEU OXT  O N N 188 
LEU H    H N N 189 
LEU H2   H N N 190 
LEU HA   H N N 191 
LEU HB2  H N N 192 
LEU HB3  H N N 193 
LEU HG   H N N 194 
LEU HD11 H N N 195 
LEU HD12 H N N 196 
LEU HD13 H N N 197 
LEU HD21 H N N 198 
LEU HD22 H N N 199 
LEU HD23 H N N 200 
LEU HXT  H N N 201 
LYS N    N N N 202 
LYS CA   C N S 203 
LYS C    C N N 204 
LYS O    O N N 205 
LYS CB   C N N 206 
LYS CG   C N N 207 
LYS CD   C N N 208 
LYS CE   C N N 209 
LYS NZ   N N N 210 
LYS OXT  O N N 211 
LYS H    H N N 212 
LYS H2   H N N 213 
LYS HA   H N N 214 
LYS HB2  H N N 215 
LYS HB3  H N N 216 
LYS HG2  H N N 217 
LYS HG3  H N N 218 
LYS HD2  H N N 219 
LYS HD3  H N N 220 
LYS HE2  H N N 221 
LYS HE3  H N N 222 
LYS HZ1  H N N 223 
LYS HZ2  H N N 224 
LYS HZ3  H N N 225 
LYS HXT  H N N 226 
MET N    N N N 227 
MET CA   C N S 228 
MET C    C N N 229 
MET O    O N N 230 
MET CB   C N N 231 
MET CG   C N N 232 
MET SD   S N N 233 
MET CE   C N N 234 
MET OXT  O N N 235 
MET H    H N N 236 
MET H2   H N N 237 
MET HA   H N N 238 
MET HB2  H N N 239 
MET HB3  H N N 240 
MET HG2  H N N 241 
MET HG3  H N N 242 
MET HE1  H N N 243 
MET HE2  H N N 244 
MET HE3  H N N 245 
MET HXT  H N N 246 
PHE N    N N N 247 
PHE CA   C N S 248 
PHE C    C N N 249 
PHE O    O N N 250 
PHE CB   C N N 251 
PHE CG   C Y N 252 
PHE CD1  C Y N 253 
PHE CD2  C Y N 254 
PHE CE1  C Y N 255 
PHE CE2  C Y N 256 
PHE CZ   C Y N 257 
PHE OXT  O N N 258 
PHE H    H N N 259 
PHE H2   H N N 260 
PHE HA   H N N 261 
PHE HB2  H N N 262 
PHE HB3  H N N 263 
PHE HD1  H N N 264 
PHE HD2  H N N 265 
PHE HE1  H N N 266 
PHE HE2  H N N 267 
PHE HZ   H N N 268 
PHE HXT  H N N 269 
PRO N    N N N 270 
PRO CA   C N S 271 
PRO C    C N N 272 
PRO O    O N N 273 
PRO CB   C N N 274 
PRO CG   C N N 275 
PRO CD   C N N 276 
PRO OXT  O N N 277 
PRO H    H N N 278 
PRO HA   H N N 279 
PRO HB2  H N N 280 
PRO HB3  H N N 281 
PRO HG2  H N N 282 
PRO HG3  H N N 283 
PRO HD2  H N N 284 
PRO HD3  H N N 285 
PRO HXT  H N N 286 
SER N    N N N 287 
SER CA   C N S 288 
SER C    C N N 289 
SER O    O N N 290 
SER CB   C N N 291 
SER OG   O N N 292 
SER OXT  O N N 293 
SER H    H N N 294 
SER H2   H N N 295 
SER HA   H N N 296 
SER HB2  H N N 297 
SER HB3  H N N 298 
SER HG   H N N 299 
SER HXT  H N N 300 
THR N    N N N 301 
THR CA   C N S 302 
THR C    C N N 303 
THR O    O N N 304 
THR CB   C N R 305 
THR OG1  O N N 306 
THR CG2  C N N 307 
THR OXT  O N N 308 
THR H    H N N 309 
THR H2   H N N 310 
THR HA   H N N 311 
THR HB   H N N 312 
THR HG1  H N N 313 
THR HG21 H N N 314 
THR HG22 H N N 315 
THR HG23 H N N 316 
THR HXT  H N N 317 
TRP N    N N N 318 
TRP CA   C N S 319 
TRP C    C N N 320 
TRP O    O N N 321 
TRP CB   C N N 322 
TRP CG   C Y N 323 
TRP CD1  C Y N 324 
TRP CD2  C Y N 325 
TRP NE1  N Y N 326 
TRP CE2  C Y N 327 
TRP CE3  C Y N 328 
TRP CZ2  C Y N 329 
TRP CZ3  C Y N 330 
TRP CH2  C Y N 331 
TRP OXT  O N N 332 
TRP H    H N N 333 
TRP H2   H N N 334 
TRP HA   H N N 335 
TRP HB2  H N N 336 
TRP HB3  H N N 337 
TRP HD1  H N N 338 
TRP HE1  H N N 339 
TRP HE3  H N N 340 
TRP HZ2  H N N 341 
TRP HZ3  H N N 342 
TRP HH2  H N N 343 
TRP HXT  H N N 344 
TYR N    N N N 345 
TYR CA   C N S 346 
TYR C    C N N 347 
TYR O    O N N 348 
TYR CB   C N N 349 
TYR CG   C Y N 350 
TYR CD1  C Y N 351 
TYR CD2  C Y N 352 
TYR CE1  C Y N 353 
TYR CE2  C Y N 354 
TYR CZ   C Y N 355 
TYR OH   O N N 356 
TYR OXT  O N N 357 
TYR H    H N N 358 
TYR H2   H N N 359 
TYR HA   H N N 360 
TYR HB2  H N N 361 
TYR HB3  H N N 362 
TYR HD1  H N N 363 
TYR HD2  H N N 364 
TYR HE1  H N N 365 
TYR HE2  H N N 366 
TYR HH   H N N 367 
TYR HXT  H N N 368 
VAL N    N N N 369 
VAL CA   C N S 370 
VAL C    C N N 371 
VAL O    O N N 372 
VAL CB   C N N 373 
VAL CG1  C N N 374 
VAL CG2  C N N 375 
VAL OXT  O N N 376 
VAL H    H N N 377 
VAL H2   H N N 378 
VAL HA   H N N 379 
VAL HB   H N N 380 
VAL HG11 H N N 381 
VAL HG12 H N N 382 
VAL HG13 H N N 383 
VAL HG21 H N N 384 
VAL HG22 H N N 385 
VAL HG23 H N N 386 
VAL HXT  H N N 387 
# 
loop_
_chem_comp_bond.comp_id 
_chem_comp_bond.atom_id_1 
_chem_comp_bond.atom_id_2 
_chem_comp_bond.value_order 
_chem_comp_bond.pdbx_aromatic_flag 
_chem_comp_bond.pdbx_stereo_config 
_chem_comp_bond.pdbx_ordinal 
ALA N   CA   sing N N 1   
ALA N   H    sing N N 2   
ALA N   H2   sing N N 3   
ALA CA  C    sing N N 4   
ALA CA  CB   sing N N 5   
ALA CA  HA   sing N N 6   
ALA C   O    doub N N 7   
ALA C   OXT  sing N N 8   
ALA CB  HB1  sing N N 9   
ALA CB  HB2  sing N N 10  
ALA CB  HB3  sing N N 11  
ALA OXT HXT  sing N N 12  
ARG N   CA   sing N N 13  
ARG N   H    sing N N 14  
ARG N   H2   sing N N 15  
ARG CA  C    sing N N 16  
ARG CA  CB   sing N N 17  
ARG CA  HA   sing N N 18  
ARG C   O    doub N N 19  
ARG C   OXT  sing N N 20  
ARG CB  CG   sing N N 21  
ARG CB  HB2  sing N N 22  
ARG CB  HB3  sing N N 23  
ARG CG  CD   sing N N 24  
ARG CG  HG2  sing N N 25  
ARG CG  HG3  sing N N 26  
ARG CD  NE   sing N N 27  
ARG CD  HD2  sing N N 28  
ARG CD  HD3  sing N N 29  
ARG NE  CZ   sing N N 30  
ARG NE  HE   sing N N 31  
ARG CZ  NH1  sing N N 32  
ARG CZ  NH2  doub N N 33  
ARG NH1 HH11 sing N N 34  
ARG NH1 HH12 sing N N 35  
ARG NH2 HH21 sing N N 36  
ARG NH2 HH22 sing N N 37  
ARG OXT HXT  sing N N 38  
ASN N   CA   sing N N 39  
ASN N   H    sing N N 40  
ASN N   H2   sing N N 41  
ASN CA  C    sing N N 42  
ASN CA  CB   sing N N 43  
ASN CA  HA   sing N N 44  
ASN C   O    doub N N 45  
ASN C   OXT  sing N N 46  
ASN CB  CG   sing N N 47  
ASN CB  HB2  sing N N 48  
ASN CB  HB3  sing N N 49  
ASN CG  OD1  doub N N 50  
ASN CG  ND2  sing N N 51  
ASN ND2 HD21 sing N N 52  
ASN ND2 HD22 sing N N 53  
ASN OXT HXT  sing N N 54  
ASP N   CA   sing N N 55  
ASP N   H    sing N N 56  
ASP N   H2   sing N N 57  
ASP CA  C    sing N N 58  
ASP CA  CB   sing N N 59  
ASP CA  HA   sing N N 60  
ASP C   O    doub N N 61  
ASP C   OXT  sing N N 62  
ASP CB  CG   sing N N 63  
ASP CB  HB2  sing N N 64  
ASP CB  HB3  sing N N 65  
ASP CG  OD1  doub N N 66  
ASP CG  OD2  sing N N 67  
ASP OD2 HD2  sing N N 68  
ASP OXT HXT  sing N N 69  
CYS N   CA   sing N N 70  
CYS N   H    sing N N 71  
CYS N   H2   sing N N 72  
CYS CA  C    sing N N 73  
CYS CA  CB   sing N N 74  
CYS CA  HA   sing N N 75  
CYS C   O    doub N N 76  
CYS C   OXT  sing N N 77  
CYS CB  SG   sing N N 78  
CYS CB  HB2  sing N N 79  
CYS CB  HB3  sing N N 80  
CYS SG  HG   sing N N 81  
CYS OXT HXT  sing N N 82  
GLN N   CA   sing N N 83  
GLN N   H    sing N N 84  
GLN N   H2   sing N N 85  
GLN CA  C    sing N N 86  
GLN CA  CB   sing N N 87  
GLN CA  HA   sing N N 88  
GLN C   O    doub N N 89  
GLN C   OXT  sing N N 90  
GLN CB  CG   sing N N 91  
GLN CB  HB2  sing N N 92  
GLN CB  HB3  sing N N 93  
GLN CG  CD   sing N N 94  
GLN CG  HG2  sing N N 95  
GLN CG  HG3  sing N N 96  
GLN CD  OE1  doub N N 97  
GLN CD  NE2  sing N N 98  
GLN NE2 HE21 sing N N 99  
GLN NE2 HE22 sing N N 100 
GLN OXT HXT  sing N N 101 
GLU N   CA   sing N N 102 
GLU N   H    sing N N 103 
GLU N   H2   sing N N 104 
GLU CA  C    sing N N 105 
GLU CA  CB   sing N N 106 
GLU CA  HA   sing N N 107 
GLU C   O    doub N N 108 
GLU C   OXT  sing N N 109 
GLU CB  CG   sing N N 110 
GLU CB  HB2  sing N N 111 
GLU CB  HB3  sing N N 112 
GLU CG  CD   sing N N 113 
GLU CG  HG2  sing N N 114 
GLU CG  HG3  sing N N 115 
GLU CD  OE1  doub N N 116 
GLU CD  OE2  sing N N 117 
GLU OE2 HE2  sing N N 118 
GLU OXT HXT  sing N N 119 
GLY N   CA   sing N N 120 
GLY N   H    sing N N 121 
GLY N   H2   sing N N 122 
GLY CA  C    sing N N 123 
GLY CA  HA2  sing N N 124 
GLY CA  HA3  sing N N 125 
GLY C   O    doub N N 126 
GLY C   OXT  sing N N 127 
GLY OXT HXT  sing N N 128 
HIS N   CA   sing N N 129 
HIS N   H    sing N N 130 
HIS N   H2   sing N N 131 
HIS CA  C    sing N N 132 
HIS CA  CB   sing N N 133 
HIS CA  HA   sing N N 134 
HIS C   O    doub N N 135 
HIS C   OXT  sing N N 136 
HIS CB  CG   sing N N 137 
HIS CB  HB2  sing N N 138 
HIS CB  HB3  sing N N 139 
HIS CG  ND1  sing Y N 140 
HIS CG  CD2  doub Y N 141 
HIS ND1 CE1  doub Y N 142 
HIS ND1 HD1  sing N N 143 
HIS CD2 NE2  sing Y N 144 
HIS CD2 HD2  sing N N 145 
HIS CE1 NE2  sing Y N 146 
HIS CE1 HE1  sing N N 147 
HIS NE2 HE2  sing N N 148 
HIS OXT HXT  sing N N 149 
ILE N   CA   sing N N 150 
ILE N   H    sing N N 151 
ILE N   H2   sing N N 152 
ILE CA  C    sing N N 153 
ILE CA  CB   sing N N 154 
ILE CA  HA   sing N N 155 
ILE C   O    doub N N 156 
ILE C   OXT  sing N N 157 
ILE CB  CG1  sing N N 158 
ILE CB  CG2  sing N N 159 
ILE CB  HB   sing N N 160 
ILE CG1 CD1  sing N N 161 
ILE CG1 HG12 sing N N 162 
ILE CG1 HG13 sing N N 163 
ILE CG2 HG21 sing N N 164 
ILE CG2 HG22 sing N N 165 
ILE CG2 HG23 sing N N 166 
ILE CD1 HD11 sing N N 167 
ILE CD1 HD12 sing N N 168 
ILE CD1 HD13 sing N N 169 
ILE OXT HXT  sing N N 170 
LEU N   CA   sing N N 171 
LEU N   H    sing N N 172 
LEU N   H2   sing N N 173 
LEU CA  C    sing N N 174 
LEU CA  CB   sing N N 175 
LEU CA  HA   sing N N 176 
LEU C   O    doub N N 177 
LEU C   OXT  sing N N 178 
LEU CB  CG   sing N N 179 
LEU CB  HB2  sing N N 180 
LEU CB  HB3  sing N N 181 
LEU CG  CD1  sing N N 182 
LEU CG  CD2  sing N N 183 
LEU CG  HG   sing N N 184 
LEU CD1 HD11 sing N N 185 
LEU CD1 HD12 sing N N 186 
LEU CD1 HD13 sing N N 187 
LEU CD2 HD21 sing N N 188 
LEU CD2 HD22 sing N N 189 
LEU CD2 HD23 sing N N 190 
LEU OXT HXT  sing N N 191 
LYS N   CA   sing N N 192 
LYS N   H    sing N N 193 
LYS N   H2   sing N N 194 
LYS CA  C    sing N N 195 
LYS CA  CB   sing N N 196 
LYS CA  HA   sing N N 197 
LYS C   O    doub N N 198 
LYS C   OXT  sing N N 199 
LYS CB  CG   sing N N 200 
LYS CB  HB2  sing N N 201 
LYS CB  HB3  sing N N 202 
LYS CG  CD   sing N N 203 
LYS CG  HG2  sing N N 204 
LYS CG  HG3  sing N N 205 
LYS CD  CE   sing N N 206 
LYS CD  HD2  sing N N 207 
LYS CD  HD3  sing N N 208 
LYS CE  NZ   sing N N 209 
LYS CE  HE2  sing N N 210 
LYS CE  HE3  sing N N 211 
LYS NZ  HZ1  sing N N 212 
LYS NZ  HZ2  sing N N 213 
LYS NZ  HZ3  sing N N 214 
LYS OXT HXT  sing N N 215 
MET N   CA   sing N N 216 
MET N   H    sing N N 217 
MET N   H2   sing N N 218 
MET CA  C    sing N N 219 
MET CA  CB   sing N N 220 
MET CA  HA   sing N N 221 
MET C   O    doub N N 222 
MET C   OXT  sing N N 223 
MET CB  CG   sing N N 224 
MET CB  HB2  sing N N 225 
MET CB  HB3  sing N N 226 
MET CG  SD   sing N N 227 
MET CG  HG2  sing N N 228 
MET CG  HG3  sing N N 229 
MET SD  CE   sing N N 230 
MET CE  HE1  sing N N 231 
MET CE  HE2  sing N N 232 
MET CE  HE3  sing N N 233 
MET OXT HXT  sing N N 234 
PHE N   CA   sing N N 235 
PHE N   H    sing N N 236 
PHE N   H2   sing N N 237 
PHE CA  C    sing N N 238 
PHE CA  CB   sing N N 239 
PHE CA  HA   sing N N 240 
PHE C   O    doub N N 241 
PHE C   OXT  sing N N 242 
PHE CB  CG   sing N N 243 
PHE CB  HB2  sing N N 244 
PHE CB  HB3  sing N N 245 
PHE CG  CD1  doub Y N 246 
PHE CG  CD2  sing Y N 247 
PHE CD1 CE1  sing Y N 248 
PHE CD1 HD1  sing N N 249 
PHE CD2 CE2  doub Y N 250 
PHE CD2 HD2  sing N N 251 
PHE CE1 CZ   doub Y N 252 
PHE CE1 HE1  sing N N 253 
PHE CE2 CZ   sing Y N 254 
PHE CE2 HE2  sing N N 255 
PHE CZ  HZ   sing N N 256 
PHE OXT HXT  sing N N 257 
PRO N   CA   sing N N 258 
PRO N   CD   sing N N 259 
PRO N   H    sing N N 260 
PRO CA  C    sing N N 261 
PRO CA  CB   sing N N 262 
PRO CA  HA   sing N N 263 
PRO C   O    doub N N 264 
PRO C   OXT  sing N N 265 
PRO CB  CG   sing N N 266 
PRO CB  HB2  sing N N 267 
PRO CB  HB3  sing N N 268 
PRO CG  CD   sing N N 269 
PRO CG  HG2  sing N N 270 
PRO CG  HG3  sing N N 271 
PRO CD  HD2  sing N N 272 
PRO CD  HD3  sing N N 273 
PRO OXT HXT  sing N N 274 
SER N   CA   sing N N 275 
SER N   H    sing N N 276 
SER N   H2   sing N N 277 
SER CA  C    sing N N 278 
SER CA  CB   sing N N 279 
SER CA  HA   sing N N 280 
SER C   O    doub N N 281 
SER C   OXT  sing N N 282 
SER CB  OG   sing N N 283 
SER CB  HB2  sing N N 284 
SER CB  HB3  sing N N 285 
SER OG  HG   sing N N 286 
SER OXT HXT  sing N N 287 
THR N   CA   sing N N 288 
THR N   H    sing N N 289 
THR N   H2   sing N N 290 
THR CA  C    sing N N 291 
THR CA  CB   sing N N 292 
THR CA  HA   sing N N 293 
THR C   O    doub N N 294 
THR C   OXT  sing N N 295 
THR CB  OG1  sing N N 296 
THR CB  CG2  sing N N 297 
THR CB  HB   sing N N 298 
THR OG1 HG1  sing N N 299 
THR CG2 HG21 sing N N 300 
THR CG2 HG22 sing N N 301 
THR CG2 HG23 sing N N 302 
THR OXT HXT  sing N N 303 
TRP N   CA   sing N N 304 
TRP N   H    sing N N 305 
TRP N   H2   sing N N 306 
TRP CA  C    sing N N 307 
TRP CA  CB   sing N N 308 
TRP CA  HA   sing N N 309 
TRP C   O    doub N N 310 
TRP C   OXT  sing N N 311 
TRP CB  CG   sing N N 312 
TRP CB  HB2  sing N N 313 
TRP CB  HB3  sing N N 314 
TRP CG  CD1  doub Y N 315 
TRP CG  CD2  sing Y N 316 
TRP CD1 NE1  sing Y N 317 
TRP CD1 HD1  sing N N 318 
TRP CD2 CE2  doub Y N 319 
TRP CD2 CE3  sing Y N 320 
TRP NE1 CE2  sing Y N 321 
TRP NE1 HE1  sing N N 322 
TRP CE2 CZ2  sing Y N 323 
TRP CE3 CZ3  doub Y N 324 
TRP CE3 HE3  sing N N 325 
TRP CZ2 CH2  doub Y N 326 
TRP CZ2 HZ2  sing N N 327 
TRP CZ3 CH2  sing Y N 328 
TRP CZ3 HZ3  sing N N 329 
TRP CH2 HH2  sing N N 330 
TRP OXT HXT  sing N N 331 
TYR N   CA   sing N N 332 
TYR N   H    sing N N 333 
TYR N   H2   sing N N 334 
TYR CA  C    sing N N 335 
TYR CA  CB   sing N N 336 
TYR CA  HA   sing N N 337 
TYR C   O    doub N N 338 
TYR C   OXT  sing N N 339 
TYR CB  CG   sing N N 340 
TYR CB  HB2  sing N N 341 
TYR CB  HB3  sing N N 342 
TYR CG  CD1  doub Y N 343 
TYR CG  CD2  sing Y N 344 
TYR CD1 CE1  sing Y N 345 
TYR CD1 HD1  sing N N 346 
TYR CD2 CE2  doub Y N 347 
TYR CD2 HD2  sing N N 348 
TYR CE1 CZ   doub Y N 349 
TYR CE1 HE1  sing N N 350 
TYR CE2 CZ   sing Y N 351 
TYR CE2 HE2  sing N N 352 
TYR CZ  OH   sing N N 353 
TYR OH  HH   sing N N 354 
TYR OXT HXT  sing N N 355 
VAL N   CA   sing N N 356 
VAL N   H    sing N N 357 
VAL N   H2   sing N N 358 
VAL CA  C    sing N N 359 
VAL CA  CB   sing N N 360 
VAL CA  HA   sing N N 361 
VAL C   O    doub N N 362 
VAL C   OXT  sing N N 363 
VAL CB  CG1  sing N N 364 
VAL CB  CG2  sing N N 365 
VAL CB  HB   sing N N 366 
VAL CG1 HG11 sing N N 367 
VAL CG1 HG12 sing N N 368 
VAL CG1 HG13 sing N N 369 
VAL CG2 HG21 sing N N 370 
VAL CG2 HG22 sing N N 371 
VAL CG2 HG23 sing N N 372 
VAL OXT HXT  sing N N 373 
# 
_em_ctf_correction.id                       1 
_em_ctf_correction.em_image_processing_id   1 
_em_ctf_correction.type                     NONE 
_em_ctf_correction.details                  ? 
# 
_em_entity_assembly_naturalsource.id                   2 
_em_entity_assembly_naturalsource.entity_assembly_id   1 
_em_entity_assembly_naturalsource.cell                 ? 
_em_entity_assembly_naturalsource.cellular_location    ? 
_em_entity_assembly_naturalsource.ncbi_tax_id          562 
_em_entity_assembly_naturalsource.organ                ? 
_em_entity_assembly_naturalsource.organelle            ? 
_em_entity_assembly_naturalsource.organism             'Escherichia coli' 
_em_entity_assembly_naturalsource.strain               ? 
_em_entity_assembly_naturalsource.tissue               ? 
# 
_em_entity_assembly_recombinant.id                   2 
_em_entity_assembly_recombinant.entity_assembly_id   1 
_em_entity_assembly_recombinant.cell                 ? 
_em_entity_assembly_recombinant.ncbi_tax_id          562 
_em_entity_assembly_recombinant.organism             'Escherichia coli' 
_em_entity_assembly_recombinant.plasmid              pTrc99A-YidC 
_em_entity_assembly_recombinant.strain               ? 
# 
_em_image_processing.id                   1 
_em_image_processing.image_recording_id   1 
_em_image_processing.details              ? 
# 
_em_image_recording.id                            1 
_em_image_recording.imaging_id                    1 
_em_image_recording.avg_electron_dose_per_image   27 
_em_image_recording.average_exposure_time         ? 
_em_image_recording.details                       ? 
_em_image_recording.detector_mode                 ? 
_em_image_recording.film_or_detector_model        'FEI FALCON II (4k x 4k)' 
_em_image_recording.num_diffraction_images        ? 
_em_image_recording.num_grids_imaged              ? 
_em_image_recording.num_real_images               ? 
# 
loop_
_em_software.id 
_em_software.category 
_em_software.details 
_em_software.name 
_em_software.version 
_em_software.image_processing_id 
_em_software.fitting_id 
_em_software.imaging_id 
1  'PARTICLE SELECTION'       ? ?       ? 1 ? ? 
2  'IMAGE ACQUISITION'        ? ?       ? ? ? 1 
3  MASKING                    ? ?       ? ? ? ? 
4  'CTF CORRECTION'           ? CTFFIND 4 1 ? ? 
5  'LAYERLINE INDEXING'       ? ?       ? ? ? ? 
6  'DIFFRACTION INDEXING'     ? ?       ? ? ? ? 
7  'MODEL FITTING'            ? ?       ? ? ? ? 
8  'MODEL REFINEMENT'         ? ?       ? ? ? ? 
9  OTHER                      ? ?       ? ? ? ? 
10 'INITIAL EULER ASSIGNMENT' ? ?       ? 1 ? ? 
11 'FINAL EULER ASSIGNMENT'   ? ?       ? 1 ? ? 
12 CLASSIFICATION             ? ?       ? 1 ? ? 
13 RECONSTRUCTION             ? ?       ? 1 ? ? 
# 
_em_specimen.id                      1 
_em_specimen.experiment_id           1 
_em_specimen.concentration           ? 
_em_specimen.details                 ? 
_em_specimen.embedding_applied       NO 
_em_specimen.shadowing_applied       NO 
_em_specimen.staining_applied        NO 
_em_specimen.vitrification_applied   YES 
# 
loop_
_pdbx_audit_support.funding_organization 
_pdbx_audit_support.country 
_pdbx_audit_support.grant_number 
_pdbx_audit_support.ordinal 
'European Research Council'  Germany 
;ERC-2011-ADG "CRYOTRANSLATION"
;
1 
'German Research Foundation' Germany 'KE 1879/3-1'                    2 
# 
_atom_sites.entry_id                    5M5H 
_atom_sites.fract_transf_matrix[1][1]   1.000000 
_atom_sites.fract_transf_matrix[1][2]   0.000000 
_atom_sites.fract_transf_matrix[1][3]   0.000000 
_atom_sites.fract_transf_matrix[2][1]   0.000000 
_atom_sites.fract_transf_matrix[2][2]   1.000000 
_atom_sites.fract_transf_matrix[2][3]   0.000000 
_atom_sites.fract_transf_matrix[3][1]   0.000000 
_atom_sites.fract_transf_matrix[3][2]   0.000000 
_atom_sites.fract_transf_matrix[3][3]   1.000000 
_atom_sites.fract_transf_vector[1]      0.00000 
_atom_sites.fract_transf_vector[2]      0.00000 
_atom_sites.fract_transf_vector[3]      0.00000 
# 
loop_
_atom_type.symbol 
C 
N 
O 
S 
# 
loop_
_atom_site.group_PDB 
_atom_site.id 
_atom_site.type_symbol 
_atom_site.label_atom_id 
_atom_site.label_alt_id 
_atom_site.label_comp_id 
_atom_site.label_asym_id 
_atom_site.label_entity_id 
_atom_site.label_seq_id 
_atom_site.pdbx_PDB_ins_code 
_atom_site.Cartn_x 
_atom_site.Cartn_y 
_atom_site.Cartn_z 
_atom_site.occupancy 
_atom_site.B_iso_or_equiv 
_atom_site.pdbx_formal_charge 
_atom_site.auth_seq_id 
_atom_site.auth_comp_id 
_atom_site.auth_asym_id 
_atom_site.auth_atom_id 
_atom_site.pdbx_PDB_model_num 
ATOM 1    N N   . LEU A 1 333 ? 7.379   -12.811 0.559   1.00 53.50 ? 333 LEU A N   1 
ATOM 2    C CA  . LEU A 1 333 ? 7.973   -12.224 1.750   1.00 58.36 ? 333 LEU A CA  1 
ATOM 3    C C   . LEU A 1 333 ? 9.403   -12.728 1.802   1.00 57.29 ? 333 LEU A C   1 
ATOM 4    O O   . LEU A 1 333 ? 9.762   -13.472 2.713   1.00 56.23 ? 333 LEU A O   1 
ATOM 5    C CB  . LEU A 1 333 ? 7.209   -12.633 3.005   1.00 51.45 ? 333 LEU A CB  1 
ATOM 6    C CG  . LEU A 1 333 ? 5.788   -12.093 3.191   1.00 53.51 ? 333 LEU A CG  1 
ATOM 7    C CD1 . LEU A 1 333 ? 5.759   -10.624 2.833   1.00 49.06 ? 333 LEU A CD1 1 
ATOM 8    C CD2 . LEU A 1 333 ? 4.754   -12.850 2.345   1.00 54.63 ? 333 LEU A CD2 1 
ATOM 9    N N   . TRP A 1 334 ? 10.229  -12.338 0.824   1.00 55.82 ? 334 TRP A N   1 
ATOM 10   C CA  . TRP A 1 334 ? 11.319  -13.248 0.506   1.00 57.25 ? 334 TRP A CA  1 
ATOM 11   C C   . TRP A 1 334 ? 12.717  -12.657 0.708   1.00 58.12 ? 334 TRP A C   1 
ATOM 12   O O   . TRP A 1 334 ? 13.274  -12.812 1.801   1.00 49.92 ? 334 TRP A O   1 
ATOM 13   C CB  . TRP A 1 334 ? 11.054  -13.743 -0.922  1.00 76.07 ? 334 TRP A CB  1 
ATOM 14   C CG  . TRP A 1 334 ? 11.825  -14.926 -1.392  1.00 80.22 ? 334 TRP A CG  1 
ATOM 15   C CD1 . TRP A 1 334 ? 12.530  -15.044 -2.552  1.00 67.33 ? 334 TRP A CD1 1 
ATOM 16   C CD2 . TRP A 1 334 ? 12.015  -16.148 -0.680  1.00 68.56 ? 334 TRP A CD2 1 
ATOM 17   N NE1 . TRP A 1 334 ? 13.101  -16.287 -2.634  1.00 70.49 ? 334 TRP A NE1 1 
ATOM 18   C CE2 . TRP A 1 334 ? 12.814  -16.980 -1.489  1.00 64.45 ? 334 TRP A CE2 1 
ATOM 19   C CE3 . TRP A 1 334 ? 11.581  -16.624 0.565   1.00 64.15 ? 334 TRP A CE3 1 
ATOM 20   C CZ2 . TRP A 1 334 ? 13.190  -18.264 -1.096  1.00 60.65 ? 334 TRP A CZ2 1 
ATOM 21   C CZ3 . TRP A 1 334 ? 11.951  -17.898 0.953   1.00 66.01 ? 334 TRP A CZ3 1 
ATOM 22   C CH2 . TRP A 1 334 ? 12.746  -18.705 0.123   1.00 58.18 ? 334 TRP A CH2 1 
ATOM 23   N N   . PHE A 1 335 ? 13.312  -11.962 -0.267  1.00 53.81 ? 335 PHE A N   1 
ATOM 24   C CA  . PHE A 1 335 ? 14.602  -11.378 0.105   1.00 46.91 ? 335 PHE A CA  1 
ATOM 25   C C   . PHE A 1 335 ? 14.583  -9.858  0.220   1.00 48.44 ? 335 PHE A C   1 
ATOM 26   O O   . PHE A 1 335 ? 15.554  -9.290  0.735   1.00 60.34 ? 335 PHE A O   1 
ATOM 27   C CB  . PHE A 1 335 ? 15.713  -11.862 -0.851  1.00 50.82 ? 335 PHE A CB  1 
ATOM 28   C CG  . PHE A 1 335 ? 15.567  -11.439 -2.296  1.00 59.96 ? 335 PHE A CG  1 
ATOM 29   C CD1 . PHE A 1 335 ? 16.256  -10.338 -2.783  1.00 59.14 ? 335 PHE A CD1 1 
ATOM 30   C CD2 . PHE A 1 335 ? 14.794  -12.174 -3.184  1.00 63.28 ? 335 PHE A CD2 1 
ATOM 31   C CE1 . PHE A 1 335 ? 16.159  -9.961  -4.129  1.00 60.10 ? 335 PHE A CE1 1 
ATOM 32   C CE2 . PHE A 1 335 ? 14.682  -11.796 -4.530  1.00 61.03 ? 335 PHE A CE2 1 
ATOM 33   C CZ  . PHE A 1 335 ? 15.361  -10.694 -4.998  1.00 58.85 ? 335 PHE A CZ  1 
ATOM 34   N N   . ILE A 1 336 ? 13.525  -9.189  -0.228  1.00 50.58 ? 336 ILE A N   1 
ATOM 35   C CA  . ILE A 1 336 ? 13.483  -7.730  -0.203  1.00 43.77 ? 336 ILE A CA  1 
ATOM 36   C C   . ILE A 1 336 ? 12.550  -7.235  0.901   1.00 37.92 ? 336 ILE A C   1 
ATOM 37   O O   . ILE A 1 336 ? 12.341  -6.029  1.071   1.00 32.11 ? 336 ILE A O   1 
ATOM 38   C CB  . ILE A 1 336 ? 13.096  -7.194  -1.595  1.00 45.04 ? 336 ILE A CB  1 
ATOM 39   C CG1 . ILE A 1 336 ? 14.016  -7.841  -2.620  1.00 54.26 ? 336 ILE A CG1 1 
ATOM 40   C CG2 . ILE A 1 336 ? 13.391  -5.728  -1.692  1.00 38.72 ? 336 ILE A CG2 1 
ATOM 41   C CD1 . ILE A 1 336 ? 13.763  -7.522  -4.047  1.00 59.77 ? 336 ILE A CD1 1 
ATOM 42   N N   . SER A 1 337 ? 11.977  -8.162  1.664   1.00 39.71 ? 337 SER A N   1 
ATOM 43   C CA  . SER A 1 337 ? 10.808  -7.827  2.472   1.00 33.79 ? 337 SER A CA  1 
ATOM 44   C C   . SER A 1 337 ? 11.183  -7.349  3.874   1.00 30.90 ? 337 SER A C   1 
ATOM 45   O O   . SER A 1 337 ? 11.023  -6.164  4.208   1.00 32.92 ? 337 SER A O   1 
ATOM 46   C CB  . SER A 1 337 ? 9.896   -9.051  2.562   1.00 34.18 ? 337 SER A CB  1 
ATOM 47   O OG  . SER A 1 337 ? 9.532   -9.493  1.270   1.00 34.94 ? 337 SER A OG  1 
ATOM 48   N N   . GLN A 1 338 ? 11.676  -8.269  4.696   1.00 32.59 ? 338 GLN A N   1 
ATOM 49   C CA  . GLN A 1 338 ? 11.929  -7.992  6.106   1.00 36.14 ? 338 GLN A CA  1 
ATOM 50   C C   . GLN A 1 338 ? 12.880  -6.815  6.347   1.00 35.57 ? 338 GLN A C   1 
ATOM 51   O O   . GLN A 1 338 ? 12.611  -6.018  7.264   1.00 34.32 ? 338 GLN A O   1 
ATOM 52   C CB  . GLN A 1 338 ? 12.419  -9.294  6.754   1.00 49.85 ? 338 GLN A CB  1 
ATOM 53   C CG  . GLN A 1 338 ? 12.484  -9.338  8.281   1.00 43.16 ? 338 GLN A CG  1 
ATOM 54   C CD  . GLN A 1 338 ? 12.720  -10.758 8.790   1.00 48.32 ? 338 GLN A CD  1 
ATOM 55   O OE1 . GLN A 1 338 ? 12.767  -11.706 8.007   1.00 44.16 ? 338 GLN A OE1 1 
ATOM 56   N NE2 . GLN A 1 338 ? 12.849  -10.909 10.097  1.00 59.16 ? 338 GLN A NE2 1 
ATOM 57   N N   . PRO A 1 339 ? 13.979  -6.636  5.589   1.00 38.44 ? 339 PRO A N   1 
ATOM 58   C CA  . PRO A 1 339 ? 14.879  -5.515  5.920   1.00 36.70 ? 339 PRO A CA  1 
ATOM 59   C C   . PRO A 1 339 ? 14.260  -4.152  5.644   1.00 29.08 ? 339 PRO A C   1 
ATOM 60   O O   . PRO A 1 339 ? 14.482  -3.206  6.412   1.00 24.14 ? 339 PRO A O   1 
ATOM 61   C CB  . PRO A 1 339 ? 16.103  -5.770  5.028   1.00 34.61 ? 339 PRO A CB  1 
ATOM 62   C CG  . PRO A 1 339 ? 15.979  -7.202  4.572   1.00 44.69 ? 339 PRO A CG  1 
ATOM 63   C CD  . PRO A 1 339 ? 14.507  -7.409  4.451   1.00 40.72 ? 339 PRO A CD  1 
ATOM 64   N N   . LEU A 1 340 ? 13.494  -4.018  4.558   1.00 26.16 ? 340 LEU A N   1 
ATOM 65   C CA  . LEU A 1 340 ? 12.845  -2.741  4.283   1.00 23.36 ? 340 LEU A CA  1 
ATOM 66   C C   . LEU A 1 340 ? 11.656  -2.551  5.223   1.00 23.30 ? 340 LEU A C   1 
ATOM 67   O O   . LEU A 1 340 ? 11.195  -1.424  5.457   1.00 24.66 ? 340 LEU A O   1 
ATOM 68   C CB  . LEU A 1 340 ? 12.429  -2.670  2.809   1.00 20.41 ? 340 LEU A CB  1 
ATOM 69   C CG  . LEU A 1 340 ? 13.488  -2.982  1.727   1.00 19.95 ? 340 LEU A CG  1 
ATOM 70   C CD1 . LEU A 1 340 ? 12.907  -2.821  0.340   1.00 17.84 ? 340 LEU A CD1 1 
ATOM 71   C CD2 . LEU A 1 340 ? 14.785  -2.204  1.867   1.00 19.89 ? 340 LEU A CD2 1 
ATOM 72   N N   . PHE A 1 341 ? 11.166  -3.654  5.798   1.00 22.51 ? 341 PHE A N   1 
ATOM 73   C CA  . PHE A 1 341 ? 10.345  -3.542  6.997   1.00 28.19 ? 341 PHE A CA  1 
ATOM 74   C C   . PHE A 1 341 ? 11.153  -2.984  8.164   1.00 33.61 ? 341 PHE A C   1 
ATOM 75   O O   . PHE A 1 341 ? 10.595  -2.360  9.074   1.00 33.43 ? 341 PHE A O   1 
ATOM 76   C CB  . PHE A 1 341 ? 9.739   -4.898  7.353   1.00 26.24 ? 341 PHE A CB  1 
ATOM 77   C CG  . PHE A 1 341 ? 9.093   -4.932  8.713   1.00 23.41 ? 341 PHE A CG  1 
ATOM 78   C CD1 . PHE A 1 341 ? 7.838   -4.391  8.918   1.00 17.80 ? 341 PHE A CD1 1 
ATOM 79   C CD2 . PHE A 1 341 ? 9.757   -5.485  9.795   1.00 28.67 ? 341 PHE A CD2 1 
ATOM 80   C CE1 . PHE A 1 341 ? 7.254   -4.411  10.159  1.00 23.89 ? 341 PHE A CE1 1 
ATOM 81   C CE2 . PHE A 1 341 ? 9.166   -5.509  11.045  1.00 37.86 ? 341 PHE A CE2 1 
ATOM 82   C CZ  . PHE A 1 341 ? 7.911   -4.972  11.224  1.00 33.79 ? 341 PHE A CZ  1 
ATOM 83   N N   . LYS A 1 342 ? 12.471  -3.196  8.163   1.00 26.36 ? 342 LYS A N   1 
ATOM 84   C CA  . LYS A 1 342 ? 13.290  -2.585  9.204   1.00 23.51 ? 342 LYS A CA  1 
ATOM 85   C C   . LYS A 1 342 ? 13.589  -1.125  8.873   1.00 22.58 ? 342 LYS A C   1 
ATOM 86   O O   . LYS A 1 342 ? 13.906  -0.330  9.763   1.00 25.64 ? 342 LYS A O   1 
ATOM 87   C CB  . LYS A 1 342 ? 14.563  -3.410  9.404   1.00 24.44 ? 342 LYS A CB  1 
ATOM 88   C CG  . LYS A 1 342 ? 14.221  -4.836  9.818   1.00 32.26 ? 342 LYS A CG  1 
ATOM 89   C CD  . LYS A 1 342 ? 15.400  -5.788  9.889   1.00 37.07 ? 342 LYS A CD  1 
ATOM 90   C CE  . LYS A 1 342 ? 14.914  -7.187  10.276  1.00 43.69 ? 342 LYS A CE  1 
ATOM 91   N NZ  . LYS A 1 342 ? 16.000  -8.196  10.288  1.00 29.24 ? 342 LYS A NZ  1 
ATOM 92   N N   . LEU A 1 343 ? 13.478  -0.748  7.601   1.00 19.52 ? 343 LEU A N   1 
ATOM 93   C CA  . LEU A 1 343 ? 13.415  0.673   7.270   1.00 21.49 ? 343 LEU A CA  1 
ATOM 94   C C   . LEU A 1 343 ? 12.138  1.284   7.833   1.00 25.00 ? 343 LEU A C   1 
ATOM 95   O O   . LEU A 1 343 ? 12.143  2.395   8.387   1.00 28.83 ? 343 LEU A O   1 
ATOM 96   C CB  . LEU A 1 343 ? 13.489  0.852   5.753   1.00 22.38 ? 343 LEU A CB  1 
ATOM 97   C CG  . LEU A 1 343 ? 13.452  2.280   5.229   1.00 23.75 ? 343 LEU A CG  1 
ATOM 98   C CD1 . LEU A 1 343 ? 14.622  3.066   5.801   1.00 22.84 ? 343 LEU A CD1 1 
ATOM 99   C CD2 . LEU A 1 343 ? 13.502  2.288   3.716   1.00 24.22 ? 343 LEU A CD2 1 
ATOM 100  N N   . LEU A 1 344 ? 11.034  0.546   7.720   1.00 20.64 ? 344 LEU A N   1 
ATOM 101  C CA  . LEU A 1 344 ? 9.816   0.932   8.418   1.00 22.10 ? 344 LEU A CA  1 
ATOM 102  C C   . LEU A 1 344 ? 10.052  1.098   9.919   1.00 28.61 ? 344 LEU A C   1 
ATOM 103  O O   . LEU A 1 344 ? 9.563   2.060   10.524  1.00 25.16 ? 344 LEU A O   1 
ATOM 104  C CB  . LEU A 1 344 ? 8.726   -0.101  8.148   1.00 20.90 ? 344 LEU A CB  1 
ATOM 105  C CG  . LEU A 1 344 ? 7.429   0.026   8.933   1.00 24.78 ? 344 LEU A CG  1 
ATOM 106  C CD1 . LEU A 1 344 ? 6.783   1.389   8.691   1.00 21.20 ? 344 LEU A CD1 1 
ATOM 107  C CD2 . LEU A 1 344 ? 6.497   -1.083  8.516   1.00 16.21 ? 344 LEU A CD2 1 
ATOM 108  N N   . LYS A 1 345 ? 10.800  0.177   10.542  1.00 26.33 ? 345 LYS A N   1 
ATOM 109  C CA  . LYS A 1 345 ? 11.031  0.299   11.982  1.00 28.81 ? 345 LYS A CA  1 
ATOM 110  C C   . LYS A 1 345 ? 11.883  1.514   12.320  1.00 31.95 ? 345 LYS A C   1 
ATOM 111  O O   . LYS A 1 345 ? 11.558  2.250   13.259  1.00 25.81 ? 345 LYS A O   1 
ATOM 112  C CB  . LYS A 1 345 ? 11.679  -0.961  12.558  1.00 36.80 ? 345 LYS A CB  1 
ATOM 113  C CG  . LYS A 1 345 ? 11.936  -0.861  14.074  1.00 34.94 ? 345 LYS A CG  1 
ATOM 114  C CD  . LYS A 1 345 ? 12.682  -2.064  14.630  1.00 22.82 ? 345 LYS A CD  1 
ATOM 115  C CE  . LYS A 1 345 ? 13.087  -1.852  16.087  1.00 25.06 ? 345 LYS A CE  1 
ATOM 116  N NZ  . LYS A 1 345 ? 11.927  -1.699  17.008  1.00 38.86 ? 345 LYS A NZ  1 
ATOM 117  N N   . TRP A 1 346 ? 12.978  1.742   11.590  1.00 33.44 ? 346 TRP A N   1 
ATOM 118  C CA  . TRP A 1 346 ? 13.828  2.887   11.910  1.00 29.67 ? 346 TRP A CA  1 
ATOM 119  C C   . TRP A 1 346 ? 13.065  4.190   11.755  1.00 31.34 ? 346 TRP A C   1 
ATOM 120  O O   . TRP A 1 346 ? 13.314  5.156   12.490  1.00 31.38 ? 346 TRP A O   1 
ATOM 121  C CB  . TRP A 1 346 ? 15.087  2.922   11.041  1.00 36.42 ? 346 TRP A CB  1 
ATOM 122  C CG  . TRP A 1 346 ? 16.045  3.999   11.537  1.00 36.96 ? 346 TRP A CG  1 
ATOM 123  C CD1 . TRP A 1 346 ? 17.021  3.839   12.475  1.00 43.26 ? 346 TRP A CD1 1 
ATOM 124  C CD2 . TRP A 1 346 ? 16.055  5.396   11.186  1.00 41.44 ? 346 TRP A CD2 1 
ATOM 125  N NE1 . TRP A 1 346 ? 17.661  5.033   12.708  1.00 50.90 ? 346 TRP A NE1 1 
ATOM 126  C CE2 . TRP A 1 346 ? 17.090  6.003   11.928  1.00 49.88 ? 346 TRP A CE2 1 
ATOM 127  C CE3 . TRP A 1 346 ? 15.308  6.186   10.306  1.00 40.06 ? 346 TRP A CE3 1 
ATOM 128  C CZ2 . TRP A 1 346 ? 17.397  7.367   11.818  1.00 52.10 ? 346 TRP A CZ2 1 
ATOM 129  C CZ3 . TRP A 1 346 ? 15.617  7.545   10.199  1.00 39.47 ? 346 TRP A CZ3 1 
ATOM 130  C CH2 . TRP A 1 346 ? 16.655  8.115   10.951  1.00 45.68 ? 346 TRP A CH2 1 
ATOM 131  N N   . ILE A 1 347 ? 12.154  4.249   10.776  1.00 32.46 ? 347 ILE A N   1 
ATOM 132  C CA  . ILE A 1 347 ? 11.235  5.384   10.711  1.00 32.31 ? 347 ILE A CA  1 
ATOM 133  C C   . ILE A 1 347 ? 10.619  5.654   12.081  1.00 35.16 ? 347 ILE A C   1 
ATOM 134  O O   . ILE A 1 347 ? 10.891  6.682   12.712  1.00 33.80 ? 347 ILE A O   1 
ATOM 135  C CB  . ILE A 1 347 ? 10.141  5.145   9.653   1.00 23.17 ? 347 ILE A CB  1 
ATOM 136  C CG1 . ILE A 1 347 ? 10.671  5.355   8.242   1.00 19.30 ? 347 ILE A CG1 1 
ATOM 137  C CG2 . ILE A 1 347 ? 8.940   6.026   9.917   1.00 19.44 ? 347 ILE A CG2 1 
ATOM 138  C CD1 . ILE A 1 347 ? 9.645   5.025   7.184   1.00 21.49 ? 347 ILE A CD1 1 
ATOM 139  N N   . HIS A 1 348 ? 9.802   4.724   12.569  1.00 32.39 ? 348 HIS A N   1 
ATOM 140  C CA  . HIS A 1 348 ? 8.770   5.066   13.534  1.00 31.77 ? 348 HIS A CA  1 
ATOM 141  C C   . HIS A 1 348 ? 9.167   4.699   14.957  1.00 32.95 ? 348 HIS A C   1 
ATOM 142  O O   . HIS A 1 348 ? 9.283   3.523   15.315  1.00 27.52 ? 348 HIS A O   1 
ATOM 143  C CB  . HIS A 1 348 ? 7.435   4.396   13.161  1.00 24.74 ? 348 HIS A CB  1 
ATOM 144  C CG  . HIS A 1 348 ? 7.443   2.900   13.222  1.00 25.12 ? 348 HIS A CG  1 
ATOM 145  N ND1 . HIS A 1 348 ? 8.063   2.110   12.281  1.00 28.82 ? 348 HIS A ND1 1 
ATOM 146  C CD2 . HIS A 1 348 ? 6.868   2.049   14.104  1.00 29.00 ? 348 HIS A CD2 1 
ATOM 147  C CE1 . HIS A 1 348 ? 7.884   0.837   12.590  1.00 26.76 ? 348 HIS A CE1 1 
ATOM 148  N NE2 . HIS A 1 348 ? 7.166   0.774   13.694  1.00 31.03 ? 348 HIS A NE2 1 
ATOM 149  N N   . SER A 1 349 ? 9.399   5.740   15.769  1.00 33.11 ? 349 SER A N   1 
ATOM 150  C CA  . SER A 1 349 ? 9.298   5.598   17.220  1.00 29.24 ? 349 SER A CA  1 
ATOM 151  C C   . SER A 1 349 ? 7.909   5.925   17.749  1.00 31.13 ? 349 SER A C   1 
ATOM 152  O O   . SER A 1 349 ? 7.267   5.024   18.297  1.00 49.03 ? 349 SER A O   1 
ATOM 153  C CB  . SER A 1 349 ? 10.333  6.464   17.955  1.00 28.20 ? 349 SER A CB  1 
ATOM 154  O OG  . SER A 1 349 ? 10.223  6.301   19.364  1.00 29.37 ? 349 SER A OG  1 
ATOM 155  N N   . PHE A 1 350 ? 7.408   7.154   17.615  1.00 30.62 ? 350 PHE A N   1 
ATOM 156  C CA  . PHE A 1 350 ? 5.959   7.327   17.670  1.00 44.86 ? 350 PHE A CA  1 
ATOM 157  C C   . PHE A 1 350 ? 5.468   7.975   16.370  1.00 38.01 ? 350 PHE A C   1 
ATOM 158  O O   . PHE A 1 350 ? 5.706   9.145   16.073  1.00 39.13 ? 350 PHE A O   1 
ATOM 159  C CB  . PHE A 1 350 ? 5.527   8.082   18.926  1.00 50.59 ? 350 PHE A CB  1 
ATOM 160  C CG  . PHE A 1 350 ? 6.106   9.473   19.088  1.00 40.36 ? 350 PHE A CG  1 
ATOM 161  C CD1 . PHE A 1 350 ? 5.417   10.586  18.623  1.00 37.44 ? 350 PHE A CD1 1 
ATOM 162  C CD2 . PHE A 1 350 ? 7.285   9.675   19.769  1.00 37.73 ? 350 PHE A CD2 1 
ATOM 163  C CE1 . PHE A 1 350 ? 5.914   11.854  18.793  1.00 42.29 ? 350 PHE A CE1 1 
ATOM 164  C CE2 . PHE A 1 350 ? 7.786   10.951  19.940  1.00 41.46 ? 350 PHE A CE2 1 
ATOM 165  C CZ  . PHE A 1 350 ? 7.096   12.039  19.452  1.00 43.28 ? 350 PHE A CZ  1 
ATOM 166  N N   . VAL A 1 351 ? 4.831   7.162   15.535  1.00 32.40 ? 351 VAL A N   1 
ATOM 167  C CA  . VAL A 1 351 ? 3.985   7.605   14.429  1.00 38.22 ? 351 VAL A CA  1 
ATOM 168  C C   . VAL A 1 351 ? 2.507   7.342   14.791  1.00 38.85 ? 351 VAL A C   1 
ATOM 169  O O   . VAL A 1 351 ? 1.616   7.468   13.955  1.00 46.11 ? 351 VAL A O   1 
ATOM 170  C CB  . VAL A 1 351 ? 4.439   6.960   13.091  1.00 38.02 ? 351 VAL A CB  1 
ATOM 171  C CG1 . VAL A 1 351 ? 3.539   7.378   11.925  1.00 31.07 ? 351 VAL A CG1 1 
ATOM 172  C CG2 . VAL A 1 351 ? 5.865   7.393   12.790  1.00 47.52 ? 351 VAL A CG2 1 
ATOM 173  N N   . GLY A 1 352 ? 2.230   7.053   16.060  1.00 36.48 ? 352 GLY A N   1 
ATOM 174  C CA  . GLY A 1 352 ? 1.208   6.089   16.464  1.00 41.47 ? 352 GLY A CA  1 
ATOM 175  C C   . GLY A 1 352 ? -0.140  5.907   15.770  1.00 36.37 ? 352 GLY A C   1 
ATOM 176  O O   . GLY A 1 352 ? -0.809  4.922   16.064  1.00 34.91 ? 352 GLY A O   1 
ATOM 177  N N   . ASN A 1 353 ? -0.572  6.841   14.915  1.00 37.64 ? 353 ASN A N   1 
ATOM 178  C CA  . ASN A 1 353 ? -1.590  6.553   13.891  1.00 32.33 ? 353 ASN A CA  1 
ATOM 179  C C   . ASN A 1 353 ? -0.941  5.641   12.848  1.00 32.53 ? 353 ASN A C   1 
ATOM 180  O O   . ASN A 1 353 ? 0.044   5.991   12.196  1.00 29.97 ? 353 ASN A O   1 
ATOM 181  C CB  . ASN A 1 353 ? -2.122  7.866   13.300  1.00 33.66 ? 353 ASN A CB  1 
ATOM 182  C CG  . ASN A 1 353 ? -3.059  7.674   12.114  1.00 27.56 ? 353 ASN A CG  1 
ATOM 183  O OD1 . ASN A 1 353 ? -2.964  6.704   11.372  1.00 29.70 ? 353 ASN A OD1 1 
ATOM 184  N ND2 . ASN A 1 353 ? -3.963  8.626   11.930  1.00 32.54 ? 353 ASN A ND2 1 
ATOM 185  N N   . TRP A 1 354 ? -1.536  4.461   12.660  1.00 32.90 ? 354 TRP A N   1 
ATOM 186  C CA  . TRP A 1 354 ? -0.827  3.383   11.973  1.00 29.11 ? 354 TRP A CA  1 
ATOM 187  C C   . TRP A 1 354 ? -1.176  3.227   10.494  1.00 26.35 ? 354 TRP A C   1 
ATOM 188  O O   . TRP A 1 354 ? -0.636  2.344   9.817   1.00 26.32 ? 354 TRP A O   1 
ATOM 189  C CB  . TRP A 1 354 ? -1.040  2.060   12.712  1.00 24.11 ? 354 TRP A CB  1 
ATOM 190  C CG  . TRP A 1 354 ? -0.357  2.014   14.058  1.00 23.96 ? 354 TRP A CG  1 
ATOM 191  C CD1 . TRP A 1 354 ? -0.952  2.122   15.280  1.00 24.27 ? 354 TRP A CD1 1 
ATOM 192  C CD2 . TRP A 1 354 ? 1.055   1.901   14.309  1.00 22.78 ? 354 TRP A CD2 1 
ATOM 193  N NE1 . TRP A 1 354 ? -0.005  2.059   16.275  1.00 18.96 ? 354 TRP A NE1 1 
ATOM 194  C CE2 . TRP A 1 354 ? 1.233   1.921   15.704  1.00 20.92 ? 354 TRP A CE2 1 
ATOM 195  C CE3 . TRP A 1 354 ? 2.179   1.768   13.492  1.00 25.10 ? 354 TRP A CE3 1 
ATOM 196  C CZ2 . TRP A 1 354 ? 2.487   1.817   16.297  1.00 23.15 ? 354 TRP A CZ2 1 
ATOM 197  C CZ3 . TRP A 1 354 ? 3.422   1.659   14.078  1.00 23.24 ? 354 TRP A CZ3 1 
ATOM 198  C CH2 . TRP A 1 354 ? 3.569   1.677   15.466  1.00 22.93 ? 354 TRP A CH2 1 
ATOM 199  N N   . GLY A 1 355 ? -2.061  4.073   9.971   1.00 24.21 ? 355 GLY A N   1 
ATOM 200  C CA  . GLY A 1 355 ? -2.086  4.270   8.532   1.00 25.37 ? 355 GLY A CA  1 
ATOM 201  C C   . GLY A 1 355 ? -0.967  5.191   8.081   1.00 29.58 ? 355 GLY A C   1 
ATOM 202  O O   . GLY A 1 355 ? -0.464  5.087   6.956   1.00 26.69 ? 355 GLY A O   1 
ATOM 203  N N   . PHE A 1 356 ? -0.536  6.085   8.971   1.00 33.51 ? 356 PHE A N   1 
ATOM 204  C CA  . PHE A 1 356 ? 0.503   7.039   8.613   1.00 29.12 ? 356 PHE A CA  1 
ATOM 205  C C   . PHE A 1 356 ? 1.883   6.397   8.690   1.00 30.88 ? 356 PHE A C   1 
ATOM 206  O O   . PHE A 1 356 ? 2.866   6.953   8.191   1.00 29.05 ? 356 PHE A O   1 
ATOM 207  C CB  . PHE A 1 356 ? 0.411   8.278   9.506   1.00 23.20 ? 356 PHE A CB  1 
ATOM 208  C CG  . PHE A 1 356 ? -0.873  9.063   9.343   1.00 31.00 ? 356 PHE A CG  1 
ATOM 209  C CD1 . PHE A 1 356 ? -1.728  8.816   8.289   1.00 35.49 ? 356 PHE A CD1 1 
ATOM 210  C CD2 . PHE A 1 356 ? -1.188  10.089  10.222  1.00 46.50 ? 356 PHE A CD2 1 
ATOM 211  C CE1 . PHE A 1 356 ? -2.888  9.543   8.127   1.00 38.81 ? 356 PHE A CE1 1 
ATOM 212  C CE2 . PHE A 1 356 ? -2.344  10.823  10.069  1.00 52.32 ? 356 PHE A CE2 1 
ATOM 213  C CZ  . PHE A 1 356 ? -3.203  10.548  9.016   1.00 39.28 ? 356 PHE A CZ  1 
ATOM 214  N N   . SER A 1 357 ? 1.984   5.227   9.319   1.00 29.16 ? 357 SER A N   1 
ATOM 215  C CA  . SER A 1 357 ? 3.162   4.403   9.094   1.00 27.92 ? 357 SER A CA  1 
ATOM 216  C C   . SER A 1 357 ? 3.170   3.873   7.668   1.00 28.03 ? 357 SER A C   1 
ATOM 217  O O   . SER A 1 357 ? 4.237   3.661   7.078   1.00 28.97 ? 357 SER A O   1 
ATOM 218  C CB  . SER A 1 357 ? 3.215   3.261   10.105  1.00 28.82 ? 357 SER A CB  1 
ATOM 219  O OG  . SER A 1 357 ? 3.440   3.766   11.412  1.00 29.63 ? 357 SER A OG  1 
ATOM 220  N N   . ILE A 1 358 ? 1.985   3.694   7.083   1.00 25.33 ? 358 ILE A N   1 
ATOM 221  C CA  . ILE A 1 358 ? 1.890   3.191   5.716   1.00 32.35 ? 358 ILE A CA  1 
ATOM 222  C C   . ILE A 1 358 ? 2.179   4.319   4.724   1.00 26.50 ? 358 ILE A C   1 
ATOM 223  O O   . ILE A 1 358 ? 2.732   4.096   3.638   1.00 20.98 ? 358 ILE A O   1 
ATOM 224  C CB  . ILE A 1 358 ? 0.503   2.552   5.506   1.00 24.03 ? 358 ILE A CB  1 
ATOM 225  C CG1 . ILE A 1 358 ? 0.232   1.518   6.599   1.00 17.07 ? 358 ILE A CG1 1 
ATOM 226  C CG2 . ILE A 1 358 ? 0.400   1.849   4.154   1.00 24.37 ? 358 ILE A CG2 1 
ATOM 227  C CD1 . ILE A 1 358 ? -1.193  1.080   6.647   1.00 28.44 ? 358 ILE A CD1 1 
ATOM 228  N N   . ILE A 1 359 ? 1.851   5.556   5.106   1.00 22.67 ? 359 ILE A N   1 
ATOM 229  C CA  . ILE A 1 359 ? 2.120   6.711   4.250   1.00 24.19 ? 359 ILE A CA  1 
ATOM 230  C C   . ILE A 1 359 ? 3.578   7.164   4.381   1.00 24.92 ? 359 ILE A C   1 
ATOM 231  O O   . ILE A 1 359 ? 4.207   7.608   3.406   1.00 26.10 ? 359 ILE A O   1 
ATOM 232  C CB  . ILE A 1 359 ? 1.126   7.830   4.599   1.00 24.04 ? 359 ILE A CB  1 
ATOM 233  C CG1 . ILE A 1 359 ? -0.301  7.326   4.332   1.00 21.31 ? 359 ILE A CG1 1 
ATOM 234  C CG2 . ILE A 1 359 ? 1.451   9.101   3.835   1.00 31.74 ? 359 ILE A CG2 1 
ATOM 235  C CD1 . ILE A 1 359 ? -1.395  8.184   4.914   1.00 21.08 ? 359 ILE A CD1 1 
ATOM 236  N N   . ILE A 1 360 ? 4.139   7.081   5.585   1.00 23.88 ? 360 ILE A N   1 
ATOM 237  C CA  . ILE A 1 360 ? 5.552   7.404   5.729   1.00 27.56 ? 360 ILE A CA  1 
ATOM 238  C C   . ILE A 1 360 ? 6.402   6.327   5.074   1.00 31.39 ? 360 ILE A C   1 
ATOM 239  O O   . ILE A 1 360 ? 7.384   6.624   4.376   1.00 22.57 ? 360 ILE A O   1 
ATOM 240  C CB  . ILE A 1 360 ? 5.919   7.598   7.210   1.00 19.02 ? 360 ILE A CB  1 
ATOM 241  C CG1 . ILE A 1 360 ? 5.215   8.829   7.771   1.00 20.59 ? 360 ILE A CG1 1 
ATOM 242  C CG2 . ILE A 1 360 ? 7.395   7.799   7.348   1.00 18.72 ? 360 ILE A CG2 1 
ATOM 243  C CD1 . ILE A 1 360 ? 5.253   8.905   9.268   1.00 25.91 ? 360 ILE A CD1 1 
ATOM 244  N N   . ILE A 1 361 ? 6.028   5.060   5.264   1.00 31.60 ? 361 ILE A N   1 
ATOM 245  C CA  . ILE A 1 361 ? 6.725   3.996   4.557   1.00 31.50 ? 361 ILE A CA  1 
ATOM 246  C C   . ILE A 1 361 ? 6.497   4.144   3.061   1.00 30.94 ? 361 ILE A C   1 
ATOM 247  O O   . ILE A 1 361 ? 7.258   3.594   2.252   1.00 30.68 ? 361 ILE A O   1 
ATOM 248  C CB  . ILE A 1 361 ? 6.278   2.615   5.063   1.00 28.02 ? 361 ILE A CB  1 
ATOM 249  C CG1 . ILE A 1 361 ? 7.283   1.551   4.660   1.00 21.29 ? 361 ILE A CG1 1 
ATOM 250  C CG2 . ILE A 1 361 ? 4.985   2.237   4.425   1.00 23.42 ? 361 ILE A CG2 1 
ATOM 251  C CD1 . ILE A 1 361 ? 6.935   0.167   5.138   1.00 15.50 ? 361 ILE A CD1 1 
ATOM 252  N N   . THR A 1 362 ? 5.451   4.874   2.653   1.00 30.61 ? 362 THR A N   1 
ATOM 253  C CA  . THR A 1 362 ? 5.439   5.354   1.275   1.00 28.79 ? 362 THR A CA  1 
ATOM 254  C C   . THR A 1 362 ? 6.640   6.251   1.008   1.00 30.42 ? 362 THR A C   1 
ATOM 255  O O   . THR A 1 362 ? 7.601   5.825   0.355   1.00 24.66 ? 362 THR A O   1 
ATOM 256  C CB  . THR A 1 362 ? 4.151   6.100   0.932   1.00 27.44 ? 362 THR A CB  1 
ATOM 257  O OG1 . THR A 1 362 ? 3.023   5.228   1.043   1.00 35.31 ? 362 THR A OG1 1 
ATOM 258  C CG2 . THR A 1 362 ? 4.241   6.641   -0.504  1.00 26.86 ? 362 THR A CG2 1 
ATOM 259  N N   . PHE A 1 363 ? 6.631   7.476   1.560   1.00 32.96 ? 363 PHE A N   1 
ATOM 260  C CA  . PHE A 1 363 ? 7.644   8.462   1.167   1.00 26.05 ? 363 PHE A CA  1 
ATOM 261  C C   . PHE A 1 363 ? 9.043   7.850   1.176   1.00 28.94 ? 363 PHE A C   1 
ATOM 262  O O   . PHE A 1 363 ? 9.832   8.041   0.240   1.00 33.19 ? 363 PHE A O   1 
ATOM 263  C CB  . PHE A 1 363 ? 7.634   9.693   2.089   1.00 25.33 ? 363 PHE A CB  1 
ATOM 264  C CG  . PHE A 1 363 ? 6.469   10.645  1.900   1.00 33.32 ? 363 PHE A CG  1 
ATOM 265  C CD1 . PHE A 1 363 ? 5.615   10.569  0.808   1.00 23.61 ? 363 PHE A CD1 1 
ATOM 266  C CD2 . PHE A 1 363 ? 6.287   11.683  2.812   1.00 45.73 ? 363 PHE A CD2 1 
ATOM 267  C CE1 . PHE A 1 363 ? 4.578   11.475  0.662   1.00 20.94 ? 363 PHE A CE1 1 
ATOM 268  C CE2 . PHE A 1 363 ? 5.256   12.592  2.674   1.00 36.06 ? 363 PHE A CE2 1 
ATOM 269  C CZ  . PHE A 1 363 ? 4.402   12.490  1.597   1.00 35.88 ? 363 PHE A CZ  1 
ATOM 270  N N   . ILE A 1 364 ? 9.364   7.102   2.230   1.00 26.34 ? 364 ILE A N   1 
ATOM 271  C CA  . ILE A 1 364 ? 10.729  6.623   2.411   1.00 27.07 ? 364 ILE A CA  1 
ATOM 272  C C   . ILE A 1 364 ? 10.983  5.344   1.617   1.00 29.20 ? 364 ILE A C   1 
ATOM 273  O O   . ILE A 1 364 ? 12.045  5.190   0.999   1.00 31.99 ? 364 ILE A O   1 
ATOM 274  C CB  . ILE A 1 364 ? 11.033  6.498   3.916   1.00 22.20 ? 364 ILE A CB  1 
ATOM 275  C CG1 . ILE A 1 364 ? 11.254  7.925   4.453   1.00 17.39 ? 364 ILE A CG1 1 
ATOM 276  C CG2 . ILE A 1 364 ? 12.200  5.573   4.190   1.00 22.99 ? 364 ILE A CG2 1 
ATOM 277  C CD1 . ILE A 1 364 ? 11.317  8.092   5.939   1.00 18.49 ? 364 ILE A CD1 1 
ATOM 278  N N   . VAL A 1 365 ? 10.005  4.432   1.570   1.00 34.54 ? 365 VAL A N   1 
ATOM 279  C CA  . VAL A 1 365 ? 10.189  3.218   0.765   1.00 38.65 ? 365 VAL A CA  1 
ATOM 280  C C   . VAL A 1 365 ? 10.384  3.538   -0.711  1.00 46.99 ? 365 VAL A C   1 
ATOM 281  O O   . VAL A 1 365 ? 11.213  2.907   -1.374  1.00 49.28 ? 365 VAL A O   1 
ATOM 282  C CB  . VAL A 1 365 ? 9.042   2.219   1.009   1.00 28.31 ? 365 VAL A CB  1 
ATOM 283  C CG1 . VAL A 1 365 ? 8.814   1.306   -0.185  1.00 20.08 ? 365 VAL A CG1 1 
ATOM 284  C CG2 . VAL A 1 365 ? 9.460   1.331   2.155   1.00 30.23 ? 365 VAL A CG2 1 
ATOM 285  N N   . ARG A 1 366 ? 9.663   4.518   -1.255  1.00 37.59 ? 366 ARG A N   1 
ATOM 286  C CA  . ARG A 1 366 ? 10.108  5.052   -2.537  1.00 42.59 ? 366 ARG A CA  1 
ATOM 287  C C   . ARG A 1 366 ? 11.331  5.946   -2.366  1.00 49.56 ? 366 ARG A C   1 
ATOM 288  O O   . ARG A 1 366 ? 11.902  6.414   -3.362  1.00 50.48 ? 366 ARG A O   1 
ATOM 289  C CB  . ARG A 1 366 ? 8.990   5.823   -3.234  1.00 40.08 ? 366 ARG A CB  1 
ATOM 290  C CG  . ARG A 1 366 ? 7.849   4.954   -3.661  1.00 40.83 ? 366 ARG A CG  1 
ATOM 291  C CD  . ARG A 1 366 ? 8.321   3.965   -4.717  1.00 48.85 ? 366 ARG A CD  1 
ATOM 292  N NE  . ARG A 1 366 ? 8.825   4.609   -5.924  1.00 48.89 ? 366 ARG A NE  1 
ATOM 293  C CZ  . ARG A 1 366 ? 9.382   3.951   -6.936  1.00 58.31 ? 366 ARG A CZ  1 
ATOM 294  N NH1 . ARG A 1 366 ? 9.483   2.632   -6.893  1.00 57.81 ? 366 ARG A NH1 1 
ATOM 295  N NH2 . ARG A 1 366 ? 9.817   4.609   -8.001  1.00 57.28 ? 366 ARG A NH2 1 
ATOM 296  N N   . GLY A 1 367 ? 11.721  6.228   -1.119  1.00 43.68 ? 367 GLY A N   1 
ATOM 297  C CA  . GLY A 1 367 ? 12.914  7.020   -0.900  1.00 45.91 ? 367 GLY A CA  1 
ATOM 298  C C   . GLY A 1 367 ? 14.180  6.299   -1.305  1.00 51.74 ? 367 GLY A C   1 
ATOM 299  O O   . GLY A 1 367 ? 14.878  6.727   -2.226  1.00 64.21 ? 367 GLY A O   1 
ATOM 300  N N   . ILE A 1 368 ? 14.469  5.161   -0.670  1.00 44.61 ? 368 ILE A N   1 
ATOM 301  C CA  . ILE A 1 368 ? 15.713  4.465   -0.998  1.00 44.04 ? 368 ILE A CA  1 
ATOM 302  C C   . ILE A 1 368 ? 15.627  3.663   -2.285  1.00 48.71 ? 368 ILE A C   1 
ATOM 303  O O   . ILE A 1 368 ? 16.669  3.396   -2.897  1.00 51.44 ? 368 ILE A O   1 
ATOM 304  C CB  . ILE A 1 368 ? 16.169  3.550   0.152   1.00 44.73 ? 368 ILE A CB  1 
ATOM 305  C CG1 . ILE A 1 368 ? 14.993  2.690   0.634   1.00 45.69 ? 368 ILE A CG1 1 
ATOM 306  C CG2 . ILE A 1 368 ? 16.865  4.364   1.253   1.00 35.32 ? 368 ILE A CG2 1 
ATOM 307  C CD1 . ILE A 1 368 ? 14.934  1.314   0.010   1.00 40.30 ? 368 ILE A CD1 1 
ATOM 308  N N   . MET A 1 369 ? 14.421  3.261   -2.705  1.00 48.21 ? 369 MET A N   1 
ATOM 309  C CA  . MET A 1 369 ? 14.206  2.643   -4.009  1.00 58.34 ? 369 MET A CA  1 
ATOM 310  C C   . MET A 1 369 ? 14.519  3.581   -5.165  1.00 55.41 ? 369 MET A C   1 
ATOM 311  O O   . MET A 1 369 ? 14.605  3.123   -6.304  1.00 60.71 ? 369 MET A O   1 
ATOM 312  C CB  . MET A 1 369 ? 12.769  2.125   -4.144  1.00 54.02 ? 369 MET A CB  1 
ATOM 313  C CG  . MET A 1 369 ? 12.513  0.777   -3.495  1.00 50.69 ? 369 MET A CG  1 
ATOM 314  S SD  . MET A 1 369 ? 10.813  0.213   -3.674  1.00 58.32 ? 369 MET A SD  1 
ATOM 315  C CE  . MET A 1 369 ? 10.704  -0.022  -5.443  1.00 52.19 ? 369 MET A CE  1 
ATOM 316  N N   . TYR A 1 370 ? 14.713  4.873   -4.903  1.00 45.67 ? 370 TYR A N   1 
ATOM 317  C CA  . TYR A 1 370 ? 14.868  5.818   -6.003  1.00 52.33 ? 370 TYR A CA  1 
ATOM 318  C C   . TYR A 1 370 ? 16.049  5.536   -6.928  1.00 51.91 ? 370 TYR A C   1 
ATOM 319  O O   . TYR A 1 370 ? 15.897  5.783   -8.136  1.00 55.05 ? 370 TYR A O   1 
ATOM 320  C CB  . TYR A 1 370 ? 14.941  7.257   -5.484  1.00 69.51 ? 370 TYR A CB  1 
ATOM 321  C CG  . TYR A 1 370 ? 15.152  8.223   -6.627  1.00 68.06 ? 370 TYR A CG  1 
ATOM 322  C CD1 . TYR A 1 370 ? 14.139  8.472   -7.531  1.00 61.60 ? 370 TYR A CD1 1 
ATOM 323  C CD2 . TYR A 1 370 ? 16.363  8.884   -6.800  1.00 66.92 ? 370 TYR A CD2 1 
ATOM 324  C CE1 . TYR A 1 370 ? 14.315  9.345   -8.578  1.00 57.26 ? 370 TYR A CE1 1 
ATOM 325  C CE2 . TYR A 1 370 ? 16.549  9.761   -7.845  1.00 65.21 ? 370 TYR A CE2 1 
ATOM 326  C CZ  . TYR A 1 370 ? 15.521  9.986   -8.730  1.00 61.63 ? 370 TYR A CZ  1 
ATOM 327  O OH  . TYR A 1 370 ? 15.690  10.855  -9.778  1.00 65.78 ? 370 TYR A OH  1 
ATOM 328  N N   . PRO A 1 371 ? 17.237  5.073   -6.459  1.00 53.26 ? 371 PRO A N   1 
ATOM 329  C CA  . PRO A 1 371 ? 18.365  4.738   -7.335  1.00 63.82 ? 371 PRO A CA  1 
ATOM 330  C C   . PRO A 1 371 ? 18.022  4.270   -8.732  1.00 62.71 ? 371 PRO A C   1 
ATOM 331  O O   . PRO A 1 371 ? 17.987  5.141   -9.602  1.00 62.08 ? 371 PRO A O   1 
ATOM 332  C CB  . PRO A 1 371 ? 19.057  3.624   -6.557  1.00 67.15 ? 371 PRO A CB  1 
ATOM 333  C CG  . PRO A 1 371 ? 18.781  3.974   -5.087  1.00 73.71 ? 371 PRO A CG  1 
ATOM 334  C CD  . PRO A 1 371 ? 17.702  5.053   -5.065  1.00 57.69 ? 371 PRO A CD  1 
ATOM 335  N N   . CYS A 1 423 ? 6.906   -9.507  -19.824 1.00 73.43 ? 423 CYS A N   1 
ATOM 336  C CA  . CYS A 1 423 ? 6.384   -9.607  -18.462 1.00 66.70 ? 423 CYS A CA  1 
ATOM 337  C C   . CYS A 1 423 ? 7.425   -9.181  -17.420 1.00 70.50 ? 423 CYS A C   1 
ATOM 338  O O   . CYS A 1 423 ? 7.805   -9.967  -16.549 1.00 66.09 ? 423 CYS A O   1 
ATOM 339  C CB  . CYS A 1 423 ? 5.919   -11.032 -18.175 1.00 58.01 ? 423 CYS A CB  1 
ATOM 340  S SG  . CYS A 1 423 ? 7.199   -12.261 -18.447 1.00 63.93 ? 423 CYS A SG  1 
ATOM 341  N N   . PHE A 1 424 ? 7.885   -7.940  -17.510 1.00 67.90 ? 424 PHE A N   1 
ATOM 342  C CA  . PHE A 1 424 ? 8.753   -7.459  -16.452 1.00 63.52 ? 424 PHE A CA  1 
ATOM 343  C C   . PHE A 1 424 ? 8.237   -6.125  -15.907 1.00 65.01 ? 424 PHE A C   1 
ATOM 344  O O   . PHE A 1 424 ? 9.008   -5.168  -15.773 1.00 62.98 ? 424 PHE A O   1 
ATOM 345  C CB  . PHE A 1 424 ? 10.170  -7.377  -17.052 1.00 55.59 ? 424 PHE A CB  1 
ATOM 346  C CG  . PHE A 1 424 ? 11.262  -6.916  -16.108 1.00 51.75 ? 424 PHE A CG  1 
ATOM 347  C CD1 . PHE A 1 424 ? 11.736  -7.737  -15.095 1.00 60.79 ? 424 PHE A CD1 1 
ATOM 348  C CD2 . PHE A 1 424 ? 11.906  -5.710  -16.324 1.00 54.50 ? 424 PHE A CD2 1 
ATOM 349  C CE1 . PHE A 1 424 ? 12.779  -7.314  -14.270 1.00 66.50 ? 424 PHE A CE1 1 
ATOM 350  C CE2 . PHE A 1 424 ? 12.936  -5.290  -15.509 1.00 49.26 ? 424 PHE A CE2 1 
ATOM 351  C CZ  . PHE A 1 424 ? 13.373  -6.088  -14.485 1.00 55.24 ? 424 PHE A CZ  1 
ATOM 352  N N   . PRO A 1 425 ? 6.932   -5.992  -15.614 1.00 69.43 ? 425 PRO A N   1 
ATOM 353  C CA  . PRO A 1 425 ? 6.537   -5.223  -14.428 1.00 58.77 ? 425 PRO A CA  1 
ATOM 354  C C   . PRO A 1 425 ? 6.565   -6.033  -13.154 1.00 52.30 ? 425 PRO A C   1 
ATOM 355  O O   . PRO A 1 425 ? 7.044   -5.554  -12.120 1.00 58.20 ? 425 PRO A O   1 
ATOM 356  C CB  . PRO A 1 425 ? 5.104   -4.785  -14.755 1.00 56.54 ? 425 PRO A CB  1 
ATOM 357  C CG  . PRO A 1 425 ? 4.978   -4.911  -16.238 1.00 70.54 ? 425 PRO A CG  1 
ATOM 358  C CD  . PRO A 1 425 ? 5.798   -6.119  -16.548 1.00 61.32 ? 425 PRO A CD  1 
ATOM 359  N N   . LEU A 1 426 ? 6.050   -7.264  -13.209 1.00 43.99 ? 426 LEU A N   1 
ATOM 360  C CA  . LEU A 1 426 ? 5.568   -7.954  -12.019 1.00 44.44 ? 426 LEU A CA  1 
ATOM 361  C C   . LEU A 1 426 ? 6.673   -8.623  -11.216 1.00 50.61 ? 426 LEU A C   1 
ATOM 362  O O   . LEU A 1 426 ? 6.779   -8.406  -10.007 1.00 54.37 ? 426 LEU A O   1 
ATOM 363  C CB  . LEU A 1 426 ? 4.511   -8.991  -12.405 1.00 47.14 ? 426 LEU A CB  1 
ATOM 364  N N   . LEU A 1 427 ? 7.529   -9.406  -11.866 1.00 45.94 ? 427 LEU A N   1 
ATOM 365  C CA  . LEU A 1 427 ? 8.455   -10.244 -11.121 1.00 51.56 ? 427 LEU A CA  1 
ATOM 366  C C   . LEU A 1 427 ? 9.372   -9.424  -10.210 1.00 45.41 ? 427 LEU A C   1 
ATOM 367  O O   . LEU A 1 427 ? 10.075  -10.003 -9.375  1.00 43.54 ? 427 LEU A O   1 
ATOM 368  C CB  . LEU A 1 427 ? 9.264   -11.103 -12.097 1.00 59.11 ? 427 LEU A CB  1 
ATOM 369  C CG  . LEU A 1 427 ? 8.461   -12.052 -12.997 1.00 54.79 ? 427 LEU A CG  1 
ATOM 370  C CD1 . LEU A 1 427 ? 9.368   -12.779 -13.974 1.00 51.40 ? 427 LEU A CD1 1 
ATOM 371  C CD2 . LEU A 1 427 ? 7.618   -13.035 -12.201 1.00 42.29 ? 427 LEU A CD2 1 
ATOM 372  N N   . ILE A 1 428 ? 9.390   -8.097  -10.363 1.00 48.42 ? 428 ILE A N   1 
ATOM 373  C CA  . ILE A 1 428 ? 10.088  -7.230  -9.414  1.00 41.46 ? 428 ILE A CA  1 
ATOM 374  C C   . ILE A 1 428 ? 9.132   -6.648  -8.362  1.00 44.30 ? 428 ILE A C   1 
ATOM 375  O O   . ILE A 1 428 ? 9.525   -5.767  -7.590  1.00 46.88 ? 428 ILE A O   1 
ATOM 376  C CB  . ILE A 1 428 ? 10.856  -6.112  -10.148 1.00 45.39 ? 428 ILE A CB  1 
ATOM 377  C CG1 . ILE A 1 428 ? 9.915   -5.226  -10.961 1.00 55.65 ? 428 ILE A CG1 1 
ATOM 378  C CG2 . ILE A 1 428 ? 11.965  -6.685  -11.042 1.00 39.19 ? 428 ILE A CG2 1 
ATOM 379  C CD1 . ILE A 1 428 ? 10.568  -3.929  -11.449 1.00 51.77 ? 428 ILE A CD1 1 
ATOM 380  N N   . GLN A 1 429 ? 7.865   -7.082  -8.348  1.00 40.99 ? 429 GLN A N   1 
ATOM 381  C CA  . GLN A 1 429 ? 6.885   -6.653  -7.348  1.00 38.13 ? 429 GLN A CA  1 
ATOM 382  C C   . GLN A 1 429 ? 7.065   -7.313  -5.990  1.00 42.47 ? 429 GLN A C   1 
ATOM 383  O O   . GLN A 1 429 ? 6.331   -6.967  -5.062  1.00 42.78 ? 429 GLN A O   1 
ATOM 384  C CB  . GLN A 1 429 ? 5.452   -6.939  -7.819  1.00 35.58 ? 429 GLN A CB  1 
ATOM 385  C CG  . GLN A 1 429 ? 4.953   -6.069  -8.963  1.00 43.81 ? 429 GLN A CG  1 
ATOM 386  C CD  . GLN A 1 429 ? 4.789   -4.622  -8.572  1.00 50.03 ? 429 GLN A CD  1 
ATOM 387  O OE1 . GLN A 1 429 ? 4.350   -4.316  -7.461  1.00 41.46 ? 429 GLN A OE1 1 
ATOM 388  N NE2 . GLN A 1 429 ? 5.120   -3.719  -9.489  1.00 31.19 ? 429 GLN A NE2 1 
ATOM 389  N N   . MET A 1 430 ? 7.965   -8.289  -5.865  1.00 46.19 ? 430 MET A N   1 
ATOM 390  C CA  . MET A 1 430 ? 8.190   -8.910  -4.560  1.00 44.05 ? 430 MET A CA  1 
ATOM 391  C C   . MET A 1 430 ? 8.575   -7.871  -3.507  1.00 35.61 ? 430 MET A C   1 
ATOM 392  O O   . MET A 1 430 ? 7.964   -7.866  -2.417  1.00 32.79 ? 430 MET A O   1 
ATOM 393  C CB  . MET A 1 430 ? 9.236   -10.016 -4.711  1.00 51.01 ? 430 MET A CB  1 
ATOM 394  C CG  . MET A 1 430 ? 8.866   -11.030 -5.779  1.00 48.73 ? 430 MET A CG  1 
ATOM 395  S SD  . MET A 1 430 ? 7.575   -12.162 -5.292  1.00 99.67 ? 430 MET A SD  1 
ATOM 396  C CE  . MET A 1 430 ? 8.563   -13.229 -4.241  1.00 48.20 ? 430 MET A CE  1 
ATOM 397  N N   . PRO A 1 431 ? 9.532   -6.959  -3.753  1.00 32.48 ? 431 PRO A N   1 
ATOM 398  C CA  . PRO A 1 431 ? 9.749   -5.867  -2.794  1.00 36.80 ? 431 PRO A CA  1 
ATOM 399  C C   . PRO A 1 431 ? 8.452   -5.212  -2.403  1.00 34.80 ? 431 PRO A C   1 
ATOM 400  O O   . PRO A 1 431 ? 8.208   -4.951  -1.218  1.00 41.49 ? 431 PRO A O   1 
ATOM 401  C CB  . PRO A 1 431 ? 10.623  -4.872  -3.572  1.00 33.00 ? 431 PRO A CB  1 
ATOM 402  C CG  . PRO A 1 431 ? 11.075  -5.567  -4.820  1.00 32.17 ? 431 PRO A CG  1 
ATOM 403  C CD  . PRO A 1 431 ? 10.549  -6.960  -4.820  1.00 37.13 ? 431 PRO A CD  1 
ATOM 404  N N   . ILE A 1 432 ? 7.591   -4.984  -3.396  1.00 27.42 ? 432 ILE A N   1 
ATOM 405  C CA  . ILE A 1 432 ? 6.438   -4.117  -3.212  1.00 26.43 ? 432 ILE A CA  1 
ATOM 406  C C   . ILE A 1 432 ? 5.363   -4.842  -2.409  1.00 28.26 ? 432 ILE A C   1 
ATOM 407  O O   . ILE A 1 432 ? 5.178   -4.569  -1.225  1.00 27.89 ? 432 ILE A O   1 
ATOM 408  C CB  . ILE A 1 432 ? 5.928   -3.625  -4.575  1.00 28.56 ? 432 ILE A CB  1 
ATOM 409  C CG1 . ILE A 1 432 ? 7.095   -3.017  -5.354  1.00 38.76 ? 432 ILE A CG1 1 
ATOM 410  C CG2 . ILE A 1 432 ? 4.825   -2.600  -4.416  1.00 18.93 ? 432 ILE A CG2 1 
ATOM 411  C CD1 . ILE A 1 432 ? 7.828   -1.898  -4.616  1.00 28.50 ? 432 ILE A CD1 1 
ATOM 412  N N   . PHE A 1 433 ? 4.684   -5.823  -3.006  1.00 28.39 ? 433 PHE A N   1 
ATOM 413  C CA  . PHE A 1 433 ? 3.594   -6.479  -2.281  1.00 24.86 ? 433 PHE A CA  1 
ATOM 414  C C   . PHE A 1 433 ? 4.084   -7.115  -0.990  1.00 28.80 ? 433 PHE A C   1 
ATOM 415  O O   . PHE A 1 433 ? 3.324   -7.243  -0.023  1.00 24.01 ? 433 PHE A O   1 
ATOM 416  C CB  . PHE A 1 433 ? 2.900   -7.520  -3.163  1.00 24.28 ? 433 PHE A CB  1 
ATOM 417  C CG  . PHE A 1 433 ? 1.904   -8.391  -2.425  1.00 31.46 ? 433 PHE A CG  1 
ATOM 418  C CD1 . PHE A 1 433 ? 0.698   -7.882  -1.975  1.00 33.79 ? 433 PHE A CD1 1 
ATOM 419  C CD2 . PHE A 1 433 ? 2.148   -9.748  -2.257  1.00 35.50 ? 433 PHE A CD2 1 
ATOM 420  C CE1 . PHE A 1 433 ? -0.220  -8.720  -1.301  1.00 29.26 ? 433 PHE A CE1 1 
ATOM 421  C CE2 . PHE A 1 433 ? 1.239   -10.574 -1.607  1.00 30.84 ? 433 PHE A CE2 1 
ATOM 422  C CZ  . PHE A 1 433 ? 0.054   -10.058 -1.130  1.00 32.72 ? 433 PHE A CZ  1 
ATOM 423  N N   . LEU A 1 434 ? 5.370   -7.470  -0.935  1.00 29.33 ? 434 LEU A N   1 
ATOM 424  C CA  . LEU A 1 434 ? 5.845   -8.265  0.191   1.00 20.59 ? 434 LEU A CA  1 
ATOM 425  C C   . LEU A 1 434 ? 6.380   -7.389  1.320   1.00 25.15 ? 434 LEU A C   1 
ATOM 426  O O   . LEU A 1 434 ? 5.894   -7.471  2.458   1.00 25.68 ? 434 LEU A O   1 
ATOM 427  C CB  . LEU A 1 434 ? 6.878   -9.267  -0.301  1.00 16.68 ? 434 LEU A CB  1 
ATOM 428  C CG  . LEU A 1 434 ? 6.167   -10.161 -1.317  1.00 15.22 ? 434 LEU A CG  1 
ATOM 429  C CD1 . LEU A 1 434 ? 7.142   -11.070 -1.992  1.00 14.96 ? 434 LEU A CD1 1 
ATOM 430  C CD2 . LEU A 1 434 ? 5.048   -10.970 -0.670  1.00 23.59 ? 434 LEU A CD2 1 
ATOM 431  N N   . ALA A 1 435 ? 7.419   -6.590  1.053   1.00 29.53 ? 435 ALA A N   1 
ATOM 432  C CA  . ALA A 1 435 ? 7.864   -5.612  2.046   1.00 30.82 ? 435 ALA A CA  1 
ATOM 433  C C   . ALA A 1 435 ? 6.729   -4.667  2.422   1.00 30.69 ? 435 ALA A C   1 
ATOM 434  O O   . ALA A 1 435 ? 6.711   -4.096  3.517   1.00 29.43 ? 435 ALA A O   1 
ATOM 435  C CB  . ALA A 1 435 ? 9.060   -4.827  1.520   1.00 27.09 ? 435 ALA A CB  1 
ATOM 436  N N   . LEU A 1 436 ? 5.780   -4.478  1.501   1.00 26.41 ? 436 LEU A N   1 
ATOM 437  C CA  . LEU A 1 436 ? 4.521   -3.809  1.802   1.00 23.93 ? 436 LEU A CA  1 
ATOM 438  C C   . LEU A 1 436 ? 3.609   -4.683  2.653   1.00 25.38 ? 436 LEU A C   1 
ATOM 439  O O   . LEU A 1 436 ? 2.744   -4.175  3.378   1.00 23.11 ? 436 LEU A O   1 
ATOM 440  C CB  . LEU A 1 436 ? 3.811   -3.435  0.510   1.00 24.30 ? 436 LEU A CB  1 
ATOM 441  C CG  . LEU A 1 436 ? 3.865   -2.075  -0.172  1.00 30.83 ? 436 LEU A CG  1 
ATOM 442  C CD1 . LEU A 1 436 ? 5.264   -1.616  -0.550  1.00 32.58 ? 436 LEU A CD1 1 
ATOM 443  C CD2 . LEU A 1 436 ? 3.029   -2.282  -1.412  1.00 24.09 ? 436 LEU A CD2 1 
ATOM 444  N N   . TYR A 1 437 ? 3.747   -6.001  2.558   1.00 29.16 ? 437 TYR A N   1 
ATOM 445  C CA  . TYR A 1 437 ? 2.908   -6.838  3.403   1.00 29.32 ? 437 TYR A CA  1 
ATOM 446  C C   . TYR A 1 437 ? 3.398   -6.761  4.845   1.00 29.10 ? 437 TYR A C   1 
ATOM 447  O O   . TYR A 1 437 ? 2.606   -6.551  5.769   1.00 34.31 ? 437 TYR A O   1 
ATOM 448  C CB  . TYR A 1 437 ? 2.873   -8.277  2.882   1.00 32.95 ? 437 TYR A CB  1 
ATOM 449  C CG  . TYR A 1 437 ? 1.793   -9.106  3.524   1.00 30.89 ? 437 TYR A CG  1 
ATOM 450  C CD1 . TYR A 1 437 ? 0.473   -8.975  3.111   1.00 30.95 ? 437 TYR A CD1 1 
ATOM 451  C CD2 . TYR A 1 437 ? 2.077   -9.998  4.554   1.00 38.48 ? 437 TYR A CD2 1 
ATOM 452  C CE1 . TYR A 1 437 ? -0.528  -9.708  3.687   1.00 41.26 ? 437 TYR A CE1 1 
ATOM 453  C CE2 . TYR A 1 437 ? 1.071   -10.740 5.141   1.00 35.29 ? 437 TYR A CE2 1 
ATOM 454  C CZ  . TYR A 1 437 ? -0.230  -10.591 4.699   1.00 40.41 ? 437 TYR A CZ  1 
ATOM 455  O OH  . TYR A 1 437 ? -1.252  -11.322 5.263   1.00 44.34 ? 437 TYR A OH  1 
ATOM 456  N N   . TYR A 1 438 ? 4.721   -6.850  5.046   1.00 29.52 ? 438 TYR A N   1 
ATOM 457  C CA  . TYR A 1 438 ? 5.305   -6.533  6.353   1.00 34.95 ? 438 TYR A CA  1 
ATOM 458  C C   . TYR A 1 438 ? 5.114   -5.065  6.715   1.00 30.35 ? 438 TYR A C   1 
ATOM 459  O O   . TYR A 1 438 ? 5.168   -4.701  7.896   1.00 30.64 ? 438 TYR A O   1 
ATOM 460  C CB  . TYR A 1 438 ? 6.789   -6.897  6.383   1.00 36.53 ? 438 TYR A CB  1 
ATOM 461  C CG  . TYR A 1 438 ? 7.097   -8.352  6.666   1.00 35.12 ? 438 TYR A CG  1 
ATOM 462  C CD1 . TYR A 1 438 ? 7.312   -8.786  7.968   1.00 31.07 ? 438 TYR A CD1 1 
ATOM 463  C CD2 . TYR A 1 438 ? 7.193   -9.286  5.641   1.00 39.94 ? 438 TYR A CD2 1 
ATOM 464  C CE1 . TYR A 1 438 ? 7.607   -10.111 8.246   1.00 43.87 ? 438 TYR A CE1 1 
ATOM 465  C CE2 . TYR A 1 438 ? 7.488   -10.621 5.906   1.00 50.58 ? 438 TYR A CE2 1 
ATOM 466  C CZ  . TYR A 1 438 ? 7.693   -11.028 7.214   1.00 59.00 ? 438 TYR A CZ  1 
ATOM 467  O OH  . TYR A 1 438 ? 7.985   -12.346 7.489   1.00 56.13 ? 438 TYR A OH  1 
ATOM 468  N N   . MET A 1 439 ? 4.908   -4.206  5.716   1.00 29.28 ? 439 MET A N   1 
ATOM 469  C CA  . MET A 1 439 ? 4.420   -2.858  5.983   1.00 27.98 ? 439 MET A CA  1 
ATOM 470  C C   . MET A 1 439 ? 3.118   -2.889  6.765   1.00 23.72 ? 439 MET A C   1 
ATOM 471  O O   . MET A 1 439 ? 3.026   -2.322  7.861   1.00 22.68 ? 439 MET A O   1 
ATOM 472  C CB  . MET A 1 439 ? 4.214   -2.105  4.679   1.00 26.30 ? 439 MET A CB  1 
ATOM 473  C CG  . MET A 1 439 ? 3.377   -0.877  4.786   1.00 20.83 ? 439 MET A CG  1 
ATOM 474  S SD  . MET A 1 439 ? 3.034   -0.184  3.155   1.00 28.26 ? 439 MET A SD  1 
ATOM 475  C CE  . MET A 1 439 ? 1.779   -1.287  2.544   1.00 15.48 ? 439 MET A CE  1 
ATOM 476  N N   . LEU A 1 440 ? 2.092   -3.548  6.218   1.00 21.39 ? 440 LEU A N   1 
ATOM 477  C CA  . LEU A 1 440 ? 0.810   -3.548  6.910   1.00 23.71 ? 440 LEU A CA  1 
ATOM 478  C C   . LEU A 1 440 ? 0.914   -4.289  8.238   1.00 25.89 ? 440 LEU A C   1 
ATOM 479  O O   . LEU A 1 440 ? 0.423   -3.816  9.268   1.00 25.55 ? 440 LEU A O   1 
ATOM 480  C CB  . LEU A 1 440 ? -0.281  -4.162  6.034   1.00 25.31 ? 440 LEU A CB  1 
ATOM 481  C CG  . LEU A 1 440 ? -0.642  -3.453  4.731   1.00 28.28 ? 440 LEU A CG  1 
ATOM 482  C CD1 . LEU A 1 440 ? -1.769  -4.190  4.058   1.00 21.61 ? 440 LEU A CD1 1 
ATOM 483  C CD2 . LEU A 1 440 ? -1.019  -2.012  4.957   1.00 28.64 ? 440 LEU A CD2 1 
ATOM 484  N N   . MET A 1 441 ? 1.584   -5.441  8.237   1.00 30.66 ? 441 MET A N   1 
ATOM 485  C CA  . MET A 1 441 ? 1.598   -6.314  9.400   1.00 24.17 ? 441 MET A CA  1 
ATOM 486  C C   . MET A 1 441 ? 2.365   -5.735  10.583  1.00 16.83 ? 441 MET A C   1 
ATOM 487  O O   . MET A 1 441 ? 2.099   -6.128  11.724  1.00 15.82 ? 441 MET A O   1 
ATOM 488  C CB  . MET A 1 441 ? 2.202   -7.669  9.030   1.00 27.36 ? 441 MET A CB  1 
ATOM 489  C CG  . MET A 1 441 ? 1.495   -8.373  7.889   1.00 40.04 ? 441 MET A CG  1 
ATOM 490  S SD  . MET A 1 441 ? -0.285  -8.565  8.094   1.00 59.67 ? 441 MET A SD  1 
ATOM 491  C CE  . MET A 1 441 ? -0.374  -9.672  9.498   1.00 39.35 ? 441 MET A CE  1 
ATOM 492  N N   . GLY A 1 442 ? 3.314   -4.841  10.344  1.00 19.00 ? 442 GLY A N   1 
ATOM 493  C CA  . GLY A 1 442 ? 4.156   -4.347  11.407  1.00 19.32 ? 442 GLY A CA  1 
ATOM 494  C C   . GLY A 1 442 ? 3.608   -3.136  12.130  1.00 21.81 ? 442 GLY A C   1 
ATOM 495  O O   . GLY A 1 442 ? 2.895   -2.326  11.533  1.00 24.67 ? 442 GLY A O   1 
ATOM 496  N N   . SER A 1 443 ? 3.927   -3.023  13.422  1.00 22.89 ? 443 SER A N   1 
ATOM 497  C CA  . SER A 1 443 ? 4.581   -4.110  14.142  1.00 26.96 ? 443 SER A CA  1 
ATOM 498  C C   . SER A 1 443 ? 3.724   -4.533  15.317  1.00 20.58 ? 443 SER A C   1 
ATOM 499  O O   . SER A 1 443 ? 3.664   -3.834  16.310  1.00 19.19 ? 443 SER A O   1 
ATOM 500  C CB  . SER A 1 443 ? 5.964   -3.684  14.649  1.00 24.77 ? 443 SER A CB  1 
ATOM 501  O OG  . SER A 1 443 ? 6.834   -3.332  13.590  1.00 24.41 ? 443 SER A OG  1 
ATOM 502  N N   . VAL A 1 444 ? 3.077   -5.687  15.193  1.00 22.61 ? 444 VAL A N   1 
ATOM 503  C CA  . VAL A 1 444 ? 2.460   -6.402  16.308  1.00 20.83 ? 444 VAL A CA  1 
ATOM 504  C C   . VAL A 1 444 ? 1.186   -5.704  16.790  1.00 16.99 ? 444 VAL A C   1 
ATOM 505  O O   . VAL A 1 444 ? 0.333   -6.334  17.423  1.00 13.01 ? 444 VAL A O   1 
ATOM 506  C CB  . VAL A 1 444 ? 3.485   -6.585  17.452  1.00 18.30 ? 444 VAL A CB  1 
ATOM 507  C CG1 . VAL A 1 444 ? 2.888   -7.276  18.663  1.00 11.39 ? 444 VAL A CG1 1 
ATOM 508  C CG2 . VAL A 1 444 ? 4.703   -7.352  16.953  1.00 25.66 ? 444 VAL A CG2 1 
ATOM 509  N N   . GLU A 1 445 ? 1.015   -4.417  16.468  1.00 15.84 ? 445 GLU A N   1 
ATOM 510  C CA  . GLU A 1 445 ? -0.205  -3.723  16.881  1.00 17.21 ? 445 GLU A CA  1 
ATOM 511  C C   . GLU A 1 445 ? -1.244  -3.585  15.769  1.00 20.24 ? 445 GLU A C   1 
ATOM 512  O O   . GLU A 1 445 ? -2.357  -3.125  16.044  1.00 17.82 ? 445 GLU A O   1 
ATOM 513  C CB  . GLU A 1 445 ? 0.107   -2.310  17.398  1.00 17.26 ? 445 GLU A CB  1 
ATOM 514  C CG  . GLU A 1 445 ? 1.205   -2.178  18.441  1.00 21.33 ? 445 GLU A CG  1 
ATOM 515  C CD  . GLU A 1 445 ? 2.506   -1.696  17.826  1.00 21.01 ? 445 GLU A CD  1 
ATOM 516  O OE1 . GLU A 1 445 ? 2.524   -1.481  16.604  1.00 22.57 ? 445 GLU A OE1 1 
ATOM 517  O OE2 . GLU A 1 445 ? 3.504   -1.520  18.555  1.00 22.40 ? 445 GLU A OE2 1 
ATOM 518  N N   . LEU A 1 446 ? -0.929  -3.967  14.531  1.00 25.77 ? 446 LEU A N   1 
ATOM 519  C CA  . LEU A 1 446 ? -1.683  -3.404  13.411  1.00 18.02 ? 446 LEU A CA  1 
ATOM 520  C C   . LEU A 1 446 ? -2.902  -4.218  13.001  1.00 19.18 ? 446 LEU A C   1 
ATOM 521  O O   . LEU A 1 446 ? -3.449  -3.954  11.925  1.00 16.84 ? 446 LEU A O   1 
ATOM 522  C CB  . LEU A 1 446 ? -0.788  -3.126  12.203  1.00 12.44 ? 446 LEU A CB  1 
ATOM 523  C CG  . LEU A 1 446 ? -0.404  -1.635  12.216  1.00 13.37 ? 446 LEU A CG  1 
ATOM 524  C CD1 . LEU A 1 446 ? 0.597   -1.297  13.336  1.00 17.03 ? 446 LEU A CD1 1 
ATOM 525  C CD2 . LEU A 1 446 ? 0.040   -1.095  10.863  1.00 15.50 ? 446 LEU A CD2 1 
ATOM 526  N N   . ARG A 1 447 ? -3.326  -5.209  13.774  1.00 22.57 ? 447 ARG A N   1 
ATOM 527  C CA  . ARG A 1 447 ? -4.722  -5.622  13.691  1.00 24.65 ? 447 ARG A CA  1 
ATOM 528  C C   . ARG A 1 447 ? -5.567  -4.662  14.526  1.00 31.23 ? 447 ARG A C   1 
ATOM 529  O O   . ARG A 1 447 ? -5.120  -4.181  15.575  1.00 39.18 ? 447 ARG A O   1 
ATOM 530  C CB  . ARG A 1 447 ? -4.927  -7.066  14.150  1.00 17.21 ? 447 ARG A CB  1 
ATOM 531  C CG  . ARG A 1 447 ? -6.391  -7.440  14.027  1.00 15.55 ? 447 ARG A CG  1 
ATOM 532  C CD  . ARG A 1 447 ? -6.784  -8.868  14.305  1.00 15.81 ? 447 ARG A CD  1 
ATOM 533  N NE  . ARG A 1 447 ? -8.239  -8.937  14.199  1.00 18.03 ? 447 ARG A NE  1 
ATOM 534  C CZ  . ARG A 1 447 ? -8.951  -10.054 14.153  1.00 17.77 ? 447 ARG A CZ  1 
ATOM 535  N NH1 . ARG A 1 447 ? -8.344  -11.230 14.174  1.00 15.00 ? 447 ARG A NH1 1 
ATOM 536  N NH2 . ARG A 1 447 ? -10.275 -9.988  14.057  1.00 15.76 ? 447 ARG A NH2 1 
ATOM 537  N N   . GLN A 1 448 ? -6.776  -4.357  14.035  1.00 26.85 ? 448 GLN A N   1 
ATOM 538  C CA  . GLN A 1 448 ? -7.798  -3.608  14.759  1.00 23.47 ? 448 GLN A CA  1 
ATOM 539  C C   . GLN A 1 448 ? -7.330  -2.236  15.223  1.00 27.14 ? 448 GLN A C   1 
ATOM 540  O O   . GLN A 1 448 ? -7.814  -1.730  16.240  1.00 23.14 ? 448 GLN A O   1 
ATOM 541  C CB  . GLN A 1 448 ? -8.270  -4.421  15.965  1.00 22.24 ? 448 GLN A CB  1 
ATOM 542  C CG  . GLN A 1 448 ? -9.013  -5.687  15.618  1.00 25.20 ? 448 GLN A CG  1 
ATOM 543  C CD  . GLN A 1 448 ? -9.349  -6.509  16.840  1.00 27.17 ? 448 GLN A CD  1 
ATOM 544  O OE1 . GLN A 1 448 ? -8.705  -6.385  17.877  1.00 28.46 ? 448 GLN A OE1 1 
ATOM 545  N NE2 . GLN A 1 448 ? -10.356 -7.366  16.720  1.00 32.48 ? 448 GLN A NE2 1 
ATOM 546  N N   . ALA A 1 449 ? -6.407  -1.617  14.475  1.00 27.24 ? 449 ALA A N   1 
ATOM 547  C CA  . ALA A 1 449 ? -5.743  -0.394  14.913  1.00 24.65 ? 449 ALA A CA  1 
ATOM 548  C C   . ALA A 1 449 ? -6.380  0.840   14.280  1.00 28.96 ? 449 ALA A C   1 
ATOM 549  O O   . ALA A 1 449 ? -7.033  0.730   13.233  1.00 27.92 ? 449 ALA A O   1 
ATOM 550  C CB  . ALA A 1 449 ? -4.251  -0.463  14.586  1.00 22.98 ? 449 ALA A CB  1 
ATOM 551  N N   . PRO A 1 450 ? -6.236  2.020   14.890  1.00 26.85 ? 450 PRO A N   1 
ATOM 552  C CA  . PRO A 1 450 ? -6.852  3.231   14.337  1.00 28.45 ? 450 PRO A CA  1 
ATOM 553  C C   . PRO A 1 450 ? -6.340  3.630   12.965  1.00 29.63 ? 450 PRO A C   1 
ATOM 554  O O   . PRO A 1 450 ? -5.138  3.677   12.699  1.00 25.33 ? 450 PRO A O   1 
ATOM 555  C CB  . PRO A 1 450 ? -6.480  4.309   15.369  1.00 37.52 ? 450 PRO A CB  1 
ATOM 556  C CG  . PRO A 1 450 ? -5.277  3.796   16.025  1.00 37.13 ? 450 PRO A CG  1 
ATOM 557  C CD  . PRO A 1 450 ? -5.524  2.319   16.137  1.00 27.70 ? 450 PRO A CD  1 
ATOM 558  N N   . PHE A 1 451 ? -7.296  3.905   12.083  1.00 33.17 ? 451 PHE A N   1 
ATOM 559  C CA  . PHE A 1 451 ? -7.117  4.822   10.973  1.00 35.90 ? 451 PHE A CA  1 
ATOM 560  C C   . PHE A 1 451 ? -8.300  5.778   10.991  1.00 39.81 ? 451 PHE A C   1 
ATOM 561  O O   . PHE A 1 451 ? -9.376  5.461   11.507  1.00 45.79 ? 451 PHE A O   1 
ATOM 562  C CB  . PHE A 1 451 ? -7.019  4.111   9.614   1.00 33.46 ? 451 PHE A CB  1 
ATOM 563  C CG  . PHE A 1 451 ? -6.689  5.040   8.466   1.00 35.56 ? 451 PHE A CG  1 
ATOM 564  C CD1 . PHE A 1 451 ? -5.376  5.376   8.187   1.00 31.44 ? 451 PHE A CD1 1 
ATOM 565  C CD2 . PHE A 1 451 ? -7.685  5.596   7.687   1.00 27.33 ? 451 PHE A CD2 1 
ATOM 566  C CE1 . PHE A 1 451 ? -5.070  6.232   7.138   1.00 24.11 ? 451 PHE A CE1 1 
ATOM 567  C CE2 . PHE A 1 451 ? -7.382  6.450   6.652   1.00 20.89 ? 451 PHE A CE2 1 
ATOM 568  C CZ  . PHE A 1 451 ? -6.078  6.765   6.373   1.00 21.53 ? 451 PHE A CZ  1 
ATOM 569  N N   . ALA A 1 452 ? -8.095  6.951   10.399  1.00 37.66 ? 452 ALA A N   1 
ATOM 570  C CA  . ALA A 1 452 ? -9.131  7.964   10.370  1.00 40.93 ? 452 ALA A CA  1 
ATOM 571  C C   . ALA A 1 452 ? -10.335 7.460   9.580   1.00 29.30 ? 452 ALA A C   1 
ATOM 572  O O   . ALA A 1 452 ? -10.274 6.464   8.858   1.00 21.90 ? 452 ALA A O   1 
ATOM 573  C CB  . ALA A 1 452 ? -8.595  9.260   9.758   1.00 51.13 ? 452 ALA A CB  1 
ATOM 574  N N   . LEU A 1 453 ? -11.459 8.131   9.779   1.00 31.43 ? 453 LEU A N   1 
ATOM 575  C CA  . LEU A 1 453 ? -12.669 7.875   9.004   1.00 27.37 ? 453 LEU A CA  1 
ATOM 576  C C   . LEU A 1 453 ? -13.110 6.439   9.299   1.00 28.22 ? 453 LEU A C   1 
ATOM 577  O O   . LEU A 1 453 ? -13.302 6.094   10.476  1.00 33.08 ? 453 LEU A O   1 
ATOM 578  C CB  . LEU A 1 453 ? -12.399 8.205   7.535   1.00 33.58 ? 453 LEU A CB  1 
ATOM 579  C CG  . LEU A 1 453 ? -12.416 9.664   7.063   1.00 23.05 ? 453 LEU A CG  1 
ATOM 580  C CD1 . LEU A 1 453 ? -11.248 10.453  7.612   1.00 19.95 ? 453 LEU A CD1 1 
ATOM 581  C CD2 . LEU A 1 453 ? -12.414 9.725   5.542   1.00 13.87 ? 453 LEU A CD2 1 
ATOM 582  N N   . TRP A 1 454 ? -13.274 5.575   8.296   1.00 30.42 ? 454 TRP A N   1 
ATOM 583  C CA  . TRP A 1 454 ? -14.003 4.331   8.496   1.00 33.54 ? 454 TRP A CA  1 
ATOM 584  C C   . TRP A 1 454 ? -13.112 3.157   8.916   1.00 31.30 ? 454 TRP A C   1 
ATOM 585  O O   . TRP A 1 454 ? -13.296 2.635   10.023  1.00 35.08 ? 454 TRP A O   1 
ATOM 586  C CB  . TRP A 1 454 ? -14.851 4.000   7.257   1.00 44.88 ? 454 TRP A CB  1 
ATOM 587  C CG  . TRP A 1 454 ? -14.179 3.963   5.924   1.00 35.73 ? 454 TRP A CG  1 
ATOM 588  C CD1 . TRP A 1 454 ? -13.621 2.879   5.318   1.00 36.01 ? 454 TRP A CD1 1 
ATOM 589  C CD2 . TRP A 1 454 ? -14.048 5.052   5.001   1.00 33.81 ? 454 TRP A CD2 1 
ATOM 590  N NE1 . TRP A 1 454 ? -13.122 3.228   4.088   1.00 37.08 ? 454 TRP A NE1 1 
ATOM 591  C CE2 . TRP A 1 454 ? -13.380 4.556   3.865   1.00 33.91 ? 454 TRP A CE2 1 
ATOM 592  C CE3 . TRP A 1 454 ? -14.424 6.399   5.030   1.00 26.69 ? 454 TRP A CE3 1 
ATOM 593  C CZ2 . TRP A 1 454 ? -13.073 5.359   2.768   1.00 27.65 ? 454 TRP A CZ2 1 
ATOM 594  C CZ3 . TRP A 1 454 ? -14.121 7.195   3.943   1.00 33.77 ? 454 TRP A CZ3 1 
ATOM 595  C CH2 . TRP A 1 454 ? -13.452 6.673   2.826   1.00 30.49 ? 454 TRP A CH2 1 
ATOM 596  N N   . ILE A 1 455 ? -12.148 2.757   8.087   1.00 35.66 ? 455 ILE A N   1 
ATOM 597  C CA  . ILE A 1 455 ? -11.465 1.470   8.204   1.00 38.08 ? 455 ILE A CA  1 
ATOM 598  C C   . ILE A 1 455 ? -10.967 1.338   9.630   1.00 33.16 ? 455 ILE A C   1 
ATOM 599  O O   . ILE A 1 455 ? -10.191 2.174   10.103  1.00 31.31 ? 455 ILE A O   1 
ATOM 600  C CB  . ILE A 1 455 ? -10.262 1.376   7.258   1.00 28.83 ? 455 ILE A CB  1 
ATOM 601  C CG1 . ILE A 1 455 ? -10.629 1.775   5.838   1.00 23.44 ? 455 ILE A CG1 1 
ATOM 602  C CG2 . ILE A 1 455 ? -9.626  -0.012  7.341   1.00 22.52 ? 455 ILE A CG2 1 
ATOM 603  C CD1 . ILE A 1 455 ? -10.300 3.245   5.597   1.00 27.24 ? 455 ILE A CD1 1 
ATOM 604  N N   . HIS A 1 456 ? -11.414 0.299   10.334  1.00 31.80 ? 456 HIS A N   1 
ATOM 605  C CA  . HIS A 1 456 ? -10.763 -0.074  11.578  1.00 33.70 ? 456 HIS A CA  1 
ATOM 606  C C   . HIS A 1 456 ? -9.797  -1.242  11.455  1.00 39.56 ? 456 HIS A C   1 
ATOM 607  O O   . HIS A 1 456 ? -8.984  -1.433  12.365  1.00 53.04 ? 456 HIS A O   1 
ATOM 608  C CB  . HIS A 1 456 ? -11.812 -0.394  12.653  1.00 43.52 ? 456 HIS A CB  1 
ATOM 609  C CG  . HIS A 1 456 ? -12.680 0.770   13.015  1.00 47.74 ? 456 HIS A CG  1 
ATOM 610  N ND1 . HIS A 1 456 ? -12.203 1.867   13.701  1.00 36.05 ? 456 HIS A ND1 1 
ATOM 611  C CD2 . HIS A 1 456 ? -13.993 1.007   12.788  1.00 48.50 ? 456 HIS A CD2 1 
ATOM 612  C CE1 . HIS A 1 456 ? -13.187 2.731   13.879  1.00 41.37 ? 456 HIS A CE1 1 
ATOM 613  N NE2 . HIS A 1 456 ? -14.285 2.232   13.339  1.00 41.32 ? 456 HIS A NE2 1 
ATOM 614  N N   . ASP A 1 457 ? -9.833  -2.010  10.362  1.00 36.86 ? 457 ASP A N   1 
ATOM 615  C CA  . ASP A 1 457 ? -8.928  -3.147  10.206  1.00 23.64 ? 457 ASP A CA  1 
ATOM 616  C C   . ASP A 1 457 ? -8.001  -2.874  9.034   1.00 25.57 ? 457 ASP A C   1 
ATOM 617  O O   . ASP A 1 457 ? -8.401  -3.027  7.877   1.00 23.36 ? 457 ASP A O   1 
ATOM 618  C CB  . ASP A 1 457 ? -9.700  -4.449  9.988   1.00 25.34 ? 457 ASP A CB  1 
ATOM 619  C CG  . ASP A 1 457 ? -8.808  -5.692  10.113  1.00 37.62 ? 457 ASP A CG  1 
ATOM 620  O OD1 . ASP A 1 457 ? -7.615  -5.542  10.454  1.00 37.94 ? 457 ASP A OD1 1 
ATOM 621  O OD2 . ASP A 1 457 ? -9.303  -6.814  9.880   1.00 55.00 ? 457 ASP A OD2 1 
ATOM 622  N N   . LEU A 1 458 ? -6.758  -2.497  9.345   1.00 23.47 ? 458 LEU A N   1 
ATOM 623  C CA  . LEU A 1 458 ? -5.695  -2.359  8.356   1.00 22.57 ? 458 LEU A CA  1 
ATOM 624  C C   . LEU A 1 458 ? -4.980  -3.679  8.080   1.00 23.74 ? 458 LEU A C   1 
ATOM 625  O O   . LEU A 1 458 ? -4.556  -3.919  6.944   1.00 21.31 ? 458 LEU A O   1 
ATOM 626  C CB  . LEU A 1 458 ? -4.698  -1.303  8.829   1.00 12.71 ? 458 LEU A CB  1 
ATOM 627  C CG  . LEU A 1 458 ? -5.199  0.142   8.954   1.00 14.27 ? 458 LEU A CG  1 
ATOM 628  C CD1 . LEU A 1 458 ? -4.134  1.028   9.585   1.00 20.12 ? 458 LEU A CD1 1 
ATOM 629  C CD2 . LEU A 1 458 ? -5.626  0.723   7.615   1.00 20.99 ? 458 LEU A CD2 1 
ATOM 630  N N   . SER A 1 459 ? -4.826  -4.530  9.107   1.00 30.73 ? 459 SER A N   1 
ATOM 631  C CA  . SER A 1 459 ? -4.131  -5.812  9.008   1.00 28.30 ? 459 SER A CA  1 
ATOM 632  C C   . SER A 1 459 ? -4.684  -6.710  7.919   1.00 33.13 ? 459 SER A C   1 
ATOM 633  O O   . SER A 1 459 ? -3.919  -7.218  7.096   1.00 38.09 ? 459 SER A O   1 
ATOM 634  C CB  . SER A 1 459 ? -4.242  -6.583  10.326  1.00 26.71 ? 459 SER A CB  1 
ATOM 635  O OG  . SER A 1 459 ? -5.583  -7.006  10.548  1.00 27.32 ? 459 SER A OG  1 
ATOM 636  N N   . ALA A 1 460 ? -5.992  -6.910  7.916   1.00 25.02 ? 460 ALA A N   1 
ATOM 637  C CA  . ALA A 1 460 ? -6.709  -7.809  7.034   1.00 29.05 ? 460 ALA A CA  1 
ATOM 638  C C   . ALA A 1 460 ? -7.706  -6.990  6.231   1.00 33.98 ? 460 ALA A C   1 
ATOM 639  O O   . ALA A 1 460 ? -7.978  -5.830  6.548   1.00 31.77 ? 460 ALA A O   1 
ATOM 640  C CB  . ALA A 1 460 ? -7.426  -8.913  7.822   1.00 28.00 ? 460 ALA A CB  1 
ATOM 641  N N   . GLN A 1 461 ? -8.267  -7.632  5.209   1.00 39.76 ? 461 GLN A N   1 
ATOM 642  C CA  . GLN A 1 461 ? -8.972  -6.997  4.104   1.00 38.49 ? 461 GLN A CA  1 
ATOM 643  C C   . GLN A 1 461 ? -10.015 -5.993  4.597   1.00 40.21 ? 461 GLN A C   1 
ATOM 644  O O   . GLN A 1 461 ? -10.530 -6.079  5.715   1.00 37.45 ? 461 GLN A O   1 
ATOM 645  C CB  . GLN A 1 461 ? -9.646  -8.068  3.244   1.00 38.20 ? 461 GLN A CB  1 
ATOM 646  C CG  . GLN A 1 461 ? -10.836 -8.738  3.942   1.00 42.47 ? 461 GLN A CG  1 
ATOM 647  C CD  . GLN A 1 461 ? -10.428 -9.646  5.110   1.00 52.84 ? 461 GLN A CD  1 
ATOM 648  O OE1 . GLN A 1 461 ? -9.241  -9.841  5.371   1.00 63.82 ? 461 GLN A OE1 1 
ATOM 649  N NE2 . GLN A 1 461 ? -11.414 -10.170 5.834   1.00 42.07 ? 461 GLN A NE2 1 
ATOM 650  N N   . ASP A 1 462 ? -10.266 -4.994  3.758   1.00 37.31 ? 462 ASP A N   1 
ATOM 651  C CA  . ASP A 1 462 ? -11.200 -3.919  4.067   1.00 30.97 ? 462 ASP A CA  1 
ATOM 652  C C   . ASP A 1 462 ? -12.619 -4.470  4.229   1.00 34.34 ? 462 ASP A C   1 
ATOM 653  O O   . ASP A 1 462 ? -13.168 -5.035  3.271   1.00 38.82 ? 462 ASP A O   1 
ATOM 654  C CB  . ASP A 1 462 ? -11.181 -2.877  2.956   1.00 36.18 ? 462 ASP A CB  1 
ATOM 655  C CG  . ASP A 1 462 ? -11.865 -1.593  3.359   1.00 39.54 ? 462 ASP A CG  1 
ATOM 656  O OD1 . ASP A 1 462 ? -11.241 -0.806  4.102   1.00 43.05 ? 462 ASP A OD1 1 
ATOM 657  O OD2 . ASP A 1 462 ? -13.031 -1.380  2.975   1.00 29.21 ? 462 ASP A OD2 1 
ATOM 658  N N   . PRO A 1 463 ? -13.241 -4.338  5.403   1.00 33.72 ? 463 PRO A N   1 
ATOM 659  C CA  . PRO A 1 463 ? -14.571 -4.945  5.585   1.00 33.68 ? 463 PRO A CA  1 
ATOM 660  C C   . PRO A 1 463 ? -15.701 -4.292  4.788   1.00 46.41 ? 463 PRO A C   1 
ATOM 661  O O   . PRO A 1 463 ? -16.750 -4.928  4.634   1.00 46.21 ? 463 PRO A O   1 
ATOM 662  C CB  . PRO A 1 463 ? -14.784 -4.850  7.102   1.00 25.91 ? 463 PRO A CB  1 
ATOM 663  C CG  . PRO A 1 463 ? -13.829 -3.811  7.578   1.00 38.11 ? 463 PRO A CG  1 
ATOM 664  C CD  . PRO A 1 463 ? -12.653 -3.895  6.680   1.00 41.73 ? 463 PRO A CD  1 
ATOM 665  N N   . TYR A 1 464 ? -15.562 -3.054  4.300   1.00 46.32 ? 464 TYR A N   1 
ATOM 666  C CA  . TYR A 1 464 ? -16.453 -2.580  3.237   1.00 34.81 ? 464 TYR A CA  1 
ATOM 667  C C   . TYR A 1 464 ? -15.843 -2.622  1.829   1.00 34.07 ? 464 TYR A C   1 
ATOM 668  O O   . TYR A 1 464 ? -16.570 -2.374  0.862   1.00 39.40 ? 464 TYR A O   1 
ATOM 669  C CB  . TYR A 1 464 ? -16.914 -1.133  3.477   1.00 32.67 ? 464 TYR A CB  1 
ATOM 670  C CG  . TYR A 1 464 ? -17.990 -0.807  4.511   1.00 32.83 ? 464 TYR A CG  1 
ATOM 671  C CD1 . TYR A 1 464 ? -19.338 -0.960  4.205   1.00 40.84 ? 464 TYR A CD1 1 
ATOM 672  C CD2 . TYR A 1 464 ? -17.665 -0.206  5.725   1.00 35.25 ? 464 TYR A CD2 1 
ATOM 673  C CE1 . TYR A 1 464 ? -20.324 -0.612  5.109   1.00 53.58 ? 464 TYR A CE1 1 
ATOM 674  C CE2 . TYR A 1 464 ? -18.657 0.141   6.649   1.00 49.14 ? 464 TYR A CE2 1 
ATOM 675  C CZ  . TYR A 1 464 ? -19.985 -0.061  6.325   1.00 52.50 ? 464 TYR A CZ  1 
ATOM 676  O OH  . TYR A 1 464 ? -20.979 0.288   7.204   1.00 40.68 ? 464 TYR A OH  1 
ATOM 677  N N   . TYR A 1 465 ? -14.548 -2.927  1.684   1.00 38.70 ? 465 TYR A N   1 
ATOM 678  C CA  . TYR A 1 465 ? -13.796 -2.816  0.425   1.00 39.19 ? 465 TYR A CA  1 
ATOM 679  C C   . TYR A 1 465 ? -13.694 -1.376  -0.130  1.00 34.99 ? 465 TYR A C   1 
ATOM 680  O O   . TYR A 1 465 ? -13.523 -1.210  -1.343  1.00 36.69 ? 465 TYR A O   1 
ATOM 681  C CB  . TYR A 1 465 ? -14.385 -3.700  -0.684  1.00 32.54 ? 465 TYR A CB  1 
ATOM 682  C CG  . TYR A 1 465 ? -14.470 -5.197  -0.448  1.00 40.18 ? 465 TYR A CG  1 
ATOM 683  C CD1 . TYR A 1 465 ? -13.497 -5.901  0.257   1.00 34.62 ? 465 TYR A CD1 1 
ATOM 684  C CD2 . TYR A 1 465 ? -15.530 -5.920  -0.995  1.00 46.03 ? 465 TYR A CD2 1 
ATOM 685  C CE1 . TYR A 1 465 ? -13.606 -7.290  0.432   1.00 29.67 ? 465 TYR A CE1 1 
ATOM 686  C CE2 . TYR A 1 465 ? -15.643 -7.280  -0.835  1.00 37.17 ? 465 TYR A CE2 1 
ATOM 687  C CZ  . TYR A 1 465 ? -14.687 -7.968  -0.123  1.00 39.40 ? 465 TYR A CZ  1 
ATOM 688  O OH  . TYR A 1 465 ? -14.833 -9.333  0.025   1.00 45.17 ? 465 TYR A OH  1 
ATOM 689  N N   . ILE A 1 466 ? -13.773 -0.306  0.675   1.00 33.22 ? 466 ILE A N   1 
ATOM 690  C CA  . ILE A 1 466 ? -14.038 1.016   0.080   1.00 32.79 ? 466 ILE A CA  1 
ATOM 691  C C   . ILE A 1 466 ? -12.825 1.560   -0.671  1.00 29.64 ? 466 ILE A C   1 
ATOM 692  O O   . ILE A 1 466 ? -12.944 2.034   -1.813  1.00 30.11 ? 466 ILE A O   1 
ATOM 693  C CB  . ILE A 1 466 ? -14.491 2.041   1.130   1.00 29.12 ? 466 ILE A CB  1 
ATOM 694  C CG1 . ILE A 1 466 ? -15.697 1.552   1.903   1.00 26.01 ? 466 ILE A CG1 1 
ATOM 695  C CG2 . ILE A 1 466 ? -14.912 3.314   0.414   1.00 29.48 ? 466 ILE A CG2 1 
ATOM 696  C CD1 . ILE A 1 466 ? -16.054 2.421   3.062   1.00 24.93 ? 466 ILE A CD1 1 
ATOM 697  N N   . LEU A 1 467 ? -11.657 1.572   -0.028  1.00 24.42 ? 467 LEU A N   1 
ATOM 698  C CA  . LEU A 1 467 ? -10.468 2.110   -0.685  1.00 23.10 ? 467 LEU A CA  1 
ATOM 699  C C   . LEU A 1 467 ? -10.240 1.539   -2.076  1.00 27.30 ? 467 LEU A C   1 
ATOM 700  O O   . LEU A 1 467 ? -9.654  2.250   -2.904  1.00 27.44 ? 467 LEU A O   1 
ATOM 701  C CB  . LEU A 1 467 ? -9.218  1.895   0.177   1.00 29.51 ? 467 LEU A CB  1 
ATOM 702  C CG  . LEU A 1 467 ? -8.865  2.978   1.202   1.00 28.68 ? 467 LEU A CG  1 
ATOM 703  C CD1 . LEU A 1 467 ? -9.873  3.057   2.296   1.00 32.08 ? 467 LEU A CD1 1 
ATOM 704  C CD2 . LEU A 1 467 ? -7.485  2.736   1.784   1.00 15.38 ? 467 LEU A CD2 1 
ATOM 705  N N   . PRO A 1 468 ? -10.587 0.282   -2.379  1.00 33.42 ? 468 PRO A N   1 
ATOM 706  C CA  . PRO A 1 468 ? -10.547 -0.148  -3.787  1.00 31.74 ? 468 PRO A CA  1 
ATOM 707  C C   . PRO A 1 468 ? -11.575 0.539   -4.679  1.00 31.77 ? 468 PRO A C   1 
ATOM 708  O O   . PRO A 1 468 ? -11.376 0.568   -5.903  1.00 26.24 ? 468 PRO A O   1 
ATOM 709  C CB  . PRO A 1 468 ? -10.777 -1.658  -3.687  1.00 23.92 ? 468 PRO A CB  1 
ATOM 710  C CG  . PRO A 1 468 ? -10.186 -2.012  -2.368  1.00 23.85 ? 468 PRO A CG  1 
ATOM 711  C CD  . PRO A 1 468 ? -10.554 -0.876  -1.465  1.00 28.77 ? 468 PRO A CD  1 
ATOM 712  N N   . ILE A 1 469 ? -12.656 1.099   -4.120  1.00 29.25 ? 469 ILE A N   1 
ATOM 713  C CA  . ILE A 1 469 ? -13.517 1.989   -4.901  1.00 19.03 ? 469 ILE A CA  1 
ATOM 714  C C   . ILE A 1 469 ? -12.816 3.320   -5.132  1.00 18.23 ? 469 ILE A C   1 
ATOM 715  O O   . ILE A 1 469 ? -12.900 3.897   -6.226  1.00 23.97 ? 469 ILE A O   1 
ATOM 716  C CB  . ILE A 1 469 ? -14.895 2.177   -4.232  1.00 14.11 ? 469 ILE A CB  1 
ATOM 717  C CG1 . ILE A 1 469 ? -15.726 0.897   -4.332  1.00 17.70 ? 469 ILE A CG1 1 
ATOM 718  C CG2 . ILE A 1 469 ? -15.645 3.351   -4.833  1.00 15.50 ? 469 ILE A CG2 1 
ATOM 719  C CD1 . ILE A 1 469 ? -15.658 0.055   -3.106  1.00 23.99 ? 469 ILE A CD1 1 
ATOM 720  N N   . LEU A 1 470 ? -12.081 3.809   -4.127  1.00 18.43 ? 470 LEU A N   1 
ATOM 721  C CA  . LEU A 1 470 ? -11.144 4.905   -4.381  1.00 21.68 ? 470 LEU A CA  1 
ATOM 722  C C   . LEU A 1 470 ? -10.075 4.509   -5.399  1.00 25.33 ? 470 LEU A C   1 
ATOM 723  O O   . LEU A 1 470 ? -9.465  5.361   -6.053  1.00 31.94 ? 470 LEU A O   1 
ATOM 724  C CB  . LEU A 1 470 ? -10.466 5.368   -3.084  1.00 23.41 ? 470 LEU A CB  1 
ATOM 725  C CG  . LEU A 1 470 ? -11.069 6.543   -2.308  1.00 12.85 ? 470 LEU A CG  1 
ATOM 726  C CD1 . LEU A 1 470 ? -12.345 6.151   -1.599  1.00 16.14 ? 470 LEU A CD1 1 
ATOM 727  C CD2 . LEU A 1 470 ? -10.038 7.166   -1.359  1.00 7.12  ? 470 LEU A CD2 1 
ATOM 728  N N   . MET A 1 471 ? -9.801  3.215   -5.507  1.00 21.68 ? 471 MET A N   1 
ATOM 729  C CA  . MET A 1 471 ? -8.705  2.753   -6.340  1.00 26.62 ? 471 MET A CA  1 
ATOM 730  C C   . MET A 1 471 ? -9.163  2.680   -7.783  1.00 32.41 ? 471 MET A C   1 
ATOM 731  O O   . MET A 1 471 ? -8.365  2.818   -8.715  1.00 36.94 ? 471 MET A O   1 
ATOM 732  C CB  . MET A 1 471 ? -8.209  1.400   -5.833  1.00 30.05 ? 471 MET A CB  1 
ATOM 733  C CG  . MET A 1 471 ? -6.953  0.897   -6.502  1.00 34.36 ? 471 MET A CG  1 
ATOM 734  S SD  . MET A 1 471 ? -5.461  1.831   -6.056  1.00 34.05 ? 471 MET A SD  1 
ATOM 735  C CE  . MET A 1 471 ? -4.239  0.945   -7.004  1.00 31.85 ? 471 MET A CE  1 
ATOM 736  N N   . GLY A 1 472 ? -10.459 2.449   -7.983  1.00 33.11 ? 472 GLY A N   1 
ATOM 737  C CA  . GLY A 1 472 ? -11.028 2.638   -9.307  1.00 24.74 ? 472 GLY A CA  1 
ATOM 738  C C   . GLY A 1 472 ? -11.170 4.107   -9.662  1.00 27.66 ? 472 GLY A C   1 
ATOM 739  O O   . GLY A 1 472 ? -10.862 4.523   -10.782 1.00 31.04 ? 472 GLY A O   1 
ATOM 740  N N   . VAL A 1 473 ? -11.634 4.916   -8.705  1.00 24.53 ? 473 VAL A N   1 
ATOM 741  C CA  . VAL A 1 473 ? -11.721 6.351   -8.955  1.00 30.80 ? 473 VAL A CA  1 
ATOM 742  C C   . VAL A 1 473 ? -10.365 6.895   -9.400  1.00 37.80 ? 473 VAL A C   1 
ATOM 743  O O   . VAL A 1 473 ? -10.229 7.434   -10.507 1.00 38.65 ? 473 VAL A O   1 
ATOM 744  C CB  . VAL A 1 473 ? -12.249 7.080   -7.705  1.00 24.17 ? 473 VAL A CB  1 
ATOM 745  C CG1 . VAL A 1 473 ? -12.223 8.584   -7.902  1.00 27.41 ? 473 VAL A CG1 1 
ATOM 746  C CG2 . VAL A 1 473 ? -13.661 6.625   -7.384  1.00 16.58 ? 473 VAL A CG2 1 
ATOM 747  N N   . THR A 1 474 ? -9.335  6.702   -8.577  1.00 37.72 ? 474 THR A N   1 
ATOM 748  C CA  . THR A 1 474 ? -8.038  7.323   -8.825  1.00 43.65 ? 474 THR A CA  1 
ATOM 749  C C   . THR A 1 474 ? -7.181  6.546   -9.827  1.00 39.80 ? 474 THR A C   1 
ATOM 750  O O   . THR A 1 474 ? -6.529  7.153   -10.684 1.00 43.35 ? 474 THR A O   1 
ATOM 751  C CB  . THR A 1 474 ? -7.318  7.485   -7.490  1.00 42.32 ? 474 THR A CB  1 
ATOM 752  O OG1 . THR A 1 474 ? -7.296  6.220   -6.816  1.00 38.14 ? 474 THR A OG1 1 
ATOM 753  C CG2 . THR A 1 474 ? -8.054  8.493   -6.624  1.00 33.85 ? 474 THR A CG2 1 
ATOM 754  N N   . MET A 1 475 ? -7.162  5.212   -9.735  1.00 41.04 ? 475 MET A N   1 
ATOM 755  C CA  . MET A 1 475 ? -6.332  4.408   -10.634 1.00 46.49 ? 475 MET A CA  1 
ATOM 756  C C   . MET A 1 475 ? -6.961  4.311   -12.023 1.00 46.86 ? 475 MET A C   1 
ATOM 757  O O   . MET A 1 475 ? -6.262  4.057   -13.014 1.00 42.18 ? 475 MET A O   1 
ATOM 758  C CB  . MET A 1 475 ? -6.132  3.010   -10.030 1.00 44.48 ? 475 MET A CB  1 
ATOM 759  C CG  . MET A 1 475 ? -5.127  2.056   -10.688 1.00 49.55 ? 475 MET A CG  1 
ATOM 760  S SD  . MET A 1 475 ? -3.390  2.421   -10.367 1.00 65.05 ? 475 MET A SD  1 
ATOM 761  C CE  . MET A 1 475 ? -2.572  1.031   -11.134 1.00 37.09 ? 475 MET A CE  1 
ATOM 762  N N   . PHE A 1 476 ? -8.275  4.531   -12.121 1.00 45.28 ? 476 PHE A N   1 
ATOM 763  C CA  . PHE A 1 476 ? -8.982  4.240   -13.366 1.00 43.57 ? 476 PHE A CA  1 
ATOM 764  C C   . PHE A 1 476 ? -8.908  5.405   -14.356 1.00 44.44 ? 476 PHE A C   1 
ATOM 765  O O   . PHE A 1 476 ? -9.224  5.232   -15.540 1.00 44.10 ? 476 PHE A O   1 
ATOM 766  C CB  . PHE A 1 476 ? -10.440 3.883   -13.054 1.00 43.74 ? 476 PHE A CB  1 
ATOM 767  C CG  . PHE A 1 476 ? -11.273 3.560   -14.265 1.00 43.12 ? 476 PHE A CG  1 
ATOM 768  C CD1 . PHE A 1 476 ? -11.284 2.285   -14.796 1.00 41.15 ? 476 PHE A CD1 1 
ATOM 769  C CD2 . PHE A 1 476 ? -12.041 4.539   -14.875 1.00 55.24 ? 476 PHE A CD2 1 
ATOM 770  C CE1 . PHE A 1 476 ? -12.043 1.995   -15.899 1.00 43.37 ? 476 PHE A CE1 1 
ATOM 771  C CE2 . PHE A 1 476 ? -12.793 4.253   -15.976 1.00 45.88 ? 476 PHE A CE2 1 
ATOM 772  C CZ  . PHE A 1 476 ? -12.793 2.979   -16.491 1.00 30.72 ? 476 PHE A CZ  1 
ATOM 773  N N   . PHE A 1 477 ? -8.525  6.604   -13.897 1.00 47.78 ? 477 PHE A N   1 
ATOM 774  C CA  . PHE A 1 477 ? -8.605  7.789   -14.759 1.00 48.64 ? 477 PHE A CA  1 
ATOM 775  C C   . PHE A 1 477 ? -7.279  8.233   -15.371 1.00 38.90 ? 477 PHE A C   1 
ATOM 776  O O   . PHE A 1 477 ? -7.283  9.225   -16.104 1.00 47.32 ? 477 PHE A O   1 
ATOM 777  C CB  . PHE A 1 477 ? -9.187  8.987   -14.004 1.00 47.29 ? 477 PHE A CB  1 
ATOM 778  C CG  . PHE A 1 477 ? -10.613 8.812   -13.575 1.00 48.35 ? 477 PHE A CG  1 
ATOM 779  C CD1 . PHE A 1 477 ? -11.409 7.831   -14.130 1.00 48.44 ? 477 PHE A CD1 1 
ATOM 780  C CD2 . PHE A 1 477 ? -11.161 9.653   -12.625 1.00 38.59 ? 477 PHE A CD2 1 
ATOM 781  C CE1 . PHE A 1 477 ? -12.722 7.682   -13.731 1.00 40.55 ? 477 PHE A CE1 1 
ATOM 782  C CE2 . PHE A 1 477 ? -12.471 9.512   -12.224 1.00 39.13 ? 477 PHE A CE2 1 
ATOM 783  C CZ  . PHE A 1 477 ? -13.257 8.531   -12.782 1.00 44.37 ? 477 PHE A CZ  1 
ATOM 784  N N   . ILE A 1 478 ? -6.155  7.568   -15.086 1.00 30.35 ? 478 ILE A N   1 
ATOM 785  C CA  . ILE A 1 478 ? -4.842  8.129   -15.416 1.00 39.13 ? 478 ILE A CA  1 
ATOM 786  C C   . ILE A 1 478 ? -4.741  8.500   -16.890 1.00 49.80 ? 478 ILE A C   1 
ATOM 787  O O   . ILE A 1 478 ? -5.064  7.694   -17.770 1.00 34.52 ? 478 ILE A O   1 
ATOM 788  C CB  . ILE A 1 478 ? -3.700  7.172   -15.028 1.00 42.78 ? 478 ILE A CB  1 
ATOM 789  C CG1 . ILE A 1 478 ? -3.659  6.997   -13.509 1.00 36.04 ? 478 ILE A CG1 1 
ATOM 790  C CG2 . ILE A 1 478 ? -2.362  7.714   -15.536 1.00 49.15 ? 478 ILE A CG2 1 
ATOM 791  C CD1 . ILE A 1 478 ? -2.763  5.889   -13.053 1.00 43.24 ? 478 ILE A CD1 1 
ATOM 792  N N   . GLN A 1 479 ? -4.306  9.729   -17.157 1.00 57.12 ? 479 GLN A N   1 
ATOM 793  C CA  . GLN A 1 479 ? -4.165  10.250  -18.513 1.00 46.67 ? 479 GLN A CA  1 
ATOM 794  C C   . GLN A 1 479 ? -3.062  11.296  -18.594 1.00 39.72 ? 479 GLN A C   1 
ATOM 795  O O   . GLN A 1 479 ? -3.336  12.491  -18.535 1.00 28.94 ? 479 GLN A O   1 
ATOM 796  C CB  . GLN A 1 479 ? -5.484  10.859  -19.005 1.00 36.80 ? 479 GLN A CB  1 
ATOM 797  C CG  . GLN A 1 479 ? -6.593  9.867   -19.329 1.00 37.15 ? 479 GLN A CG  1 
ATOM 798  C CD  . GLN A 1 479 ? -7.889  10.562  -19.651 1.00 56.82 ? 479 GLN A CD  1 
ATOM 799  O OE1 . GLN A 1 479 ? -8.124  11.688  -19.213 1.00 77.02 ? 479 GLN A OE1 1 
ATOM 800  N NE2 . GLN A 1 479 ? -8.742  9.902   -20.413 1.00 39.22 ? 479 GLN A NE2 1 
ATOM 801  N N   . LYS A 1 493 ? -5.887  -1.315  -24.051 1.00 45.64 ? 493 LYS A N   1 
ATOM 802  C CA  . LYS A 1 493 ? -7.103  -2.062  -24.332 1.00 50.96 ? 493 LYS A CA  1 
ATOM 803  C C   . LYS A 1 493 ? -7.546  -2.776  -23.076 1.00 55.48 ? 493 LYS A C   1 
ATOM 804  O O   . LYS A 1 493 ? -8.614  -2.503  -22.541 1.00 43.58 ? 493 LYS A O   1 
ATOM 805  C CB  . LYS A 1 493 ? -6.878  -3.060  -25.468 1.00 51.40 ? 493 LYS A CB  1 
ATOM 806  N N   . ILE A 1 494 ? -6.700  -3.695  -22.608 1.00 60.52 ? 494 ILE A N   1 
ATOM 807  C CA  . ILE A 1 494 ? -6.973  -4.410  -21.370 1.00 41.74 ? 494 ILE A CA  1 
ATOM 808  C C   . ILE A 1 494 ? -6.653  -3.533  -20.164 1.00 40.44 ? 494 ILE A C   1 
ATOM 809  O O   . ILE A 1 494 ? -7.170  -3.764  -19.062 1.00 46.65 ? 494 ILE A O   1 
ATOM 810  C CB  . ILE A 1 494 ? -6.180  -5.731  -21.349 1.00 37.21 ? 494 ILE A CB  1 
ATOM 811  N N   . MET A 1 495 ? -5.816  -2.504  -20.357 1.00 43.98 ? 495 MET A N   1 
ATOM 812  C CA  . MET A 1 495 ? -5.447  -1.553  -19.314 1.00 47.37 ? 495 MET A CA  1 
ATOM 813  C C   . MET A 1 495 ? -6.416  -0.380  -19.210 1.00 50.69 ? 495 MET A C   1 
ATOM 814  O O   . MET A 1 495 ? -6.165  0.553   -18.438 1.00 49.75 ? 495 MET A O   1 
ATOM 815  C CB  . MET A 1 495 ? -4.032  -1.022  -19.558 1.00 43.03 ? 495 MET A CB  1 
ATOM 816  N N   . THR A 1 496 ? -7.494  -0.386  -19.987 1.00 47.48 ? 496 THR A N   1 
ATOM 817  C CA  . THR A 1 496 ? -8.650  0.459   -19.725 1.00 42.15 ? 496 THR A CA  1 
ATOM 818  C C   . THR A 1 496 ? -9.642  -0.240  -18.799 1.00 38.21 ? 496 THR A C   1 
ATOM 819  O O   . THR A 1 496 ? -10.716 0.300   -18.508 1.00 27.60 ? 496 THR A O   1 
ATOM 820  C CB  . THR A 1 496 ? -9.312  0.867   -21.049 1.00 36.45 ? 496 THR A CB  1 
ATOM 821  N N   . PHE A 1 497 ? -9.274  -1.428  -18.324 1.00 47.54 ? 497 PHE A N   1 
ATOM 822  C CA  . PHE A 1 497 ? -10.025 -2.282  -17.415 1.00 43.73 ? 497 PHE A CA  1 
ATOM 823  C C   . PHE A 1 497 ? -9.314  -2.321  -16.069 1.00 34.69 ? 497 PHE A C   1 
ATOM 824  O O   . PHE A 1 497 ? -9.913  -2.040  -15.027 1.00 29.66 ? 497 PHE A O   1 
ATOM 825  C CB  . PHE A 1 497 ? -10.164 -3.695  -17.995 1.00 45.87 ? 497 PHE A CB  1 
ATOM 826  C CG  . PHE A 1 497 ? -11.068 -3.774  -19.197 1.00 49.15 ? 497 PHE A CG  1 
ATOM 827  C CD1 . PHE A 1 497 ? -12.128 -2.903  -19.342 1.00 49.84 ? 497 PHE A CD1 1 
ATOM 828  C CD2 . PHE A 1 497 ? -10.830 -4.695  -20.196 1.00 57.39 ? 497 PHE A CD2 1 
ATOM 829  C CE1 . PHE A 1 497 ? -12.942 -2.975  -20.442 1.00 56.80 ? 497 PHE A CE1 1 
ATOM 830  C CE2 . PHE A 1 497 ? -11.647 -4.760  -21.305 1.00 65.67 ? 497 PHE A CE2 1 
ATOM 831  C CZ  . PHE A 1 497 ? -12.694 -3.898  -21.425 1.00 69.24 ? 497 PHE A CZ  1 
ATOM 832  N N   . MET A 1 498 ? -8.031  -2.695  -16.105 1.00 38.38 ? 498 MET A N   1 
ATOM 833  C CA  . MET A 1 498 ? -7.228  -3.193  -14.994 1.00 48.13 ? 498 MET A CA  1 
ATOM 834  C C   . MET A 1 498 ? -7.480  -2.482  -13.666 1.00 55.58 ? 498 MET A C   1 
ATOM 835  O O   . MET A 1 498 ? -7.876  -3.161  -12.731 1.00 61.40 ? 498 MET A O   1 
ATOM 836  C CB  . MET A 1 498 ? -5.750  -3.140  -15.385 1.00 41.43 ? 498 MET A CB  1 
ATOM 837  C CG  . MET A 1 498 ? -5.454  -4.102  -16.532 1.00 49.46 ? 498 MET A CG  1 
ATOM 838  S SD  . MET A 1 498 ? -3.807  -4.001  -17.235 1.00 71.37 ? 498 MET A SD  1 
ATOM 839  C CE  . MET A 1 498 ? -3.966  -5.206  -18.547 1.00 40.58 ? 498 MET A CE  1 
ATOM 840  N N   . PRO A 1 499 ? -7.384  -1.152  -13.531 1.00 43.49 ? 499 PRO A N   1 
ATOM 841  C CA  . PRO A 1 499 ? -7.610  -0.563  -12.191 1.00 47.24 ? 499 PRO A CA  1 
ATOM 842  C C   . PRO A 1 499 ? -8.808  -1.148  -11.436 1.00 44.03 ? 499 PRO A C   1 
ATOM 843  O O   . PRO A 1 499 ? -8.766  -1.261  -10.202 1.00 49.18 ? 499 PRO A O   1 
ATOM 844  C CB  . PRO A 1 499 ? -7.801  0.923   -12.510 1.00 37.56 ? 499 PRO A CB  1 
ATOM 845  C CG  . PRO A 1 499 ? -6.907  1.135   -13.685 1.00 39.84 ? 499 PRO A CG  1 
ATOM 846  C CD  . PRO A 1 499 ? -7.002  -0.119  -14.514 1.00 41.36 ? 499 PRO A CD  1 
ATOM 847  N N   . VAL A 1 500 ? -9.852  -1.567  -12.158 1.00 40.65 ? 500 VAL A N   1 
ATOM 848  C CA  . VAL A 1 500 ? -10.932 -2.359  -11.578 1.00 39.36 ? 500 VAL A CA  1 
ATOM 849  C C   . VAL A 1 500 ? -10.537 -3.836  -11.466 1.00 38.32 ? 500 VAL A C   1 
ATOM 850  O O   . VAL A 1 500 ? -10.989 -4.541  -10.554 1.00 28.65 ? 500 VAL A O   1 
ATOM 851  C CB  . VAL A 1 500 ? -12.220 -2.162  -12.403 1.00 41.92 ? 500 VAL A CB  1 
ATOM 852  C CG1 . VAL A 1 500 ? -13.347 -3.065  -11.903 1.00 35.16 ? 500 VAL A CG1 1 
ATOM 853  C CG2 . VAL A 1 500 ? -12.656 -0.709  -12.347 1.00 51.75 ? 500 VAL A CG2 1 
ATOM 854  N N   . ILE A 1 501 ? -9.689  -4.330  -12.376 1.00 40.15 ? 501 ILE A N   1 
ATOM 855  C CA  . ILE A 1 501 ? -9.262  -5.731  -12.312 1.00 39.15 ? 501 ILE A CA  1 
ATOM 856  C C   . ILE A 1 501 ? -8.269  -5.945  -11.170 1.00 41.65 ? 501 ILE A C   1 
ATOM 857  O O   . ILE A 1 501 ? -8.411  -6.873  -10.363 1.00 38.03 ? 501 ILE A O   1 
ATOM 858  C CB  . ILE A 1 501 ? -8.668  -6.172  -13.661 1.00 31.89 ? 501 ILE A CB  1 
ATOM 859  C CG1 . ILE A 1 501 ? -9.655  -5.895  -14.808 1.00 33.07 ? 501 ILE A CG1 1 
ATOM 860  C CG2 . ILE A 1 501 ? -8.218  -7.620  -13.582 1.00 32.81 ? 501 ILE A CG2 1 
ATOM 861  C CD1 . ILE A 1 501 ? -11.053 -6.483  -14.631 1.00 37.66 ? 501 ILE A CD1 1 
ATOM 862  N N   . PHE A 1 502 ? -7.222  -5.117  -11.121 1.00 42.73 ? 502 PHE A N   1 
ATOM 863  C CA  . PHE A 1 502 ? -6.453  -4.907  -9.909  1.00 35.34 ? 502 PHE A CA  1 
ATOM 864  C C   . PHE A 1 502 ? -7.365  -4.706  -8.710  1.00 28.99 ? 502 PHE A C   1 
ATOM 865  O O   . PHE A 1 502 ? -7.133  -5.329  -7.688  1.00 36.15 ? 502 PHE A O   1 
ATOM 866  C CB  . PHE A 1 502 ? -5.532  -3.683  -10.054 1.00 47.32 ? 502 PHE A CB  1 
ATOM 867  C CG  . PHE A 1 502 ? -4.518  -3.787  -11.162 1.00 65.67 ? 502 PHE A CG  1 
ATOM 868  C CD1 . PHE A 1 502 ? -4.117  -5.019  -11.658 1.00 51.45 ? 502 PHE A CD1 1 
ATOM 869  C CD2 . PHE A 1 502 ? -3.986  -2.635  -11.729 1.00 58.78 ? 502 PHE A CD2 1 
ATOM 870  C CE1 . PHE A 1 502 ? -3.191  -5.098  -12.685 1.00 53.61 ? 502 PHE A CE1 1 
ATOM 871  C CE2 . PHE A 1 502 ? -3.057  -2.705  -12.751 1.00 59.30 ? 502 PHE A CE2 1 
ATOM 872  C CZ  . PHE A 1 502 ? -2.662  -3.941  -13.235 1.00 63.43 ? 502 PHE A CZ  1 
ATOM 873  N N   . THR A 1 503 ? -8.392  -3.851  -8.798  1.00 24.84 ? 503 THR A N   1 
ATOM 874  C CA  . THR A 1 503 ? -9.257  -3.635  -7.633  1.00 35.14 ? 503 THR A CA  1 
ATOM 875  C C   . THR A 1 503 ? -9.807  -4.945  -7.075  1.00 32.91 ? 503 THR A C   1 
ATOM 876  O O   . THR A 1 503 ? -9.617  -5.254  -5.890  1.00 38.94 ? 503 THR A O   1 
ATOM 877  C CB  . THR A 1 503 ? -10.402 -2.682  -7.970  1.00 34.67 ? 503 THR A CB  1 
ATOM 878  O OG1 . THR A 1 503 ? -9.895  -1.344  -8.062  1.00 31.32 ? 503 THR A OG1 1 
ATOM 879  C CG2 . THR A 1 503 ? -11.489 -2.759  -6.899  1.00 23.32 ? 503 THR A CG2 1 
ATOM 880  N N   . VAL A 1 504 ? -10.475 -5.737  -7.914  1.00 28.26 ? 504 VAL A N   1 
ATOM 881  C CA  . VAL A 1 504 ? -11.009 -7.005  -7.424  1.00 30.06 ? 504 VAL A CA  1 
ATOM 882  C C   . VAL A 1 504 ? -9.890  -8.015  -7.200  1.00 32.05 ? 504 VAL A C   1 
ATOM 883  O O   . VAL A 1 504 ? -10.140 -9.134  -6.738  1.00 33.23 ? 504 VAL A O   1 
ATOM 884  C CB  . VAL A 1 504 ? -12.049 -7.574  -8.396  1.00 26.14 ? 504 VAL A CB  1 
ATOM 885  C CG1 . VAL A 1 504 ? -13.119 -6.528  -8.730  1.00 25.83 ? 504 VAL A CG1 1 
ATOM 886  C CG2 . VAL A 1 504 ? -11.358 -8.125  -9.619  1.00 26.91 ? 504 VAL A CG2 1 
ATOM 887  N N   . PHE A 1 505 ? -8.665  -7.674  -7.589  1.00 32.30 ? 505 PHE A N   1 
ATOM 888  C CA  . PHE A 1 505 ? -7.513  -8.465  -7.189  1.00 36.92 ? 505 PHE A CA  1 
ATOM 889  C C   . PHE A 1 505 ? -7.078  -8.101  -5.769  1.00 38.89 ? 505 PHE A C   1 
ATOM 890  O O   . PHE A 1 505 ? -6.856  -8.991  -4.943  1.00 36.32 ? 505 PHE A O   1 
ATOM 891  C CB  . PHE A 1 505 ? -6.415  -8.259  -8.235  1.00 39.79 ? 505 PHE A CB  1 
ATOM 892  C CG  . PHE A 1 505 ? -5.139  -9.001  -7.973  1.00 46.27 ? 505 PHE A CG  1 
ATOM 893  C CD1 . PHE A 1 505 ? -5.076  -10.378 -8.112  1.00 40.65 ? 505 PHE A CD1 1 
ATOM 894  C CD2 . PHE A 1 505 ? -3.970  -8.304  -7.695  1.00 38.72 ? 505 PHE A CD2 1 
ATOM 895  C CE1 . PHE A 1 505 ? -3.893  -11.056 -7.913  1.00 32.74 ? 505 PHE A CE1 1 
ATOM 896  C CE2 . PHE A 1 505 ? -2.781  -8.971  -7.508  1.00 35.53 ? 505 PHE A CE2 1 
ATOM 897  C CZ  . PHE A 1 505 ? -2.737  -10.349 -7.612  1.00 29.98 ? 505 PHE A CZ  1 
ATOM 898  N N   . PHE A 1 506 ? -7.033  -6.804  -5.451  1.00 37.26 ? 506 PHE A N   1 
ATOM 899  C CA  . PHE A 1 506 ? -6.822  -6.278  -4.114  1.00 31.98 ? 506 PHE A CA  1 
ATOM 900  C C   . PHE A 1 506 ? -7.861  -6.743  -3.113  1.00 33.80 ? 506 PHE A C   1 
ATOM 901  O O   . PHE A 1 506 ? -7.528  -6.895  -1.936  1.00 35.86 ? 506 PHE A O   1 
ATOM 902  C CB  . PHE A 1 506 ? -6.849  -4.748  -4.108  1.00 31.67 ? 506 PHE A CB  1 
ATOM 903  C CG  . PHE A 1 506 ? -5.717  -4.111  -4.834  1.00 37.90 ? 506 PHE A CG  1 
ATOM 904  C CD1 . PHE A 1 506 ? -4.451  -4.113  -4.295  1.00 46.52 ? 506 PHE A CD1 1 
ATOM 905  C CD2 . PHE A 1 506 ? -5.936  -3.428  -6.008  1.00 35.91 ? 506 PHE A CD2 1 
ATOM 906  C CE1 . PHE A 1 506 ? -3.404  -3.491  -4.949  1.00 46.72 ? 506 PHE A CE1 1 
ATOM 907  C CE2 . PHE A 1 506 ? -4.912  -2.816  -6.680  1.00 32.77 ? 506 PHE A CE2 1 
ATOM 908  C CZ  . PHE A 1 506 ? -3.636  -2.835  -6.148  1.00 36.31 ? 506 PHE A CZ  1 
ATOM 909  N N   . LEU A 1 507 ? -9.112  -6.943  -3.533  1.00 32.69 ? 507 LEU A N   1 
ATOM 910  C CA  . LEU A 1 507 ? -10.121 -7.331  -2.556  1.00 26.10 ? 507 LEU A CA  1 
ATOM 911  C C   . LEU A 1 507 ? -9.761  -8.650  -1.885  1.00 36.42 ? 507 LEU A C   1 
ATOM 912  O O   . LEU A 1 507 ? -10.323 -8.975  -0.832  1.00 40.42 ? 507 LEU A O   1 
ATOM 913  C CB  . LEU A 1 507 ? -11.496 -7.385  -3.224  1.00 29.29 ? 507 LEU A CB  1 
ATOM 914  C CG  . LEU A 1 507 ? -11.785 -5.983  -3.774  1.00 29.31 ? 507 LEU A CG  1 
ATOM 915  C CD1 . LEU A 1 507 ? -13.084 -5.847  -4.603  1.00 31.10 ? 507 LEU A CD1 1 
ATOM 916  C CD2 . LEU A 1 507 ? -11.763 -5.013  -2.628  1.00 30.27 ? 507 LEU A CD2 1 
ATOM 917  N N   . TRP A 1 508 ? -8.813  -9.390  -2.463  1.00 44.70 ? 508 TRP A N   1 
ATOM 918  C CA  . TRP A 1 508 ? -8.150  -10.519 -1.830  1.00 45.35 ? 508 TRP A CA  1 
ATOM 919  C C   . TRP A 1 508 ? -6.912  -10.106 -1.034  1.00 46.54 ? 508 TRP A C   1 
ATOM 920  O O   . TRP A 1 508 ? -6.132  -10.973 -0.632  1.00 53.98 ? 508 TRP A O   1 
ATOM 921  C CB  . TRP A 1 508 ? -7.763  -11.580 -2.856  1.00 49.94 ? 508 TRP A CB  1 
ATOM 922  C CG  . TRP A 1 508 ? -8.898  -12.394 -3.357  1.00 36.16 ? 508 TRP A CG  1 
ATOM 923  C CD1 . TRP A 1 508 ? -9.457  -12.366 -4.604  1.00 27.06 ? 508 TRP A CD1 1 
ATOM 924  C CD2 . TRP A 1 508 ? -9.663  -13.326 -2.592  1.00 46.06 ? 508 TRP A CD2 1 
ATOM 925  N NE1 . TRP A 1 508 ? -10.497 -13.265 -4.672  1.00 37.39 ? 508 TRP A NE1 1 
ATOM 926  C CE2 . TRP A 1 508 ? -10.646 -13.861 -3.445  1.00 54.06 ? 508 TRP A CE2 1 
ATOM 927  C CE3 . TRP A 1 508 ? -9.604  -13.770 -1.267  1.00 46.25 ? 508 TRP A CE3 1 
ATOM 928  C CZ2 . TRP A 1 508 ? -11.557 -14.818 -3.014  1.00 57.35 ? 508 TRP A CZ2 1 
ATOM 929  C CZ3 . TRP A 1 508 ? -10.498 -14.717 -0.846  1.00 47.87 ? 508 TRP A CZ3 1 
ATOM 930  C CH2 . TRP A 1 508 ? -11.467 -15.231 -1.713  1.00 39.22 ? 508 TRP A CH2 1 
ATOM 931  N N   . PHE A 1 509 ? -6.681  -8.812  -0.849  1.00 30.92 ? 509 PHE A N   1 
ATOM 932  C CA  . PHE A 1 509 ? -5.596  -8.400  0.031   1.00 29.83 ? 509 PHE A CA  1 
ATOM 933  C C   . PHE A 1 509 ? -6.102  -7.285  0.946   1.00 23.07 ? 509 PHE A C   1 
ATOM 934  O O   . PHE A 1 509 ? -7.169  -6.715  0.696   1.00 26.99 ? 509 PHE A O   1 
ATOM 935  C CB  . PHE A 1 509 ? -4.384  -7.974  -0.803  1.00 32.27 ? 509 PHE A CB  1 
ATOM 936  C CG  . PHE A 1 509 ? -3.998  -8.997  -1.843  1.00 44.21 ? 509 PHE A CG  1 
ATOM 937  C CD1 . PHE A 1 509 ? -3.280  -10.130 -1.498  1.00 41.34 ? 509 PHE A CD1 1 
ATOM 938  C CD2 . PHE A 1 509 ? -4.415  -8.856  -3.153  1.00 45.25 ? 509 PHE A CD2 1 
ATOM 939  C CE1 . PHE A 1 509 ? -2.960  -11.083 -2.444  1.00 32.15 ? 509 PHE A CE1 1 
ATOM 940  C CE2 . PHE A 1 509 ? -4.092  -9.807  -4.100  1.00 46.34 ? 509 PHE A CE2 1 
ATOM 941  C CZ  . PHE A 1 509 ? -3.363  -10.915 -3.744  1.00 35.25 ? 509 PHE A CZ  1 
ATOM 942  N N   . PRO A 1 510 ? -5.418  -6.994  2.046   1.00 19.96 ? 510 PRO A N   1 
ATOM 943  C CA  . PRO A 1 510 ? -5.860  -5.891  2.915   1.00 20.27 ? 510 PRO A CA  1 
ATOM 944  C C   . PRO A 1 510 ? -5.774  -4.520  2.243   1.00 22.30 ? 510 PRO A C   1 
ATOM 945  O O   . PRO A 1 510 ? -5.116  -4.340  1.215   1.00 23.75 ? 510 PRO A O   1 
ATOM 946  C CB  . PRO A 1 510 ? -4.907  -6.000  4.113   1.00 27.05 ? 510 PRO A CB  1 
ATOM 947  C CG  . PRO A 1 510 ? -4.556  -7.466  4.143   1.00 33.85 ? 510 PRO A CG  1 
ATOM 948  C CD  . PRO A 1 510 ? -4.461  -7.888  2.719   1.00 28.48 ? 510 PRO A CD  1 
ATOM 949  N N   . SER A 1 511 ? -6.467  -3.542  2.849   1.00 23.06 ? 511 SER A N   1 
ATOM 950  C CA  . SER A 1 511 ? -6.711  -2.256  2.191   1.00 21.51 ? 511 SER A CA  1 
ATOM 951  C C   . SER A 1 511 ? -5.495  -1.333  2.215   1.00 19.81 ? 511 SER A C   1 
ATOM 952  O O   . SER A 1 511 ? -5.147  -0.747  1.182   1.00 23.86 ? 511 SER A O   1 
ATOM 953  C CB  . SER A 1 511 ? -7.899  -1.544  2.843   1.00 21.40 ? 511 SER A CB  1 
ATOM 954  O OG  . SER A 1 511 ? -7.642  -1.204  4.199   1.00 19.06 ? 511 SER A OG  1 
ATOM 955  N N   . GLY A 1 512 ? -4.860  -1.164  3.377   1.00 18.64 ? 512 GLY A N   1 
ATOM 956  C CA  . GLY A 1 512 ? -3.741  -0.239  3.472   1.00 16.38 ? 512 GLY A CA  1 
ATOM 957  C C   . GLY A 1 512 ? -2.696  -0.479  2.404   1.00 17.72 ? 512 GLY A C   1 
ATOM 958  O O   . GLY A 1 512 ? -2.000  0.444   1.970   1.00 27.88 ? 512 GLY A O   1 
ATOM 959  N N   . LEU A 1 513 ? -2.563  -1.730  1.983   1.00 17.56 ? 513 LEU A N   1 
ATOM 960  C CA  . LEU A 1 513 ? -1.678  -2.054  0.876   1.00 22.35 ? 513 LEU A CA  1 
ATOM 961  C C   . LEU A 1 513 ? -2.113  -1.291  -0.370  1.00 25.58 ? 513 LEU A C   1 
ATOM 962  O O   . LEU A 1 513 ? -1.300  -0.634  -1.048  1.00 27.55 ? 513 LEU A O   1 
ATOM 963  C CB  . LEU A 1 513 ? -1.734  -3.562  0.654   1.00 19.46 ? 513 LEU A CB  1 
ATOM 964  C CG  . LEU A 1 513 ? -0.731  -4.408  -0.107  1.00 16.42 ? 513 LEU A CG  1 
ATOM 965  C CD1 . LEU A 1 513 ? 0.531   -4.551  0.718   1.00 22.39 ? 513 LEU A CD1 1 
ATOM 966  C CD2 . LEU A 1 513 ? -1.362  -5.744  -0.384  1.00 21.88 ? 513 LEU A CD2 1 
ATOM 967  N N   . VAL A 1 514 ? -3.417  -1.315  -0.636  1.00 23.28 ? 514 VAL A N   1 
ATOM 968  C CA  . VAL A 1 514 ? -3.962  -0.555  -1.748  1.00 22.48 ? 514 VAL A CA  1 
ATOM 969  C C   . VAL A 1 514 ? -3.765  0.930   -1.493  1.00 23.87 ? 514 VAL A C   1 
ATOM 970  O O   . VAL A 1 514 ? -3.751  1.737   -2.424  1.00 28.95 ? 514 VAL A O   1 
ATOM 971  C CB  . VAL A 1 514 ? -5.447  -0.897  -1.951  1.00 18.61 ? 514 VAL A CB  1 
ATOM 972  C CG1 . VAL A 1 514 ? -5.936  -0.421  -3.332  1.00 29.02 ? 514 VAL A CG1 1 
ATOM 973  C CG2 . VAL A 1 514 ? -5.716  -2.380  -1.674  1.00 15.81 ? 514 VAL A CG2 1 
ATOM 974  N N   . LEU A 1 515 ? -3.603  1.309   -0.221  1.00 24.59 ? 515 LEU A N   1 
ATOM 975  C CA  . LEU A 1 515 ? -3.367  2.713   0.108   1.00 18.35 ? 515 LEU A CA  1 
ATOM 976  C C   . LEU A 1 515 ? -1.985  3.155   -0.358  1.00 18.10 ? 515 LEU A C   1 
ATOM 977  O O   . LEU A 1 515 ? -1.843  4.223   -0.964  1.00 18.76 ? 515 LEU A O   1 
ATOM 978  C CB  . LEU A 1 515 ? -3.533  2.952   1.613   1.00 14.03 ? 515 LEU A CB  1 
ATOM 979  C CG  . LEU A 1 515 ? -3.692  4.382   2.151   1.00 13.67 ? 515 LEU A CG  1 
ATOM 980  C CD1 . LEU A 1 515 ? -4.441  4.377   3.465   1.00 21.55 ? 515 LEU A CD1 1 
ATOM 981  C CD2 . LEU A 1 515 ? -2.370  5.094   2.319   1.00 24.05 ? 515 LEU A CD2 1 
ATOM 982  N N   . TYR A 1 516 ? -0.944  2.357   -0.068  1.00 23.49 ? 516 TYR A N   1 
ATOM 983  C CA  . TYR A 1 516 ? 0.374   2.659   -0.640  1.00 27.88 ? 516 TYR A CA  1 
ATOM 984  C C   . TYR A 1 516 ? 0.298   2.716   -2.157  1.00 31.94 ? 516 TYR A C   1 
ATOM 985  O O   . TYR A 1 516 ? 0.938   3.561   -2.800  1.00 38.86 ? 516 TYR A O   1 
ATOM 986  C CB  . TYR A 1 516 ? 1.421   1.630   -0.201  1.00 28.95 ? 516 TYR A CB  1 
ATOM 987  C CG  . TYR A 1 516 ? 2.752   1.770   -0.933  1.00 27.01 ? 516 TYR A CG  1 
ATOM 988  C CD1 . TYR A 1 516 ? 3.680   2.744   -0.568  1.00 24.28 ? 516 TYR A CD1 1 
ATOM 989  C CD2 . TYR A 1 516 ? 3.075   0.926   -1.993  1.00 25.16 ? 516 TYR A CD2 1 
ATOM 990  C CE1 . TYR A 1 516 ? 4.889   2.873   -1.235  1.00 34.89 ? 516 TYR A CE1 1 
ATOM 991  C CE2 . TYR A 1 516 ? 4.279   1.043   -2.665  1.00 22.60 ? 516 TYR A CE2 1 
ATOM 992  C CZ  . TYR A 1 516 ? 5.184   2.020   -2.282  1.00 35.20 ? 516 TYR A CZ  1 
ATOM 993  O OH  . TYR A 1 516 ? 6.376   2.145   -2.951  1.00 38.17 ? 516 TYR A OH  1 
ATOM 994  N N   . TYR A 1 517 ? -0.490  1.815   -2.746  1.00 32.12 ? 517 TYR A N   1 
ATOM 995  C CA  . TYR A 1 517 ? -0.785  1.924   -4.171  1.00 31.27 ? 517 TYR A CA  1 
ATOM 996  C C   . TYR A 1 517 ? -1.373  3.284   -4.535  1.00 31.16 ? 517 TYR A C   1 
ATOM 997  O O   . TYR A 1 517 ? -0.950  3.908   -5.520  1.00 39.43 ? 517 TYR A O   1 
ATOM 998  C CB  . TYR A 1 517 ? -1.697  0.767   -4.578  1.00 25.54 ? 517 TYR A CB  1 
ATOM 999  C CG  . TYR A 1 517 ? -0.843  -0.415  -4.896  1.00 28.80 ? 517 TYR A CG  1 
ATOM 1000 C CD1 . TYR A 1 517 ? -0.552  -0.727  -6.208  1.00 35.59 ? 517 TYR A CD1 1 
ATOM 1001 C CD2 . TYR A 1 517 ? -0.187  -1.106  -3.895  1.00 26.00 ? 517 TYR A CD2 1 
ATOM 1002 C CE1 . TYR A 1 517 ? 0.276   -1.763  -6.517  1.00 30.34 ? 517 TYR A CE1 1 
ATOM 1003 C CE2 . TYR A 1 517 ? 0.654   -2.139  -4.190  1.00 35.57 ? 517 TYR A CE2 1 
ATOM 1004 C CZ  . TYR A 1 517 ? 0.887   -2.466  -5.506  1.00 35.65 ? 517 TYR A CZ  1 
ATOM 1005 O OH  . TYR A 1 517 ? 1.730   -3.498  -5.819  1.00 48.10 ? 517 TYR A OH  1 
ATOM 1006 N N   . ILE A 1 518 ? -2.322  3.772   -3.740  1.00 23.95 ? 518 ILE A N   1 
ATOM 1007 C CA  . ILE A 1 518 ? -2.971  5.035   -4.050  1.00 21.29 ? 518 ILE A CA  1 
ATOM 1008 C C   . ILE A 1 518 ? -1.965  6.171   -3.960  1.00 28.89 ? 518 ILE A C   1 
ATOM 1009 O O   . ILE A 1 518 ? -1.945  7.063   -4.804  1.00 41.50 ? 518 ILE A O   1 
ATOM 1010 C CB  . ILE A 1 518 ? -4.186  5.253   -3.133  1.00 13.47 ? 518 ILE A CB  1 
ATOM 1011 C CG1 . ILE A 1 518 ? -5.281  4.239   -3.485  1.00 15.85 ? 518 ILE A CG1 1 
ATOM 1012 C CG2 . ILE A 1 518 ? -4.715  6.667   -3.263  1.00 13.67 ? 518 ILE A CG2 1 
ATOM 1013 C CD1 . ILE A 1 518 ? -6.401  4.163   -2.497  1.00 17.72 ? 518 ILE A CD1 1 
ATOM 1014 N N   . VAL A 1 519 ? -1.074  6.124   -2.974  1.00 19.36 ? 519 VAL A N   1 
ATOM 1015 C CA  . VAL A 1 519 ? -0.157  7.245   -2.792  1.00 21.75 ? 519 VAL A CA  1 
ATOM 1016 C C   . VAL A 1 519 ? 0.921   7.242   -3.876  1.00 29.65 ? 519 VAL A C   1 
ATOM 1017 O O   . VAL A 1 519 ? 1.436   8.301   -4.261  1.00 33.78 ? 519 VAL A O   1 
ATOM 1018 C CB  . VAL A 1 519 ? 0.443   7.224   -1.373  1.00 26.14 ? 519 VAL A CB  1 
ATOM 1019 C CG1 . VAL A 1 519 ? 1.353   8.415   -1.168  1.00 23.52 ? 519 VAL A CG1 1 
ATOM 1020 C CG2 . VAL A 1 519 ? -0.664  7.204   -0.333  1.00 39.34 ? 519 VAL A CG2 1 
ATOM 1021 N N   . SER A 1 520 ? 1.280   6.063   -4.396  1.00 30.67 ? 520 SER A N   1 
ATOM 1022 C CA  . SER A 1 520 ? 2.169   6.044   -5.558  1.00 36.83 ? 520 SER A CA  1 
ATOM 1023 C C   . SER A 1 520 ? 1.478   6.601   -6.793  1.00 39.08 ? 520 SER A C   1 
ATOM 1024 O O   . SER A 1 520 ? 2.024   7.469   -7.499  1.00 42.79 ? 520 SER A O   1 
ATOM 1025 C CB  . SER A 1 520 ? 2.647   4.627   -5.852  1.00 33.31 ? 520 SER A CB  1 
ATOM 1026 O OG  . SER A 1 520 ? 3.306   4.604   -7.108  1.00 50.27 ? 520 SER A OG  1 
ATOM 1027 N N   . ASN A 1 521 ? 0.280   6.089   -7.083  1.00 32.52 ? 521 ASN A N   1 
ATOM 1028 C CA  . ASN A 1 521 ? -0.523  6.640   -8.156  1.00 35.44 ? 521 ASN A CA  1 
ATOM 1029 C C   . ASN A 1 521 ? -0.730  8.136   -7.983  1.00 43.60 ? 521 ASN A C   1 
ATOM 1030 O O   . ASN A 1 521 ? -0.911  8.832   -8.981  1.00 49.62 ? 521 ASN A O   1 
ATOM 1031 C CB  . ASN A 1 521 ? -1.874  5.928   -8.208  1.00 30.89 ? 521 ASN A CB  1 
ATOM 1032 C CG  . ASN A 1 521 ? -1.730  4.433   -8.427  1.00 42.26 ? 521 ASN A CG  1 
ATOM 1033 O OD1 . ASN A 1 521 ? -0.706  3.955   -8.916  1.00 42.93 ? 521 ASN A OD1 1 
ATOM 1034 N ND2 . ASN A 1 521 ? -2.749  3.688   -8.046  1.00 43.07 ? 521 ASN A ND2 1 
ATOM 1035 N N   . LEU A 1 522 ? -0.669  8.636   -6.741  1.00 38.28 ? 522 LEU A N   1 
ATOM 1036 C CA  . LEU A 1 522 ? -0.850  10.056  -6.471  1.00 35.54 ? 522 LEU A CA  1 
ATOM 1037 C C   . LEU A 1 522 ? 0.466   10.820  -6.539  1.00 39.60 ? 522 LEU A C   1 
ATOM 1038 O O   . LEU A 1 522 ? 0.459   12.056  -6.596  1.00 50.57 ? 522 LEU A O   1 
ATOM 1039 C CB  . LEU A 1 522 ? -1.523  10.269  -5.113  1.00 30.09 ? 522 LEU A CB  1 
ATOM 1040 C CG  . LEU A 1 522 ? -2.970  9.788   -4.870  1.00 31.63 ? 522 LEU A CG  1 
ATOM 1041 C CD1 . LEU A 1 522 ? -3.459  10.142  -3.457  1.00 20.68 ? 522 LEU A CD1 1 
ATOM 1042 C CD2 . LEU A 1 522 ? -3.960  10.230  -5.934  1.00 36.64 ? 522 LEU A CD2 1 
ATOM 1043 N N   . VAL A 1 523 ? 1.603   10.123  -6.523  1.00 30.99 ? 523 VAL A N   1 
ATOM 1044 C CA  . VAL A 1 523 ? 2.809   10.758  -7.035  1.00 32.27 ? 523 VAL A CA  1 
ATOM 1045 C C   . VAL A 1 523 ? 2.637   11.003  -8.524  1.00 34.30 ? 523 VAL A C   1 
ATOM 1046 O O   . VAL A 1 523 ? 2.911   12.101  -9.034  1.00 40.97 ? 523 VAL A O   1 
ATOM 1047 C CB  . VAL A 1 523 ? 4.056   9.900   -6.745  1.00 31.27 ? 523 VAL A CB  1 
ATOM 1048 C CG1 . VAL A 1 523 ? 5.275   10.588  -7.289  1.00 30.12 ? 523 VAL A CG1 1 
ATOM 1049 C CG2 . VAL A 1 523 ? 4.205   9.645   -5.266  1.00 27.39 ? 523 VAL A CG2 1 
ATOM 1050 N N   . THR A 1 524 ? 2.127   9.990   -9.236  1.00 30.87 ? 524 THR A N   1 
ATOM 1051 C CA  . THR A 1 524 ? 1.807   10.182  -10.649 1.00 36.62 ? 524 THR A CA  1 
ATOM 1052 C C   . THR A 1 524 ? 0.716   11.239  -10.823 1.00 45.77 ? 524 THR A C   1 
ATOM 1053 O O   . THR A 1 524 ? 0.608   11.862  -11.887 1.00 54.05 ? 524 THR A O   1 
ATOM 1054 C CB  . THR A 1 524 ? 1.387   8.850   -11.287 1.00 33.62 ? 524 THR A CB  1 
ATOM 1055 O OG1 . THR A 1 524 ? 2.435   7.880   -11.138 1.00 46.09 ? 524 THR A OG1 1 
ATOM 1056 C CG2 . THR A 1 524 ? 1.105   9.022   -12.773 1.00 35.27 ? 524 THR A CG2 1 
ATOM 1057 N N   . ILE A 1 525 ? -0.102  11.464  -9.794  1.00 35.12 ? 525 ILE A N   1 
ATOM 1058 C CA  . ILE A 1 525 ? -1.115  12.508  -9.893  1.00 32.77 ? 525 ILE A CA  1 
ATOM 1059 C C   . ILE A 1 525 ? -0.483  13.887  -9.741  1.00 46.49 ? 525 ILE A C   1 
ATOM 1060 O O   . ILE A 1 525 ? -0.713  14.782  -10.563 1.00 53.46 ? 525 ILE A O   1 
ATOM 1061 C CB  . ILE A 1 525 ? -2.239  12.277  -8.865  1.00 40.42 ? 525 ILE A CB  1 
ATOM 1062 C CG1 . ILE A 1 525 ? -2.950  10.963  -9.155  1.00 31.33 ? 525 ILE A CG1 1 
ATOM 1063 C CG2 . ILE A 1 525 ? -3.265  13.392  -8.908  1.00 52.54 ? 525 ILE A CG2 1 
ATOM 1064 C CD1 . ILE A 1 525 ? -3.596  10.904  -10.511 1.00 31.93 ? 525 ILE A CD1 1 
ATOM 1065 N N   . ILE A 1 526 ? 0.340   14.075  -8.707  1.00 59.47 ? 526 ILE A N   1 
ATOM 1066 C CA  . ILE A 1 526 ? 0.751   15.426  -8.326  1.00 64.27 ? 526 ILE A CA  1 
ATOM 1067 C C   . ILE A 1 526 ? 2.085   15.791  -8.981  1.00 56.49 ? 526 ILE A C   1 
ATOM 1068 O O   . ILE A 1 526 ? 2.673   16.843  -8.695  1.00 71.90 ? 526 ILE A O   1 
ATOM 1069 C CB  . ILE A 1 526 ? 0.788   15.544  -6.789  1.00 57.14 ? 526 ILE A CB  1 
ATOM 1070 C CG1 . ILE A 1 526 ? -0.491  14.955  -6.190  1.00 50.27 ? 526 ILE A CG1 1 
ATOM 1071 C CG2 . ILE A 1 526 ? 0.809   16.992  -6.359  1.00 34.84 ? 526 ILE A CG2 1 
ATOM 1072 C CD1 . ILE A 1 526 ? -1.750  15.658  -6.622  1.00 52.25 ? 526 ILE A CD1 1 
ATOM 1073 N N   . GLN A 1 527 ? 2.587   14.921  -9.871  1.00 41.00 ? 527 GLN A N   1 
ATOM 1074 C CA  . GLN A 1 527 ? 3.780   15.258  -10.651 1.00 43.88 ? 527 GLN A CA  1 
ATOM 1075 C C   . GLN A 1 527 ? 3.586   16.526  -11.481 1.00 61.48 ? 527 GLN A C   1 
ATOM 1076 O O   . GLN A 1 527 ? 4.532   17.290  -11.688 1.00 77.78 ? 527 GLN A O   1 
ATOM 1077 C CB  . GLN A 1 527 ? 4.156   14.124  -11.615 1.00 46.20 ? 527 GLN A CB  1 
ATOM 1078 C CG  . GLN A 1 527 ? 3.117   13.897  -12.730 1.00 53.21 ? 527 GLN A CG  1 
ATOM 1079 C CD  . GLN A 1 527 ? 3.641   13.105  -13.926 1.00 51.18 ? 527 GLN A CD  1 
ATOM 1080 O OE1 . GLN A 1 527 ? 4.656   12.416  -13.841 1.00 36.91 ? 527 GLN A OE1 1 
ATOM 1081 N NE2 . GLN A 1 527 ? 2.950   13.223  -15.054 1.00 52.29 ? 527 GLN A NE2 1 
ATOM 1082 N N   . GLN A 1 528 ? 2.367   16.762  -11.961 1.00 51.91 ? 528 GLN A N   1 
ATOM 1083 C CA  . GLN A 1 528 ? 2.166   17.497  -13.210 1.00 44.30 ? 528 GLN A CA  1 
ATOM 1084 C C   . GLN A 1 528 ? 2.009   19.007  -13.086 1.00 44.70 ? 528 GLN A C   1 
ATOM 1085 O O   . GLN A 1 528 ? 1.865   19.704  -14.098 1.00 35.89 ? 528 GLN A O   1 
ATOM 1086 C CB  . GLN A 1 528 ? 0.944   16.932  -13.922 1.00 46.74 ? 528 GLN A CB  1 
# 
